data_2WJN
#
_entry.id   2WJN
#
_cell.length_a   84.760
_cell.length_b   139.430
_cell.length_c   178.240
_cell.angle_alpha   90.00
_cell.angle_beta   90.00
_cell.angle_gamma   90.00
#
_symmetry.space_group_name_H-M   'P 21 21 2'
#
loop_
_entity.id
_entity.type
_entity.pdbx_description
1 polymer 'PHOTOSYNTHETIC REACTION CENTER CYTOCHROME C SUBUNIT'
2 polymer 'REACTION CENTER PROTEIN H CHAIN'
3 polymer 'REACTION CENTER PROTEIN L CHAIN'
4 polymer 'REACTION CENTER PROTEIN M CHAIN'
5 non-polymer 'HEME C'
6 non-polymer 'BACTERIOCHLOROPHYLL B'
7 non-polymer 'BACTERIOPHEOPHYTIN B'
8 non-polymer '[(Z)-octadec-9-enyl] (2R)-2,3-bis(oxidanyl)propanoate'
9 non-polymer 'FE (II) ION'
10 non-polymer MENAQUINONE-7
11 non-polymer 15-cis-1,2-dihydroneurosporene
12 water water
#
loop_
_entity_poly.entity_id
_entity_poly.type
_entity_poly.pdbx_seq_one_letter_code
_entity_poly.pdbx_strand_id
1 'polypeptide(L)'
;CFEPPPATTTQTGFRGLSMGEVLHPATVKAKKERDAQYPPALAAVKAEGPPVSQVYKNVKVLGNLTEAEFLRTMTAITEW
VSPQEGCTYCHDENNLASEAKYPYVVARRMLEMTRAINTNWTQHVAQTGVTCYTCHRGTPLPPYVRYLEPTLPLNNRETP
THVERVETRSGYVVRLAKYTAYSALNYDPFTMFLANDKRQVRVVPQTALPLVGVSRGKERRPLSDAYATFALMMSISDSL
GTNCTFCHNAQTFESWGKKSTPQRAIAWWGIRMVRDLNMNYLAPLNASLPASRLGRQGEAPQADCRTCHQGVTKPLFGAS
RLKDYPELGPIKAAAK
;
C
2 'polypeptide(L)'
;(FME)YHGALAQHLDIAQLVWYAQWLVIWTVVLLYLRREDRREGYPLVEPLGLVKLAPEDGQVYELPYPKTFVLPHGGTV
TVPRRRPETRELKLAQTDGFEGAPLQPTGNPLVDAVGPASYAERAEVVDATVDGKAKIVPLRVATDFSIAEGDVDPRGLP
VVAADGVEAGTVTDLWVDRSEHYFRYLELSVAGSARTALIPLGFCDVKKDKIVVTSILSEQFANVPRLQSRDQITLREED
KVSAYYAGGLLYATPERAESLL
;
H
3 'polypeptide(L)'
;MALLSFERKYRVRGGTLIGGDLFDFWVGPYFVGFFGVSAIFFIFLGVSLIGYAASQGPTWDPFAISINPPDLKYGLGAAP
LLEGGFWQAITVCALGAFISWMLREVEISRKLGIGWHVPLAFCVPIFMFCVLQVFRPLLLGSWGHAFPYGILSHLDWVNN
FGYQYLNWHYNPGHMSSVSFLFVNAMALGLHGGLILSVANPGDGDKVKTAEHENQYFRDVVGYSIGALSIHRLGLFLASN
IFLTGAFGTIASGPFWTRGWPEWWGWWLDIPFWS
;
L
4 'polypeptide(L)'
;MADYQTIYTQIQARGPHITVSGEWGDNDRVGKPFYSYWLGKIGDAQIGPIYLGASGIAAFAFGSTAILIILFNMAAEVHF
DPLQFFRQFFWLGLYPPKAQYGMGIPPLHDGGWWLMAGLFMTLSLGSWWIRVYSRARALGLGTHIAWNFAAAIFFVLCIG
CIHPTLVGSWSEGVPFGIWPHIDWLTAFSIRYGNFYYCPWHGFSIGFAYGCGLLFAAHGATILAVARFGGDREIEQITDR
GTAVERAALFWRWTIGFNATIESVHRWGWFFSLMVMVSASVGILLTGTFVDNWYLWCVKHGAAPDYPAYLPATPDPASLP
GAPK
;
M
#
loop_
_chem_comp.id
_chem_comp.type
_chem_comp.name
_chem_comp.formula
BCB non-polymer 'BACTERIOCHLOROPHYLL B' 'C55 H72 Mg N4 O6 2'
BPB non-polymer 'BACTERIOPHEOPHYTIN B' 'C55 H74 N4 O6'
FE2 non-polymer 'FE (II) ION' 'Fe 2'
HEC non-polymer 'HEME C' 'C34 H34 Fe N4 O4'
MPG non-polymer '[(Z)-octadec-9-enyl] (2R)-2,3-bis(oxidanyl)propanoate' 'C21 H40 O4'
MQ7 non-polymer MENAQUINONE-7 'C46 H64 O2'
NS5 non-polymer 15-cis-1,2-dihydroneurosporene 'C40 H60'
#
# COMPACT_ATOMS: atom_id res chain seq x y z
N CYS A 1 6.67 0.89 -23.21
CA CYS A 1 6.75 0.93 -21.70
C CYS A 1 5.45 1.40 -21.04
N PHE A 2 4.79 2.39 -21.64
CA PHE A 2 3.42 2.83 -21.28
C PHE A 2 2.55 2.85 -22.57
N GLU A 3 1.25 3.02 -22.38
CA GLU A 3 0.27 3.06 -23.47
C GLU A 3 -0.47 4.43 -23.48
N PRO A 4 -0.35 5.19 -24.59
CA PRO A 4 -0.91 6.54 -24.51
C PRO A 4 -2.45 6.56 -24.46
N PRO A 5 -3.02 7.50 -23.71
CA PRO A 5 -4.50 7.57 -23.67
C PRO A 5 -5.00 8.10 -25.03
N PRO A 6 -6.33 8.03 -25.30
CA PRO A 6 -7.41 7.53 -24.46
C PRO A 6 -7.47 6.01 -24.31
N ALA A 7 -8.08 5.58 -23.20
CA ALA A 7 -8.43 4.20 -22.98
C ALA A 7 -9.90 4.03 -23.29
N THR A 8 -10.27 2.91 -23.89
CA THR A 8 -11.69 2.53 -24.03
C THR A 8 -12.12 1.76 -22.82
N THR A 9 -13.16 2.26 -22.15
CA THR A 9 -13.65 1.54 -20.97
C THR A 9 -15.14 1.21 -21.10
N THR A 10 -15.52 0.06 -20.58
CA THR A 10 -16.92 -0.37 -20.54
C THR A 10 -17.36 -0.56 -19.08
N GLN A 11 -18.66 -0.73 -18.87
CA GLN A 11 -19.21 -0.98 -17.54
C GLN A 11 -19.90 -2.34 -17.56
N THR A 12 -19.50 -3.21 -16.64
CA THR A 12 -20.07 -4.55 -16.52
C THR A 12 -20.72 -4.80 -15.15
N GLY A 13 -20.71 -3.79 -14.27
CA GLY A 13 -21.34 -3.85 -12.95
C GLY A 13 -22.06 -2.61 -12.57
N PHE A 14 -22.78 -2.67 -11.46
CA PHE A 14 -23.45 -1.52 -10.90
C PHE A 14 -22.47 -0.33 -10.76
N ARG A 15 -22.94 0.88 -11.07
CA ARG A 15 -22.11 2.06 -10.96
C ARG A 15 -21.40 2.14 -9.60
N GLY A 16 -20.10 2.48 -9.60
CA GLY A 16 -19.35 2.64 -8.37
C GLY A 16 -18.58 1.40 -7.96
N LEU A 17 -18.63 0.34 -8.76
CA LEU A 17 -17.91 -0.93 -8.44
C LEU A 17 -16.64 -1.12 -9.22
N SER A 18 -16.34 -0.19 -10.11
CA SER A 18 -15.17 -0.32 -11.00
C SER A 18 -15.06 -1.64 -11.74
N MET A 19 -16.19 -2.08 -12.34
CA MET A 19 -16.24 -3.29 -13.14
C MET A 19 -16.38 -2.94 -14.60
N GLY A 20 -15.53 -3.52 -15.43
CA GLY A 20 -15.62 -3.33 -16.85
C GLY A 20 -14.34 -3.58 -17.61
N GLU A 21 -14.46 -3.52 -18.93
CA GLU A 21 -13.30 -3.65 -19.79
C GLU A 21 -12.46 -2.39 -19.82
N VAL A 22 -11.16 -2.58 -20.03
CA VAL A 22 -10.19 -1.51 -20.15
C VAL A 22 -9.34 -1.86 -21.37
N LEU A 23 -9.51 -1.12 -22.44
CA LEU A 23 -8.91 -1.46 -23.72
C LEU A 23 -8.09 -0.30 -24.32
N HIS A 24 -7.02 -0.68 -25.03
CA HIS A 24 -6.16 0.24 -25.81
C HIS A 24 -6.58 0.26 -27.28
N PRO A 25 -7.09 1.40 -27.76
CA PRO A 25 -7.65 1.38 -29.12
C PRO A 25 -6.76 0.82 -30.24
N ALA A 26 -5.46 1.12 -30.22
CA ALA A 26 -4.57 0.63 -31.28
C ALA A 26 -4.46 -0.88 -31.23
N THR A 27 -4.49 -1.45 -30.04
CA THR A 27 -4.49 -2.92 -29.87
C THR A 27 -5.75 -3.57 -30.42
N VAL A 28 -6.90 -2.98 -30.10
CA VAL A 28 -8.17 -3.48 -30.63
C VAL A 28 -8.22 -3.42 -32.17
N LYS A 29 -7.73 -2.32 -32.72
CA LYS A 29 -7.72 -2.11 -34.17
C LYS A 29 -6.85 -3.15 -34.89
N ALA A 30 -5.67 -3.43 -34.34
CA ALA A 30 -4.77 -4.40 -34.92
C ALA A 30 -5.36 -5.81 -34.88
N LYS A 31 -5.99 -6.19 -33.78
CA LYS A 31 -6.63 -7.52 -33.72
C LYS A 31 -7.83 -7.60 -34.68
N LYS A 32 -8.54 -6.49 -34.85
CA LYS A 32 -9.68 -6.47 -35.78
C LYS A 32 -9.24 -6.65 -37.25
N GLU A 33 -8.14 -6.01 -37.60
CA GLU A 33 -7.52 -6.16 -38.93
C GLU A 33 -7.05 -7.59 -39.18
N ARG A 34 -6.41 -8.21 -38.19
CA ARG A 34 -5.98 -9.60 -38.30
C ARG A 34 -7.19 -10.51 -38.47
N ASP A 35 -8.24 -10.25 -37.69
CA ASP A 35 -9.38 -11.17 -37.69
C ASP A 35 -10.22 -11.04 -38.97
N ALA A 36 -10.17 -9.86 -39.57
CA ALA A 36 -10.86 -9.54 -40.81
C ALA A 36 -10.32 -10.25 -42.04
N GLN A 37 -9.19 -10.96 -41.93
CA GLN A 37 -8.65 -11.78 -42.99
C GLN A 37 -9.48 -13.03 -43.23
N TYR A 38 -10.44 -13.31 -42.34
CA TYR A 38 -11.34 -14.44 -42.48
C TYR A 38 -11.93 -14.44 -43.86
N PRO A 39 -11.61 -15.47 -44.68
CA PRO A 39 -12.16 -15.48 -46.05
C PRO A 39 -13.67 -15.45 -46.08
N PRO A 40 -14.24 -14.78 -47.07
CA PRO A 40 -15.70 -14.78 -47.08
C PRO A 40 -16.29 -16.13 -47.47
N ALA A 41 -17.56 -16.35 -47.12
CA ALA A 41 -18.26 -17.57 -47.55
C ALA A 41 -18.19 -17.73 -49.06
N LEU A 42 -18.02 -18.97 -49.51
CA LEU A 42 -18.10 -19.26 -50.94
C LEU A 42 -19.55 -19.09 -51.43
N ALA A 43 -19.70 -18.80 -52.73
CA ALA A 43 -21.01 -18.76 -53.36
C ALA A 43 -21.84 -20.03 -53.11
N ALA A 44 -23.14 -19.85 -52.86
CA ALA A 44 -24.07 -20.97 -52.75
C ALA A 44 -24.15 -21.73 -54.05
N VAL A 45 -24.42 -23.03 -53.97
CA VAL A 45 -24.43 -23.88 -55.15
C VAL A 45 -25.64 -24.82 -55.13
N LYS A 46 -25.73 -25.65 -56.17
CA LYS A 46 -26.84 -26.54 -56.47
C LYS A 46 -27.15 -27.51 -55.37
N ALA A 47 -28.38 -27.45 -54.91
CA ALA A 47 -28.86 -28.25 -53.80
C ALA A 47 -29.44 -29.58 -54.26
N GLU A 48 -29.62 -29.76 -55.57
CA GLU A 48 -30.26 -30.97 -56.10
C GLU A 48 -29.25 -31.85 -56.84
N GLY A 49 -29.60 -33.15 -56.94
CA GLY A 49 -28.75 -34.23 -57.55
C GLY A 49 -28.52 -35.29 -56.47
N PRO A 50 -27.88 -36.42 -56.81
CA PRO A 50 -27.62 -37.46 -55.82
C PRO A 50 -26.67 -37.05 -54.73
N PRO A 51 -26.74 -37.75 -53.57
CA PRO A 51 -25.78 -37.55 -52.47
C PRO A 51 -24.43 -38.17 -52.77
N VAL A 52 -23.36 -37.55 -52.32
CA VAL A 52 -22.01 -38.06 -52.57
C VAL A 52 -21.72 -39.40 -51.90
N SER A 53 -22.58 -39.81 -50.95
CA SER A 53 -22.61 -41.20 -50.47
C SER A 53 -22.78 -42.16 -51.63
N GLN A 54 -23.49 -41.70 -52.66
CA GLN A 54 -23.65 -42.46 -53.89
C GLN A 54 -22.60 -42.13 -54.93
N VAL A 55 -22.19 -40.87 -55.02
CA VAL A 55 -21.29 -40.46 -56.10
C VAL A 55 -19.82 -40.86 -55.85
N TYR A 56 -19.32 -40.66 -54.63
CA TYR A 56 -17.89 -40.88 -54.34
C TYR A 56 -17.70 -42.18 -53.55
N LYS A 57 -16.44 -42.53 -53.32
CA LYS A 57 -16.05 -43.83 -52.82
C LYS A 57 -15.94 -43.88 -51.29
N ASN A 58 -15.37 -42.84 -50.71
CA ASN A 58 -14.92 -42.89 -49.33
C ASN A 58 -15.39 -41.68 -48.54
N VAL A 59 -16.66 -41.32 -48.65
CA VAL A 59 -17.18 -40.18 -47.92
C VAL A 59 -17.97 -40.71 -46.72
N LYS A 60 -17.44 -40.50 -45.51
CA LYS A 60 -18.05 -41.08 -44.30
C LYS A 60 -18.75 -40.10 -43.41
N VAL A 61 -18.45 -38.81 -43.51
CA VAL A 61 -19.09 -37.78 -42.68
C VAL A 61 -20.06 -36.90 -43.49
N LEU A 62 -19.66 -36.53 -44.71
CA LEU A 62 -20.41 -35.54 -45.48
C LEU A 62 -21.28 -36.21 -46.57
N GLY A 63 -21.68 -37.47 -46.35
CA GLY A 63 -22.32 -38.25 -47.39
C GLY A 63 -23.65 -37.73 -47.91
N ASN A 64 -24.33 -36.87 -47.14
CA ASN A 64 -25.67 -36.39 -47.54
C ASN A 64 -25.66 -35.14 -48.42
N LEU A 65 -24.48 -34.55 -48.61
CA LEU A 65 -24.37 -33.38 -49.47
C LEU A 65 -24.42 -33.80 -50.93
N THR A 66 -24.99 -32.94 -51.78
CA THR A 66 -24.82 -33.06 -53.23
C THR A 66 -23.36 -32.84 -53.65
N GLU A 67 -23.04 -33.25 -54.88
CA GLU A 67 -21.67 -33.10 -55.36
C GLU A 67 -21.20 -31.64 -55.34
N ALA A 68 -22.02 -30.71 -55.84
CA ALA A 68 -21.64 -29.31 -55.81
C ALA A 68 -21.44 -28.81 -54.36
N GLU A 69 -22.32 -29.23 -53.44
CA GLU A 69 -22.18 -28.83 -52.05
C GLU A 69 -20.91 -29.39 -51.44
N PHE A 70 -20.57 -30.63 -51.78
CA PHE A 70 -19.43 -31.33 -51.17
C PHE A 70 -18.11 -30.72 -51.66
N LEU A 71 -18.03 -30.47 -52.97
CA LEU A 71 -16.82 -29.81 -53.52
C LEU A 71 -16.64 -28.36 -52.99
N ARG A 72 -17.74 -27.65 -52.75
CA ARG A 72 -17.72 -26.36 -52.05
C ARG A 72 -17.10 -26.49 -50.65
N THR A 73 -17.48 -27.52 -49.88
CA THR A 73 -16.88 -27.76 -48.57
C THR A 73 -15.37 -28.01 -48.71
N MET A 74 -14.99 -28.87 -49.65
CA MET A 74 -13.57 -29.12 -49.90
C MET A 74 -12.79 -27.86 -50.26
N THR A 75 -13.37 -27.00 -51.13
CA THR A 75 -12.75 -25.72 -51.47
C THR A 75 -12.54 -24.86 -50.20
N ALA A 76 -13.57 -24.82 -49.37
CA ALA A 76 -13.55 -23.99 -48.16
C ALA A 76 -12.50 -24.47 -47.17
N ILE A 77 -12.51 -25.76 -46.90
CA ILE A 77 -11.52 -26.41 -46.01
C ILE A 77 -10.09 -26.11 -46.47
N THR A 78 -9.87 -26.23 -47.75
CA THR A 78 -8.57 -25.90 -48.33
C THR A 78 -8.13 -24.45 -48.03
N GLU A 79 -8.98 -23.48 -48.27
CA GLU A 79 -8.64 -22.08 -47.97
C GLU A 79 -8.38 -21.87 -46.48
N TRP A 80 -9.15 -22.54 -45.63
CA TRP A 80 -9.04 -22.35 -44.19
C TRP A 80 -7.84 -23.01 -43.54
N VAL A 81 -7.43 -24.17 -44.08
CA VAL A 81 -6.42 -25.07 -43.45
C VAL A 81 -5.09 -25.17 -44.24
N SER A 82 -5.14 -25.30 -45.55
CA SER A 82 -3.93 -25.60 -46.34
C SER A 82 -3.92 -24.85 -47.65
N PRO A 83 -4.16 -23.51 -47.58
CA PRO A 83 -4.25 -22.73 -48.80
C PRO A 83 -2.94 -22.71 -49.62
N GLN A 84 -1.79 -22.76 -48.95
CA GLN A 84 -0.52 -22.68 -49.67
C GLN A 84 -0.24 -23.98 -50.41
N GLU A 85 -0.69 -25.11 -49.91
CA GLU A 85 -0.42 -26.37 -50.58
C GLU A 85 -1.61 -26.92 -51.40
N GLY A 86 -2.81 -26.50 -51.06
CA GLY A 86 -3.99 -26.87 -51.87
C GLY A 86 -4.52 -28.25 -51.55
N CYS A 87 -5.27 -28.83 -52.50
CA CYS A 87 -5.94 -30.11 -52.25
C CYS A 87 -5.02 -31.23 -51.83
N THR A 88 -3.80 -31.23 -52.38
CA THR A 88 -2.85 -32.31 -52.17
C THR A 88 -2.19 -32.27 -50.80
N TYR A 89 -2.52 -31.30 -49.95
CA TYR A 89 -2.08 -31.39 -48.55
C TYR A 89 -2.63 -32.67 -47.91
N CYS A 90 -3.89 -33.00 -48.23
CA CYS A 90 -4.56 -34.16 -47.66
C CYS A 90 -4.73 -35.31 -48.63
N HIS A 91 -4.80 -35.01 -49.93
CA HIS A 91 -5.14 -35.99 -50.95
C HIS A 91 -3.90 -36.45 -51.76
N ASP A 92 -3.86 -37.75 -52.06
CA ASP A 92 -3.06 -38.28 -53.15
C ASP A 92 -3.63 -37.68 -54.45
N GLU A 93 -2.81 -36.90 -55.13
CA GLU A 93 -3.26 -36.21 -56.32
C GLU A 93 -3.79 -37.15 -57.42
N ASN A 94 -3.40 -38.42 -57.43
CA ASN A 94 -3.93 -39.37 -58.40
C ASN A 94 -5.07 -40.25 -57.94
N ASN A 95 -5.51 -40.06 -56.70
CA ASN A 95 -6.58 -40.87 -56.15
C ASN A 95 -7.18 -40.22 -54.94
N LEU A 96 -8.30 -39.50 -55.15
CA LEU A 96 -8.87 -38.69 -54.06
C LEU A 96 -9.61 -39.50 -52.98
N ALA A 97 -9.89 -40.77 -53.25
CA ALA A 97 -10.45 -41.69 -52.26
C ALA A 97 -9.37 -42.22 -51.30
N SER A 98 -8.10 -42.03 -51.63
CA SER A 98 -7.01 -42.59 -50.81
C SER A 98 -6.84 -41.86 -49.48
N GLU A 99 -6.70 -42.64 -48.40
CA GLU A 99 -6.42 -42.12 -47.06
C GLU A 99 -4.95 -42.20 -46.66
N ALA A 100 -4.05 -42.34 -47.61
CA ALA A 100 -2.61 -42.56 -47.35
C ALA A 100 -1.87 -41.37 -46.66
N LYS A 101 -2.36 -40.14 -46.80
CA LYS A 101 -1.68 -39.01 -46.18
C LYS A 101 -2.29 -38.73 -44.81
N TYR A 102 -1.46 -38.55 -43.78
CA TYR A 102 -1.99 -38.44 -42.42
C TYR A 102 -2.97 -37.30 -42.29
N PRO A 103 -2.76 -36.18 -43.02
CA PRO A 103 -3.78 -35.12 -42.84
C PRO A 103 -5.20 -35.47 -43.23
N TYR A 104 -5.40 -36.43 -44.13
CA TYR A 104 -6.72 -36.82 -44.55
C TYR A 104 -7.49 -37.41 -43.36
N VAL A 105 -6.87 -38.37 -42.69
CA VAL A 105 -7.51 -39.03 -41.55
C VAL A 105 -7.76 -38.04 -40.39
N VAL A 106 -6.80 -37.15 -40.13
CA VAL A 106 -7.00 -36.08 -39.15
C VAL A 106 -8.16 -35.15 -39.51
N ALA A 107 -8.19 -34.73 -40.77
CA ALA A 107 -9.29 -33.85 -41.25
C ALA A 107 -10.69 -34.48 -41.11
N ARG A 108 -10.82 -35.79 -41.35
CA ARG A 108 -12.11 -36.47 -41.12
C ARG A 108 -12.52 -36.35 -39.68
N ARG A 109 -11.61 -36.65 -38.75
CA ARG A 109 -11.90 -36.44 -37.32
C ARG A 109 -12.24 -34.97 -36.98
N MET A 110 -11.56 -34.03 -37.62
CA MET A 110 -11.81 -32.63 -37.45
C MET A 110 -13.17 -32.17 -37.94
N LEU A 111 -13.64 -32.76 -39.04
CA LEU A 111 -15.01 -32.54 -39.51
C LEU A 111 -16.00 -32.96 -38.44
N GLU A 112 -15.76 -34.11 -37.82
CA GLU A 112 -16.62 -34.63 -36.76
C GLU A 112 -16.55 -33.72 -35.51
N MET A 113 -15.35 -33.27 -35.17
CA MET A 113 -15.16 -32.37 -34.04
C MET A 113 -15.87 -31.04 -34.25
N THR A 114 -15.71 -30.48 -35.43
CA THR A 114 -16.35 -29.20 -35.77
C THR A 114 -17.87 -29.35 -35.71
N ARG A 115 -18.40 -30.41 -36.30
CA ARG A 115 -19.85 -30.64 -36.24
C ARG A 115 -20.32 -30.78 -34.77
N ALA A 116 -19.53 -31.49 -33.96
CA ALA A 116 -19.82 -31.65 -32.50
C ALA A 116 -19.82 -30.34 -31.72
N ILE A 117 -18.89 -29.43 -32.02
CA ILE A 117 -18.85 -28.13 -31.37
C ILE A 117 -20.13 -27.39 -31.73
N ASN A 118 -20.49 -27.41 -33.01
CA ASN A 118 -21.60 -26.55 -33.45
C ASN A 118 -22.99 -27.17 -33.13
N THR A 119 -22.99 -28.46 -32.85
CA THR A 119 -24.22 -29.20 -32.55
C THR A 119 -24.39 -29.36 -31.03
N ASN A 120 -23.34 -29.81 -30.34
CA ASN A 120 -23.43 -30.24 -28.93
C ASN A 120 -23.00 -29.19 -27.90
N TRP A 121 -22.34 -28.12 -28.37
CA TRP A 121 -21.79 -27.10 -27.49
C TRP A 121 -22.30 -25.72 -27.83
N THR A 122 -23.58 -25.63 -28.26
CA THR A 122 -24.25 -24.33 -28.48
C THR A 122 -24.34 -23.50 -27.19
N GLN A 123 -24.21 -24.13 -26.02
CA GLN A 123 -24.18 -23.36 -24.77
C GLN A 123 -22.95 -22.49 -24.72
N HIS A 124 -21.95 -22.83 -25.52
CA HIS A 124 -20.79 -21.99 -25.63
C HIS A 124 -20.77 -21.15 -26.90
N VAL A 125 -20.82 -21.83 -28.05
CA VAL A 125 -20.62 -21.16 -29.36
C VAL A 125 -21.88 -20.53 -29.92
N ALA A 126 -23.03 -20.80 -29.27
CA ALA A 126 -24.30 -20.25 -29.69
C ALA A 126 -24.57 -20.44 -31.21
N GLN A 127 -25.13 -19.43 -31.89
CA GLN A 127 -25.30 -19.49 -33.33
C GLN A 127 -24.16 -18.78 -34.08
N THR A 128 -23.08 -18.44 -33.38
CA THR A 128 -21.89 -17.93 -34.07
C THR A 128 -21.15 -19.14 -34.65
N GLY A 129 -20.90 -20.13 -33.81
CA GLY A 129 -20.22 -21.36 -34.25
C GLY A 129 -18.75 -21.18 -34.58
N VAL A 130 -18.13 -22.28 -35.01
CA VAL A 130 -16.76 -22.29 -35.44
C VAL A 130 -16.67 -22.92 -36.82
N THR A 131 -15.64 -22.54 -37.55
CA THR A 131 -15.19 -23.28 -38.74
C THR A 131 -13.75 -23.71 -38.49
N CYS A 132 -13.17 -24.40 -39.48
CA CYS A 132 -11.76 -24.74 -39.43
C CYS A 132 -10.90 -23.50 -39.22
N TYR A 133 -11.31 -22.37 -39.81
CA TYR A 133 -10.53 -21.17 -39.78
C TYR A 133 -10.38 -20.63 -38.35
N THR A 134 -11.42 -20.80 -37.55
CA THR A 134 -11.44 -20.24 -36.20
C THR A 134 -10.14 -20.57 -35.45
N CYS A 135 -9.74 -21.83 -35.54
CA CYS A 135 -8.46 -22.31 -35.05
C CYS A 135 -7.26 -22.23 -35.96
N HIS A 136 -7.40 -22.74 -37.19
CA HIS A 136 -6.29 -22.87 -38.14
C HIS A 136 -5.77 -21.58 -38.69
N ARG A 137 -6.64 -20.61 -38.93
CA ARG A 137 -6.23 -19.31 -39.49
C ARG A 137 -5.34 -19.42 -40.71
N GLY A 138 -5.65 -20.34 -41.59
CA GLY A 138 -4.91 -20.49 -42.83
C GLY A 138 -3.69 -21.38 -42.86
N THR A 139 -3.40 -22.08 -41.78
CA THR A 139 -2.24 -22.98 -41.73
C THR A 139 -2.59 -24.36 -41.17
N PRO A 140 -1.92 -25.39 -41.64
CA PRO A 140 -2.17 -26.72 -41.09
C PRO A 140 -2.01 -26.84 -39.57
N LEU A 141 -0.94 -26.26 -39.03
CA LEU A 141 -0.80 -26.20 -37.58
C LEU A 141 -1.50 -24.92 -37.08
N PRO A 142 -2.47 -25.06 -36.17
CA PRO A 142 -3.06 -23.83 -35.63
C PRO A 142 -2.00 -22.99 -34.89
N PRO A 143 -2.06 -21.64 -34.96
CA PRO A 143 -0.99 -20.85 -34.31
C PRO A 143 -0.91 -20.94 -32.77
N TYR A 144 -2.02 -21.29 -32.11
CA TYR A 144 -2.07 -21.33 -30.64
C TYR A 144 -2.53 -22.70 -30.14
N VAL A 145 -1.56 -23.55 -29.79
CA VAL A 145 -1.82 -24.89 -29.25
C VAL A 145 -1.06 -25.11 -27.95
N ARG A 146 -1.41 -26.15 -27.20
CA ARG A 146 -0.71 -26.45 -25.96
C ARG A 146 -0.25 -27.92 -25.94
N TYR A 147 0.90 -28.09 -25.32
CA TYR A 147 1.49 -29.41 -25.03
C TYR A 147 1.30 -29.68 -23.54
N LEU A 148 1.85 -30.80 -23.05
CA LEU A 148 1.71 -31.15 -21.66
C LEU A 148 2.78 -30.47 -20.79
N GLU A 149 3.56 -29.59 -21.40
CA GLU A 149 4.43 -28.65 -20.69
C GLU A 149 4.30 -27.31 -21.40
N PRO A 150 4.51 -26.22 -20.68
CA PRO A 150 4.38 -24.90 -21.32
C PRO A 150 5.43 -24.66 -22.39
N THR A 151 5.03 -23.95 -23.44
CA THR A 151 5.86 -23.72 -24.57
C THR A 151 5.82 -22.28 -24.95
N LEU A 152 6.92 -21.81 -25.52
CA LEU A 152 7.03 -20.44 -26.06
C LEU A 152 7.69 -20.47 -27.42
N PRO A 153 7.35 -19.51 -28.32
CA PRO A 153 6.35 -18.49 -28.14
C PRO A 153 4.94 -19.07 -28.08
N LEU A 154 3.97 -18.30 -27.58
CA LEU A 154 2.56 -18.73 -27.54
C LEU A 154 2.09 -18.98 -28.99
N ASN A 155 2.53 -18.12 -29.89
CA ASN A 155 2.22 -18.21 -31.32
C ASN A 155 3.35 -18.94 -32.03
N ASN A 156 3.07 -20.15 -32.48
CA ASN A 156 4.12 -21.05 -32.98
C ASN A 156 4.62 -20.66 -34.37
N ARG A 157 4.04 -19.63 -34.99
CA ARG A 157 4.60 -19.08 -36.22
C ARG A 157 5.83 -18.22 -35.97
N GLU A 158 6.04 -17.82 -34.72
CA GLU A 158 7.21 -17.03 -34.32
C GLU A 158 8.39 -17.95 -34.01
N THR A 159 9.60 -17.49 -34.31
CA THR A 159 10.77 -18.31 -34.06
C THR A 159 11.11 -18.21 -32.57
N PRO A 160 11.35 -19.36 -31.90
CA PRO A 160 11.77 -19.26 -30.52
C PRO A 160 13.24 -18.90 -30.35
N THR A 161 13.56 -18.24 -29.24
CA THR A 161 14.92 -18.05 -28.82
C THR A 161 15.39 -19.38 -28.23
N HIS A 162 16.69 -19.50 -28.00
CA HIS A 162 17.26 -20.67 -27.35
C HIS A 162 16.62 -20.93 -25.97
N VAL A 163 16.45 -19.88 -25.18
CA VAL A 163 15.92 -20.01 -23.80
C VAL A 163 14.42 -20.31 -23.82
N GLU A 164 13.73 -19.95 -24.89
CA GLU A 164 12.34 -20.28 -25.04
C GLU A 164 12.07 -21.74 -25.36
N ARG A 165 13.02 -22.39 -26.04
CA ARG A 165 12.87 -23.78 -26.40
C ARG A 165 12.69 -24.68 -25.19
N VAL A 166 11.82 -25.66 -25.32
CA VAL A 166 11.37 -26.45 -24.19
C VAL A 166 12.50 -27.27 -23.59
N GLU A 167 13.52 -27.57 -24.39
CA GLU A 167 14.68 -28.34 -23.93
C GLU A 167 15.62 -27.49 -23.09
N THR A 168 15.45 -26.18 -23.11
CA THR A 168 16.31 -25.31 -22.28
C THR A 168 15.67 -25.16 -20.92
N ARG A 169 16.17 -25.93 -19.97
CA ARG A 169 15.63 -25.95 -18.61
C ARG A 169 15.59 -24.60 -17.91
N SER A 170 16.58 -23.74 -18.14
CA SER A 170 16.67 -22.42 -17.47
C SER A 170 15.51 -21.50 -17.82
N GLY A 171 14.79 -21.81 -18.89
CA GLY A 171 13.73 -20.96 -19.37
C GLY A 171 12.34 -21.31 -18.85
N TYR A 172 12.24 -22.37 -18.06
CA TYR A 172 10.92 -22.88 -17.57
C TYR A 172 10.05 -21.86 -16.89
N VAL A 173 10.61 -21.09 -15.96
CA VAL A 173 9.80 -20.19 -15.18
C VAL A 173 9.22 -19.11 -16.10
N VAL A 174 9.95 -18.74 -17.16
CA VAL A 174 9.40 -17.73 -18.12
C VAL A 174 8.31 -18.34 -19.02
N ARG A 175 8.47 -19.59 -19.39
CA ARG A 175 7.44 -20.30 -20.10
C ARG A 175 6.16 -20.39 -19.33
N LEU A 176 6.26 -20.61 -18.05
CA LEU A 176 5.08 -20.63 -17.20
C LEU A 176 4.49 -19.24 -17.07
N ALA A 177 5.34 -18.25 -16.80
CA ALA A 177 4.86 -16.89 -16.55
C ALA A 177 4.12 -16.31 -17.75
N LYS A 178 4.66 -16.56 -18.94
CA LYS A 178 4.05 -15.98 -20.13
C LYS A 178 2.74 -16.64 -20.51
N TYR A 179 2.43 -17.74 -19.86
CA TYR A 179 1.09 -18.36 -19.98
C TYR A 179 0.12 -17.94 -18.88
N THR A 180 0.57 -17.24 -17.84
CA THR A 180 -0.30 -16.77 -16.77
C THR A 180 -0.20 -15.25 -16.64
N ALA A 181 -0.18 -14.59 -17.79
CA ALA A 181 -0.15 -13.14 -17.90
C ALA A 181 0.99 -12.46 -17.09
N TYR A 182 2.15 -13.12 -17.10
CA TYR A 182 3.42 -12.66 -16.54
C TYR A 182 3.55 -12.83 -15.00
N SER A 183 2.60 -13.52 -14.39
CA SER A 183 2.61 -13.77 -12.94
C SER A 183 3.68 -14.82 -12.66
N ALA A 184 4.11 -14.89 -11.42
CA ALA A 184 5.03 -15.95 -10.92
C ALA A 184 4.30 -17.21 -10.41
N LEU A 185 3.02 -17.36 -10.69
CA LEU A 185 2.27 -18.55 -10.18
C LEU A 185 2.89 -19.81 -10.70
N ASN A 186 3.24 -20.69 -9.78
CA ASN A 186 4.07 -21.83 -10.18
C ASN A 186 3.26 -23.07 -10.64
N TYR A 187 2.30 -22.82 -11.48
CA TYR A 187 1.32 -23.82 -11.95
C TYR A 187 1.05 -23.70 -13.42
N ASP A 188 0.97 -24.82 -14.10
CA ASP A 188 0.49 -24.86 -15.48
C ASP A 188 -1.02 -25.16 -15.54
N PRO A 189 -1.87 -24.13 -15.77
CA PRO A 189 -3.29 -24.38 -15.68
C PRO A 189 -3.86 -25.15 -16.89
N PHE A 190 -3.13 -25.22 -18.01
CA PHE A 190 -3.59 -26.05 -19.10
C PHE A 190 -3.63 -27.51 -18.68
N THR A 191 -2.49 -28.05 -18.30
CA THR A 191 -2.48 -29.44 -17.92
C THR A 191 -3.33 -29.74 -16.68
N MET A 192 -3.40 -28.81 -15.72
CA MET A 192 -4.21 -29.05 -14.54
C MET A 192 -5.74 -29.05 -14.76
N PHE A 193 -6.23 -28.13 -15.58
CA PHE A 193 -7.65 -27.88 -15.70
C PHE A 193 -8.29 -28.05 -17.06
N LEU A 194 -7.54 -27.91 -18.15
CA LEU A 194 -8.12 -27.95 -19.50
C LEU A 194 -7.87 -29.21 -20.36
N ALA A 195 -6.81 -29.97 -20.05
CA ALA A 195 -6.51 -31.22 -20.78
C ALA A 195 -7.56 -32.29 -20.45
N ASN A 196 -8.16 -32.19 -19.26
CA ASN A 196 -9.14 -33.19 -18.84
C ASN A 196 -10.01 -32.70 -17.69
N ASP A 197 -10.85 -33.57 -17.16
CA ASP A 197 -11.84 -33.17 -16.19
C ASP A 197 -11.50 -33.62 -14.77
N LYS A 198 -10.23 -33.86 -14.52
CA LYS A 198 -9.82 -34.44 -13.26
C LYS A 198 -9.86 -33.50 -12.07
N ARG A 199 -9.78 -32.20 -12.28
CA ARG A 199 -9.70 -31.25 -11.17
C ARG A 199 -10.87 -30.29 -11.12
N GLN A 200 -11.14 -29.80 -9.91
CA GLN A 200 -12.12 -28.81 -9.61
C GLN A 200 -11.48 -27.43 -9.59
N VAL A 201 -11.98 -26.54 -10.45
CA VAL A 201 -11.53 -25.15 -10.45
C VAL A 201 -11.92 -24.40 -9.14
N ARG A 202 -13.08 -24.72 -8.59
CA ARG A 202 -13.59 -24.01 -7.43
C ARG A 202 -12.84 -24.41 -6.19
N VAL A 203 -12.49 -23.39 -5.37
CA VAL A 203 -11.69 -23.59 -4.16
C VAL A 203 -12.26 -22.89 -2.92
N VAL A 204 -13.26 -22.04 -3.12
CA VAL A 204 -13.77 -21.21 -2.04
C VAL A 204 -14.98 -21.86 -1.34
N PRO A 205 -15.02 -21.88 0.00
CA PRO A 205 -16.16 -22.42 0.74
C PRO A 205 -17.47 -21.69 0.43
N GLN A 206 -18.57 -22.43 0.44
CA GLN A 206 -19.91 -21.82 0.28
C GLN A 206 -20.65 -21.73 1.59
N THR A 207 -19.92 -21.78 2.70
CA THR A 207 -20.44 -21.44 4.01
C THR A 207 -19.56 -20.44 4.73
N ALA A 208 -20.15 -19.67 5.65
CA ALA A 208 -19.36 -18.76 6.51
C ALA A 208 -18.32 -19.47 7.38
N LEU A 209 -18.76 -20.55 8.03
CA LEU A 209 -17.93 -21.28 8.99
C LEU A 209 -17.35 -22.56 8.40
N PRO A 210 -16.20 -23.01 8.94
CA PRO A 210 -15.65 -24.26 8.40
C PRO A 210 -16.43 -25.52 8.79
N LEU A 211 -16.81 -26.32 7.79
CA LEU A 211 -17.54 -27.56 8.02
C LEU A 211 -16.66 -28.60 8.69
N VAL A 212 -17.12 -29.15 9.79
CA VAL A 212 -16.40 -30.19 10.51
C VAL A 212 -16.34 -31.44 9.62
N GLY A 213 -15.14 -32.01 9.49
CA GLY A 213 -14.87 -33.15 8.63
C GLY A 213 -14.21 -32.87 7.31
N VAL A 214 -14.18 -31.62 6.84
CA VAL A 214 -13.47 -31.26 5.62
C VAL A 214 -12.42 -30.19 5.88
N SER A 215 -12.20 -29.81 7.13
CA SER A 215 -11.50 -28.54 7.40
C SER A 215 -10.20 -28.69 8.20
N ARG A 216 -9.74 -29.92 8.43
CA ARG A 216 -8.57 -30.12 9.27
C ARG A 216 -7.65 -31.17 8.66
N GLY A 217 -6.36 -30.85 8.61
CA GLY A 217 -5.34 -31.81 8.22
C GLY A 217 -5.52 -32.34 6.81
N LYS A 218 -5.38 -33.65 6.65
CA LYS A 218 -5.49 -34.23 5.33
C LYS A 218 -6.93 -34.32 4.77
N GLU A 219 -7.92 -33.89 5.54
CA GLU A 219 -9.25 -33.68 5.02
C GLU A 219 -9.25 -32.58 4.03
N ARG A 220 -8.29 -31.65 4.13
CA ARG A 220 -8.34 -30.40 3.40
C ARG A 220 -7.65 -30.46 2.03
N ARG A 221 -8.15 -29.69 1.09
CA ARG A 221 -7.40 -29.43 -0.13
C ARG A 221 -6.22 -28.53 0.24
N PRO A 222 -5.06 -28.73 -0.41
CA PRO A 222 -3.87 -27.90 -0.13
C PRO A 222 -4.13 -26.50 -0.68
N LEU A 223 -3.48 -25.49 -0.12
CA LEU A 223 -3.68 -24.11 -0.57
C LEU A 223 -3.18 -23.91 -2.01
N SER A 224 -2.26 -24.76 -2.43
CA SER A 224 -1.83 -24.81 -3.85
C SER A 224 -2.97 -24.79 -4.86
N ASP A 225 -4.12 -25.40 -4.52
CA ASP A 225 -5.25 -25.41 -5.42
C ASP A 225 -5.74 -24.00 -5.73
N ALA A 226 -5.68 -23.14 -4.73
CA ALA A 226 -6.12 -21.74 -4.88
C ALA A 226 -5.13 -20.95 -5.76
N TYR A 227 -3.85 -21.19 -5.61
CA TYR A 227 -2.90 -20.55 -6.53
C TYR A 227 -3.15 -21.03 -7.97
N ALA A 228 -3.42 -22.34 -8.13
CA ALA A 228 -3.61 -22.93 -9.48
C ALA A 228 -4.84 -22.37 -10.16
N THR A 229 -5.92 -22.25 -9.40
CA THR A 229 -7.11 -21.58 -9.89
C THR A 229 -6.85 -20.13 -10.30
N PHE A 230 -6.11 -19.34 -9.49
CA PHE A 230 -5.71 -17.99 -9.88
C PHE A 230 -4.90 -18.04 -11.19
N ALA A 231 -4.00 -19.00 -11.35
CA ALA A 231 -3.24 -19.11 -12.62
C ALA A 231 -4.13 -19.36 -13.83
N LEU A 232 -5.16 -20.18 -13.66
CA LEU A 232 -6.08 -20.49 -14.74
C LEU A 232 -6.81 -19.21 -15.10
N MET A 233 -7.24 -18.49 -14.08
CA MET A 233 -7.97 -17.22 -14.34
C MET A 233 -7.14 -16.13 -15.02
N MET A 234 -5.88 -16.02 -14.61
CA MET A 234 -4.92 -15.13 -15.28
C MET A 234 -4.77 -15.53 -16.77
N SER A 235 -4.59 -16.81 -17.02
CA SER A 235 -4.49 -17.34 -18.38
C SER A 235 -5.74 -17.13 -19.22
N ILE A 236 -6.92 -17.42 -18.64
CA ILE A 236 -8.18 -17.11 -19.34
C ILE A 236 -8.37 -15.63 -19.64
N SER A 237 -8.06 -14.76 -18.66
CA SER A 237 -8.16 -13.32 -18.87
C SER A 237 -7.28 -12.86 -20.06
N ASP A 238 -6.06 -13.33 -20.09
CA ASP A 238 -5.14 -12.90 -21.13
C ASP A 238 -5.55 -13.51 -22.50
N SER A 239 -6.03 -14.74 -22.49
CA SER A 239 -6.52 -15.44 -23.69
C SER A 239 -7.65 -14.73 -24.40
N LEU A 240 -8.51 -14.03 -23.62
CA LEU A 240 -9.64 -13.28 -24.14
C LEU A 240 -9.41 -11.85 -24.25
N GLY A 241 -8.23 -11.39 -23.90
CA GLY A 241 -7.91 -9.97 -23.91
C GLY A 241 -8.77 -9.20 -22.91
N THR A 242 -8.94 -9.74 -21.72
CA THR A 242 -9.89 -9.12 -20.76
C THR A 242 -9.37 -9.23 -19.31
N ASN A 243 -10.21 -8.84 -18.36
CA ASN A 243 -9.87 -8.79 -16.93
C ASN A 243 -10.97 -9.49 -16.14
N CYS A 244 -10.73 -9.72 -14.84
CA CYS A 244 -11.61 -10.48 -13.99
C CYS A 244 -13.00 -10.00 -13.96
N THR A 245 -13.15 -8.67 -14.07
CA THR A 245 -14.48 -8.00 -13.97
C THR A 245 -15.40 -8.17 -15.18
N PHE A 246 -14.89 -8.76 -16.26
CA PHE A 246 -15.72 -9.15 -17.37
C PHE A 246 -16.72 -10.21 -16.93
N CYS A 247 -16.27 -11.05 -15.97
CA CYS A 247 -17.02 -12.21 -15.47
C CYS A 247 -17.48 -12.16 -14.01
N HIS A 248 -16.71 -11.51 -13.17
CA HIS A 248 -16.94 -11.50 -11.73
C HIS A 248 -17.04 -10.11 -11.14
N ASN A 249 -17.89 -10.00 -10.12
CA ASN A 249 -17.75 -8.97 -9.08
C ASN A 249 -16.82 -9.50 -8.01
N ALA A 250 -15.61 -8.93 -7.94
CA ALA A 250 -14.56 -9.38 -7.01
C ALA A 250 -14.92 -9.34 -5.55
N GLN A 251 -15.98 -8.65 -5.21
CA GLN A 251 -16.60 -8.77 -3.87
C GLN A 251 -16.75 -10.21 -3.44
N THR A 252 -17.21 -11.05 -4.36
CA THR A 252 -17.32 -12.48 -4.12
C THR A 252 -17.16 -13.29 -5.44
N PHE A 253 -15.91 -13.71 -5.72
CA PHE A 253 -15.62 -14.51 -6.93
C PHE A 253 -16.44 -15.80 -6.97
N GLU A 254 -16.73 -16.36 -5.80
CA GLU A 254 -17.44 -17.61 -5.71
C GLU A 254 -18.94 -17.55 -5.88
N SER A 255 -19.52 -16.35 -5.99
CA SER A 255 -20.97 -16.19 -6.09
C SER A 255 -21.45 -15.96 -7.52
N TRP A 256 -22.59 -16.58 -7.83
CA TRP A 256 -23.28 -16.42 -9.06
C TRP A 256 -24.39 -15.41 -8.86
N GLY A 257 -25.49 -15.48 -9.61
CA GLY A 257 -26.55 -14.47 -9.51
C GLY A 257 -26.11 -13.08 -9.92
N LYS A 258 -26.41 -12.09 -9.09
CA LYS A 258 -25.97 -10.72 -9.41
C LYS A 258 -24.49 -10.50 -9.32
N LYS A 259 -23.73 -11.46 -8.79
CA LYS A 259 -22.33 -11.29 -8.56
C LYS A 259 -21.48 -11.81 -9.74
N SER A 260 -22.15 -12.42 -10.71
CA SER A 260 -21.47 -12.87 -11.95
C SER A 260 -22.19 -12.32 -13.18
N THR A 261 -21.44 -12.13 -14.27
CA THR A 261 -22.02 -11.66 -15.52
C THR A 261 -22.45 -12.87 -16.35
N PRO A 262 -23.31 -12.65 -17.34
CA PRO A 262 -23.69 -13.74 -18.28
C PRO A 262 -22.47 -14.41 -18.96
N GLN A 263 -21.42 -13.63 -19.19
CA GLN A 263 -20.22 -14.09 -19.83
C GLN A 263 -19.55 -15.11 -18.93
N ARG A 264 -19.67 -15.00 -17.60
CA ARG A 264 -19.06 -16.05 -16.77
C ARG A 264 -19.67 -17.46 -16.98
N ALA A 265 -20.98 -17.53 -17.12
CA ALA A 265 -21.67 -18.80 -17.41
C ALA A 265 -21.23 -19.35 -18.79
N ILE A 266 -21.09 -18.46 -19.76
CA ILE A 266 -20.54 -18.89 -21.09
C ILE A 266 -19.14 -19.48 -20.93
N ALA A 267 -18.28 -18.80 -20.16
CA ALA A 267 -16.94 -19.29 -19.86
C ALA A 267 -16.97 -20.65 -19.23
N TRP A 268 -17.88 -20.88 -18.29
CA TRP A 268 -17.99 -22.19 -17.64
C TRP A 268 -18.25 -23.30 -18.68
N TRP A 269 -19.16 -23.04 -19.61
CA TRP A 269 -19.45 -23.98 -20.69
C TRP A 269 -18.23 -24.16 -21.60
N GLY A 270 -17.42 -23.11 -21.72
CA GLY A 270 -16.19 -23.15 -22.52
C GLY A 270 -15.18 -24.10 -21.94
N ILE A 271 -15.06 -24.10 -20.62
CA ILE A 271 -14.17 -25.09 -19.94
C ILE A 271 -14.60 -26.53 -20.24
N ARG A 272 -15.90 -26.80 -20.10
CA ARG A 272 -16.43 -28.11 -20.41
C ARG A 272 -16.22 -28.52 -21.87
N MET A 273 -16.49 -27.58 -22.77
CA MET A 273 -16.26 -27.83 -24.21
C MET A 273 -14.81 -28.16 -24.51
N VAL A 274 -13.87 -27.39 -23.97
CA VAL A 274 -12.45 -27.57 -24.26
C VAL A 274 -12.00 -28.95 -23.73
N ARG A 275 -12.49 -29.32 -22.56
CA ARG A 275 -12.16 -30.65 -21.98
C ARG A 275 -12.64 -31.77 -22.88
N ASP A 276 -13.82 -31.59 -23.47
CA ASP A 276 -14.39 -32.63 -24.37
C ASP A 276 -13.56 -32.70 -25.66
N LEU A 277 -13.27 -31.54 -26.25
CA LEU A 277 -12.38 -31.47 -27.46
C LEU A 277 -11.06 -32.20 -27.20
N ASN A 278 -10.40 -31.86 -26.11
CA ASN A 278 -9.13 -32.45 -25.78
C ASN A 278 -9.17 -33.95 -25.45
N MET A 279 -10.07 -34.36 -24.55
CA MET A 279 -10.10 -35.77 -24.16
C MET A 279 -10.54 -36.67 -25.30
N ASN A 280 -11.49 -36.20 -26.10
CA ASN A 280 -12.24 -37.10 -26.99
C ASN A 280 -11.92 -36.95 -28.45
N TYR A 281 -11.38 -35.80 -28.84
CA TYR A 281 -11.04 -35.51 -30.26
C TYR A 281 -9.53 -35.26 -30.50
N LEU A 282 -8.92 -34.39 -29.72
CA LEU A 282 -7.52 -33.95 -29.96
C LEU A 282 -6.46 -34.87 -29.37
N ALA A 283 -6.52 -35.20 -28.08
CA ALA A 283 -5.51 -36.11 -27.51
C ALA A 283 -5.36 -37.48 -28.24
N PRO A 284 -6.48 -38.15 -28.62
CA PRO A 284 -6.37 -39.38 -29.37
C PRO A 284 -5.70 -39.31 -30.72
N LEU A 285 -5.55 -38.11 -31.29
CA LEU A 285 -4.84 -37.95 -32.56
C LEU A 285 -3.35 -38.23 -32.53
N ASN A 286 -2.75 -38.39 -31.34
CA ASN A 286 -1.34 -38.80 -31.28
C ASN A 286 -1.06 -40.08 -32.04
N ALA A 287 -2.04 -40.98 -32.09
CA ALA A 287 -1.96 -42.19 -32.89
C ALA A 287 -1.92 -41.98 -34.41
N SER A 288 -2.39 -40.82 -34.89
CA SER A 288 -2.50 -40.53 -36.32
C SER A 288 -1.50 -39.52 -36.88
N LEU A 289 -0.82 -38.80 -36.02
CA LEU A 289 0.12 -37.77 -36.40
C LEU A 289 1.54 -38.30 -36.47
N PRO A 290 2.41 -37.67 -37.28
CA PRO A 290 3.79 -38.05 -37.25
C PRO A 290 4.49 -37.61 -35.95
N ALA A 291 5.56 -38.32 -35.64
CA ALA A 291 6.36 -38.06 -34.48
C ALA A 291 6.73 -36.58 -34.36
N SER A 292 7.01 -35.94 -35.49
CA SER A 292 7.40 -34.52 -35.50
C SER A 292 6.34 -33.56 -34.97
N ARG A 293 5.09 -33.98 -34.93
CA ARG A 293 4.00 -33.15 -34.41
C ARG A 293 3.80 -33.31 -32.91
N LEU A 294 4.43 -34.33 -32.31
CA LEU A 294 4.11 -34.69 -30.95
C LEU A 294 5.04 -33.95 -29.99
N GLY A 295 4.57 -33.72 -28.77
CA GLY A 295 5.40 -33.14 -27.72
C GLY A 295 6.31 -34.20 -27.14
N ARG A 296 7.06 -33.81 -26.12
CA ARG A 296 8.12 -34.66 -25.57
C ARG A 296 7.59 -35.90 -24.82
N GLN A 297 6.35 -35.87 -24.38
CA GLN A 297 5.69 -37.04 -23.81
C GLN A 297 4.79 -37.82 -24.79
N GLY A 298 4.97 -37.58 -26.10
CA GLY A 298 4.21 -38.26 -27.13
C GLY A 298 2.80 -37.73 -27.34
N GLU A 299 2.50 -36.57 -26.76
CA GLU A 299 1.16 -35.99 -26.80
C GLU A 299 0.93 -35.23 -28.11
N ALA A 300 -0.29 -35.28 -28.62
CA ALA A 300 -0.69 -34.38 -29.71
C ALA A 300 -0.94 -32.99 -29.17
N PRO A 301 -0.73 -31.95 -30.01
CA PRO A 301 -1.14 -30.61 -29.61
C PRO A 301 -2.62 -30.51 -29.30
N GLN A 302 -2.96 -29.73 -28.26
CA GLN A 302 -4.33 -29.58 -27.79
C GLN A 302 -4.73 -28.12 -27.73
N ALA A 303 -6.01 -27.92 -27.44
CA ALA A 303 -6.64 -26.60 -27.46
C ALA A 303 -6.83 -26.04 -26.04
N ASP A 304 -6.73 -24.72 -25.94
CA ASP A 304 -7.11 -23.92 -24.78
C ASP A 304 -8.02 -22.80 -25.30
N CYS A 305 -8.33 -21.83 -24.44
CA CYS A 305 -9.21 -20.72 -24.83
C CYS A 305 -8.60 -19.91 -25.97
N ARG A 306 -7.27 -19.71 -25.93
CA ARG A 306 -6.62 -18.86 -26.91
C ARG A 306 -6.67 -19.46 -28.33
N THR A 307 -6.65 -20.79 -28.42
CA THR A 307 -6.76 -21.50 -29.70
C THR A 307 -7.79 -20.91 -30.64
N CYS A 308 -9.00 -20.67 -30.14
CA CYS A 308 -10.01 -19.88 -30.87
C CYS A 308 -10.01 -18.38 -30.65
N HIS A 309 -9.90 -17.95 -29.39
CA HIS A 309 -10.16 -16.57 -29.04
C HIS A 309 -9.05 -15.63 -29.48
N GLN A 310 -7.81 -16.07 -29.38
CA GLN A 310 -6.64 -15.31 -29.86
C GLN A 310 -6.70 -13.85 -29.34
N GLY A 311 -6.96 -13.68 -28.04
CA GLY A 311 -6.91 -12.37 -27.45
C GLY A 311 -8.12 -11.48 -27.56
N VAL A 312 -9.29 -12.05 -27.91
CA VAL A 312 -10.54 -11.33 -28.13
C VAL A 312 -11.65 -12.07 -27.36
N THR A 313 -12.59 -11.32 -26.77
CA THR A 313 -13.66 -11.90 -25.93
C THR A 313 -14.61 -12.80 -26.71
N LYS A 314 -14.75 -12.54 -28.00
CA LYS A 314 -15.40 -13.43 -28.96
C LYS A 314 -14.37 -13.74 -30.07
N PRO A 315 -14.21 -15.03 -30.44
CA PRO A 315 -13.27 -15.26 -31.55
C PRO A 315 -13.66 -14.46 -32.77
N LEU A 316 -12.67 -13.84 -33.41
CA LEU A 316 -12.90 -13.09 -34.65
C LEU A 316 -13.97 -12.02 -34.49
N PHE A 317 -14.06 -11.47 -33.28
CA PHE A 317 -15.10 -10.45 -32.96
C PHE A 317 -16.54 -10.89 -33.24
N GLY A 318 -16.80 -12.19 -33.16
CA GLY A 318 -18.14 -12.67 -33.42
C GLY A 318 -18.51 -12.97 -34.86
N ALA A 319 -17.54 -12.90 -35.78
CA ALA A 319 -17.79 -13.31 -37.17
C ALA A 319 -18.29 -14.74 -37.22
N SER A 320 -19.15 -15.03 -38.18
CA SER A 320 -19.80 -16.32 -38.29
C SER A 320 -19.88 -16.81 -39.75
N ARG A 321 -19.86 -18.13 -39.94
CA ARG A 321 -20.18 -18.71 -41.26
C ARG A 321 -21.22 -19.82 -41.12
N LEU A 322 -21.91 -19.83 -40.00
CA LEU A 322 -22.75 -20.96 -39.62
C LEU A 322 -23.81 -21.27 -40.68
N LYS A 323 -24.52 -20.24 -41.12
CA LYS A 323 -25.58 -20.41 -42.10
C LYS A 323 -25.05 -20.67 -43.48
N ASP A 324 -23.77 -20.34 -43.71
CA ASP A 324 -23.09 -20.54 -44.99
C ASP A 324 -22.64 -21.97 -45.23
N TYR A 325 -22.36 -22.66 -44.14
CA TYR A 325 -21.84 -24.03 -44.13
C TYR A 325 -22.64 -24.88 -43.13
N PRO A 326 -23.91 -25.17 -43.45
CA PRO A 326 -24.78 -25.99 -42.56
C PRO A 326 -24.23 -27.41 -42.27
N GLU A 327 -23.37 -27.89 -43.17
CA GLU A 327 -22.69 -29.17 -43.01
C GLU A 327 -21.65 -29.23 -41.89
N LEU A 328 -21.26 -28.09 -41.34
CA LEU A 328 -20.44 -28.06 -40.16
C LEU A 328 -21.25 -27.97 -38.88
N GLY A 329 -22.58 -28.01 -38.97
CA GLY A 329 -23.42 -28.04 -37.77
C GLY A 329 -24.19 -26.77 -37.66
N PRO A 330 -25.24 -26.77 -36.85
CA PRO A 330 -25.73 -27.91 -36.05
C PRO A 330 -26.39 -28.95 -36.93
N ILE A 331 -26.10 -30.21 -36.64
CA ILE A 331 -26.61 -31.35 -37.40
C ILE A 331 -27.88 -31.83 -36.69
N LYS A 332 -28.97 -31.96 -37.45
CA LYS A 332 -30.28 -32.50 -37.02
C LYS A 332 -30.27 -33.98 -37.27
N FME B 1 -21.87 -30.25 11.52
CN FME B 1 -23.05 -29.98 10.79
O1 FME B 1 -23.35 -28.81 10.57
CA FME B 1 -21.51 -29.19 12.44
CB FME B 1 -20.96 -29.79 13.74
CG FME B 1 -22.02 -29.98 14.80
SD FME B 1 -21.54 -31.40 15.76
CE FME B 1 -19.79 -31.24 16.01
C FME B 1 -20.44 -28.30 11.83
O FME B 1 -19.79 -28.67 10.86
N TYR B 2 -20.27 -27.13 12.42
CA TYR B 2 -19.27 -26.13 12.03
C TYR B 2 -18.31 -25.78 13.15
N HIS B 3 -17.02 -25.69 12.82
CA HIS B 3 -16.01 -25.13 13.69
C HIS B 3 -16.38 -23.67 13.95
N GLY B 4 -16.35 -23.27 15.21
CA GLY B 4 -16.58 -21.85 15.59
C GLY B 4 -18.03 -21.56 16.01
N ALA B 5 -18.94 -22.50 15.77
CA ALA B 5 -20.39 -22.28 15.95
C ALA B 5 -20.71 -22.42 17.45
N LEU B 6 -21.51 -21.49 17.99
CA LEU B 6 -21.94 -21.54 19.40
C LEU B 6 -23.46 -21.55 19.46
N ALA B 7 -24.01 -21.66 20.67
CA ALA B 7 -25.48 -21.69 20.80
C ALA B 7 -26.04 -20.41 20.17
N GLN B 8 -27.26 -20.45 19.65
CA GLN B 8 -27.83 -19.28 18.92
C GLN B 8 -27.21 -19.21 17.51
N HIS B 9 -27.42 -18.10 16.81
CA HIS B 9 -26.67 -17.86 15.58
C HIS B 9 -25.32 -17.21 15.92
N LEU B 10 -24.83 -17.43 17.16
CA LEU B 10 -23.52 -16.91 17.62
C LEU B 10 -22.35 -17.74 17.13
N ASP B 11 -21.22 -17.09 16.93
CA ASP B 11 -20.03 -17.83 16.61
C ASP B 11 -18.83 -17.16 17.23
N ILE B 12 -17.72 -17.89 17.35
CA ILE B 12 -16.53 -17.36 18.02
C ILE B 12 -15.96 -16.03 17.48
N ALA B 13 -15.74 -15.90 16.16
CA ALA B 13 -15.26 -14.64 15.59
C ALA B 13 -16.17 -13.45 15.96
N GLN B 14 -17.48 -13.70 16.00
CA GLN B 14 -18.48 -12.71 16.40
C GLN B 14 -18.16 -12.20 17.82
N LEU B 15 -17.87 -13.10 18.74
CA LEU B 15 -17.59 -12.70 20.15
C LEU B 15 -16.24 -11.99 20.26
N VAL B 16 -15.27 -12.44 19.48
CA VAL B 16 -13.98 -11.79 19.45
C VAL B 16 -14.06 -10.32 18.93
N TRP B 17 -14.97 -10.06 18.00
CA TRP B 17 -15.18 -8.72 17.45
C TRP B 17 -15.58 -7.71 18.55
N TYR B 18 -16.52 -8.12 19.39
CA TYR B 18 -16.93 -7.29 20.53
C TYR B 18 -15.82 -7.06 21.49
N ALA B 19 -15.08 -8.11 21.78
CA ALA B 19 -13.91 -8.03 22.63
C ALA B 19 -12.84 -7.07 22.14
N GLN B 20 -12.47 -7.17 20.86
CA GLN B 20 -11.50 -6.30 20.24
C GLN B 20 -11.89 -4.82 20.37
N TRP B 21 -13.15 -4.50 20.08
CA TRP B 21 -13.60 -3.13 20.22
C TRP B 21 -13.57 -2.67 21.68
N LEU B 22 -13.95 -3.57 22.61
CA LEU B 22 -13.89 -3.23 24.05
C LEU B 22 -12.46 -2.90 24.51
N VAL B 23 -11.50 -3.72 24.11
CA VAL B 23 -10.10 -3.47 24.39
C VAL B 23 -9.64 -2.13 23.83
N ILE B 24 -9.92 -1.87 22.57
CA ILE B 24 -9.49 -0.62 21.94
C ILE B 24 -10.08 0.59 22.67
N TRP B 25 -11.39 0.56 22.93
CA TRP B 25 -12.02 1.71 23.62
C TRP B 25 -11.55 1.92 25.06
N THR B 26 -11.25 0.82 25.73
CA THR B 26 -10.64 0.86 27.06
C THR B 26 -9.22 1.48 27.05
N VAL B 27 -8.37 0.99 26.16
CA VAL B 27 -7.04 1.56 26.02
C VAL B 27 -7.14 3.03 25.65
N VAL B 28 -7.93 3.39 24.65
CA VAL B 28 -8.00 4.81 24.26
C VAL B 28 -8.55 5.72 25.39
N LEU B 29 -9.73 5.38 25.91
CA LEU B 29 -10.42 6.28 26.83
C LEU B 29 -9.92 6.21 28.25
N LEU B 30 -9.50 5.02 28.70
CA LEU B 30 -9.12 4.84 30.12
C LEU B 30 -7.59 4.90 30.32
N TYR B 31 -6.81 4.83 29.25
CA TYR B 31 -5.37 4.89 29.38
C TYR B 31 -4.79 6.03 28.60
N LEU B 32 -4.87 6.02 27.29
CA LEU B 32 -4.21 7.06 26.48
C LEU B 32 -4.75 8.46 26.74
N ARG B 33 -6.07 8.57 26.85
CA ARG B 33 -6.66 9.89 27.10
C ARG B 33 -6.35 10.39 28.51
N ARG B 34 -6.02 9.48 29.43
CA ARG B 34 -5.57 9.91 30.76
C ARG B 34 -4.14 10.38 30.73
N GLU B 35 -3.32 9.69 29.92
CA GLU B 35 -1.90 10.09 29.76
C GLU B 35 -1.81 11.46 29.12
N ASP B 36 -2.75 11.74 28.22
CA ASP B 36 -2.83 13.03 27.56
C ASP B 36 -3.07 14.22 28.52
N ARG B 37 -3.57 13.93 29.73
CA ARG B 37 -3.90 14.98 30.70
C ARG B 37 -2.81 15.24 31.77
N ARG B 38 -1.60 14.74 31.56
CA ARG B 38 -0.52 14.99 32.52
C ARG B 38 0.12 16.36 32.41
N GLU B 39 -0.32 17.17 31.42
CA GLU B 39 0.10 18.57 31.30
C GLU B 39 -1.14 19.41 31.03
N GLY B 40 -1.17 20.61 31.62
CA GLY B 40 -2.23 21.56 31.37
C GLY B 40 -3.48 21.47 32.24
N TYR B 41 -3.51 20.55 33.19
CA TYR B 41 -4.61 20.35 34.12
C TYR B 41 -4.19 20.69 35.53
N PRO B 42 -5.17 21.13 36.34
CA PRO B 42 -6.59 21.30 36.02
C PRO B 42 -6.81 22.49 35.06
N LEU B 43 -7.89 22.40 34.28
CA LEU B 43 -8.24 23.42 33.32
C LEU B 43 -8.66 24.71 34.00
N VAL B 44 -8.58 25.81 33.25
CA VAL B 44 -8.90 27.12 33.78
C VAL B 44 -10.05 27.79 33.03
N GLU B 45 -10.75 28.67 33.74
CA GLU B 45 -11.77 29.58 33.18
C GLU B 45 -13.04 28.79 32.86
N GLU B 61 -11.12 11.33 36.39
CA GLU B 61 -10.62 11.25 35.02
C GLU B 61 -9.17 11.73 34.91
N LEU B 62 -8.63 12.35 35.98
CA LEU B 62 -7.21 12.80 35.98
C LEU B 62 -6.33 11.76 36.64
N PRO B 63 -5.17 11.46 36.02
CA PRO B 63 -4.31 10.41 36.54
C PRO B 63 -3.59 10.87 37.81
N TYR B 64 -3.09 9.90 38.58
CA TYR B 64 -2.27 10.15 39.77
C TYR B 64 -0.97 10.72 39.25
N PRO B 65 -0.41 11.74 39.92
CA PRO B 65 0.80 12.40 39.42
C PRO B 65 1.94 11.43 39.08
N LYS B 66 2.72 11.81 38.08
CA LYS B 66 3.85 11.00 37.61
C LYS B 66 5.16 11.64 38.04
N THR B 67 6.05 10.85 38.65
CA THR B 67 7.36 11.33 39.11
C THR B 67 8.47 10.70 38.27
N PHE B 68 9.39 11.54 37.81
CA PHE B 68 10.57 11.11 37.07
C PHE B 68 11.83 11.29 37.95
N VAL B 69 12.71 10.28 37.94
CA VAL B 69 14.01 10.39 38.61
C VAL B 69 15.00 10.94 37.56
N LEU B 70 15.57 12.10 37.83
CA LEU B 70 16.34 12.84 36.82
C LEU B 70 17.73 12.26 36.64
N PRO B 71 18.31 12.40 35.44
CA PRO B 71 19.64 11.85 35.16
C PRO B 71 20.76 12.30 36.11
N HIS B 72 20.69 13.52 36.61
CA HIS B 72 21.79 14.04 37.41
C HIS B 72 21.47 14.36 38.86
N GLY B 73 20.47 13.69 39.42
CA GLY B 73 20.07 13.89 40.78
C GLY B 73 18.75 14.62 40.83
N GLY B 74 17.99 14.35 41.87
CA GLY B 74 16.70 14.99 42.05
C GLY B 74 15.61 14.28 41.25
N THR B 75 14.38 14.72 41.50
CA THR B 75 13.20 14.23 40.80
C THR B 75 12.35 15.43 40.31
N VAL B 76 11.39 15.14 39.46
CA VAL B 76 10.36 16.07 39.09
C VAL B 76 9.00 15.32 39.04
N THR B 77 7.95 16.00 39.44
CA THR B 77 6.60 15.45 39.35
C THR B 77 5.80 16.32 38.38
N VAL B 78 5.14 15.69 37.40
CA VAL B 78 4.38 16.48 36.42
C VAL B 78 2.87 16.34 36.62
N PRO B 79 2.11 17.38 36.33
CA PRO B 79 2.50 18.68 35.83
C PRO B 79 3.22 19.56 36.86
N ARG B 80 4.15 20.39 36.37
CA ARG B 80 4.86 21.36 37.22
C ARG B 80 3.86 22.30 37.92
N ARG B 81 4.05 22.52 39.22
CA ARG B 81 3.39 23.62 39.93
C ARG B 81 4.53 24.59 40.26
N ARG B 82 4.40 25.85 39.89
CA ARG B 82 5.49 26.82 40.09
C ARG B 82 5.21 27.65 41.31
N PRO B 83 6.24 27.86 42.17
CA PRO B 83 6.01 28.67 43.37
C PRO B 83 5.71 30.14 43.08
N GLU B 84 5.93 30.57 41.84
CA GLU B 84 5.70 31.97 41.42
C GLU B 84 4.72 32.02 40.23
N THR B 85 4.26 33.25 39.91
CA THR B 85 3.30 33.45 38.83
C THR B 85 3.61 34.74 38.01
N ARG B 86 3.64 34.59 36.68
CA ARG B 86 3.96 35.70 35.76
C ARG B 86 2.72 36.52 35.43
N GLU B 87 2.92 37.83 35.24
CA GLU B 87 1.83 38.75 34.89
C GLU B 87 1.72 38.87 33.38
N LEU B 88 0.50 38.78 32.86
CA LEU B 88 0.29 38.79 31.41
C LEU B 88 -0.22 40.13 30.96
N LYS B 89 0.57 40.77 30.12
CA LYS B 89 0.24 42.07 29.59
C LYS B 89 -0.68 41.96 28.39
N LEU B 90 -1.91 41.50 28.67
CA LEU B 90 -2.95 41.19 27.68
C LEU B 90 -4.27 41.81 28.13
N ALA B 91 -5.02 42.40 27.20
CA ALA B 91 -6.34 42.94 27.47
C ALA B 91 -7.34 42.19 26.60
N GLN B 92 -8.52 41.91 27.14
CA GLN B 92 -9.57 41.33 26.34
C GLN B 92 -10.04 42.33 25.28
N THR B 93 -10.34 41.82 24.08
CA THR B 93 -10.80 42.65 22.96
C THR B 93 -12.31 42.90 23.03
N ASP B 94 -13.02 41.96 23.64
CA ASP B 94 -14.46 42.05 23.92
C ASP B 94 -14.83 41.05 25.02
N GLY B 95 -16.12 40.96 25.36
CA GLY B 95 -16.52 40.18 26.53
C GLY B 95 -17.02 38.75 26.31
N PHE B 96 -17.01 38.23 25.08
CA PHE B 96 -17.40 36.84 24.84
C PHE B 96 -16.32 35.94 25.44
N GLU B 97 -16.75 34.81 26.00
CA GLU B 97 -15.85 33.77 26.56
C GLU B 97 -14.58 33.44 25.78
N GLY B 98 -14.71 33.48 24.46
CA GLY B 98 -13.71 32.98 23.53
C GLY B 98 -13.19 34.05 22.60
N ALA B 99 -13.41 35.32 22.94
CA ALA B 99 -12.77 36.44 22.27
C ALA B 99 -11.27 36.38 22.46
N PRO B 100 -10.50 36.84 21.47
CA PRO B 100 -9.07 36.89 21.56
C PRO B 100 -8.62 38.02 22.47
N LEU B 101 -7.40 37.90 23.00
CA LEU B 101 -6.81 38.92 23.84
C LEU B 101 -5.85 39.73 23.01
N GLN B 102 -5.49 40.90 23.53
CA GLN B 102 -4.66 41.87 22.81
C GLN B 102 -3.50 42.36 23.71
N PRO B 103 -2.26 42.51 23.17
CA PRO B 103 -1.15 43.09 23.96
C PRO B 103 -1.47 44.47 24.50
N THR B 104 -1.04 44.76 25.73
CA THR B 104 -1.18 46.09 26.34
C THR B 104 0.14 46.86 26.35
N GLY B 105 1.23 46.21 25.96
CA GLY B 105 2.53 46.86 25.79
C GLY B 105 3.22 46.39 24.53
N ASN B 106 4.55 46.27 24.60
CA ASN B 106 5.35 45.71 23.54
C ASN B 106 5.31 44.18 23.74
N PRO B 107 4.61 43.43 22.85
CA PRO B 107 4.44 41.98 23.06
C PRO B 107 5.71 41.16 23.04
N LEU B 108 6.72 41.65 22.33
CA LEU B 108 8.00 40.99 22.25
C LEU B 108 8.68 41.01 23.62
N VAL B 109 8.74 42.21 24.21
CA VAL B 109 9.38 42.36 25.52
C VAL B 109 8.49 41.76 26.63
N ASP B 110 7.18 41.96 26.54
CA ASP B 110 6.23 41.41 27.50
C ASP B 110 6.00 39.89 27.38
N ALA B 111 6.46 39.29 26.29
CA ALA B 111 6.38 37.85 26.04
C ALA B 111 4.97 37.30 26.14
N VAL B 112 4.10 37.75 25.25
CA VAL B 112 2.73 37.27 25.18
C VAL B 112 2.42 36.81 23.76
N GLY B 113 1.33 36.07 23.59
CA GLY B 113 1.00 35.56 22.25
C GLY B 113 2.12 34.67 21.73
N PRO B 114 2.46 34.77 20.43
CA PRO B 114 3.54 33.97 19.95
C PRO B 114 4.93 34.37 20.47
N ALA B 115 5.02 35.42 21.28
CA ALA B 115 6.27 35.80 21.95
C ALA B 115 6.38 35.17 23.37
N SER B 116 5.45 34.27 23.71
CA SER B 116 5.30 33.72 25.07
C SER B 116 6.35 32.64 25.23
N TYR B 117 6.93 32.52 26.44
CA TYR B 117 7.81 31.38 26.79
C TYR B 117 7.23 30.62 27.96
N ALA B 118 7.72 29.41 28.20
CA ALA B 118 7.30 28.58 29.32
C ALA B 118 8.29 28.80 30.48
N GLU B 119 7.78 28.61 31.69
CA GLU B 119 8.55 28.76 32.92
C GLU B 119 9.41 27.53 33.17
N ARG B 120 10.31 27.22 32.23
CA ARG B 120 11.16 26.05 32.39
C ARG B 120 12.14 26.29 33.52
N ALA B 121 12.79 25.23 33.95
CA ALA B 121 13.76 25.32 35.02
C ALA B 121 14.88 26.32 34.67
N GLU B 122 15.31 27.07 35.68
CA GLU B 122 16.47 27.92 35.51
C GLU B 122 17.75 27.12 35.78
N VAL B 123 17.94 26.07 34.99
CA VAL B 123 19.10 25.21 35.09
C VAL B 123 19.65 24.98 33.71
N VAL B 124 20.96 24.87 33.64
CA VAL B 124 21.66 24.57 32.39
C VAL B 124 21.42 23.09 32.01
N ASP B 125 20.95 22.84 30.81
CA ASP B 125 20.79 21.48 30.28
C ASP B 125 22.17 20.82 30.26
N ALA B 126 22.23 19.55 30.68
CA ALA B 126 23.48 18.82 30.85
C ALA B 126 23.69 17.74 29.80
N THR B 127 24.98 17.42 29.59
CA THR B 127 25.36 16.27 28.82
C THR B 127 25.28 15.03 29.73
N VAL B 128 25.43 13.85 29.14
CA VAL B 128 25.36 12.61 29.89
C VAL B 128 26.44 12.56 30.99
N ASP B 129 27.54 13.27 30.76
CA ASP B 129 28.62 13.29 31.72
C ASP B 129 28.57 14.49 32.69
N GLY B 130 27.50 15.27 32.63
CA GLY B 130 27.29 16.35 33.56
C GLY B 130 27.83 17.71 33.14
N LYS B 131 28.25 17.89 31.89
CA LYS B 131 28.79 19.20 31.46
C LYS B 131 27.66 20.02 30.89
N ALA B 132 27.84 21.32 30.71
CA ALA B 132 26.87 22.15 30.02
C ALA B 132 26.65 21.65 28.59
N LYS B 133 25.41 21.39 28.20
CA LYS B 133 25.15 20.81 26.88
C LYS B 133 25.29 21.81 25.73
N ILE B 134 24.68 22.98 25.85
CA ILE B 134 24.66 23.95 24.76
C ILE B 134 25.68 25.07 25.06
N VAL B 135 26.77 25.11 24.29
CA VAL B 135 27.91 25.99 24.65
C VAL B 135 28.49 26.57 23.37
N PRO B 136 29.04 27.80 23.46
CA PRO B 136 29.74 28.35 22.31
C PRO B 136 31.01 27.58 21.99
N LEU B 137 31.45 27.65 20.74
CA LEU B 137 32.67 26.97 20.32
C LEU B 137 33.92 27.48 21.03
N ARG B 138 33.89 28.72 21.51
CA ARG B 138 34.99 29.20 22.35
C ARG B 138 35.19 28.35 23.62
N VAL B 139 34.10 27.73 24.09
CA VAL B 139 34.15 26.75 25.20
C VAL B 139 34.39 25.34 24.69
N ALA B 140 33.61 24.93 23.69
CA ALA B 140 33.70 23.58 23.10
C ALA B 140 34.84 23.50 22.09
N THR B 141 36.07 23.50 22.59
CA THR B 141 37.27 23.65 21.76
C THR B 141 37.61 22.37 20.98
N ASP B 142 36.92 21.28 21.30
CA ASP B 142 37.03 19.98 20.63
C ASP B 142 36.06 19.86 19.45
N PHE B 143 35.21 20.88 19.25
CA PHE B 143 34.19 20.89 18.21
C PHE B 143 34.57 21.81 17.02
N SER B 144 34.06 21.50 15.86
CA SER B 144 34.38 22.26 14.65
C SER B 144 33.21 22.27 13.68
N ILE B 145 33.37 23.04 12.63
CA ILE B 145 32.41 23.07 11.53
C ILE B 145 32.87 22.08 10.46
N ALA B 146 31.94 21.27 9.93
CA ALA B 146 32.26 20.34 8.86
C ALA B 146 32.80 21.07 7.63
N GLU B 147 33.84 20.53 7.02
CA GLU B 147 34.35 21.04 5.75
C GLU B 147 33.25 21.07 4.70
N GLY B 148 33.11 22.20 4.02
CA GLY B 148 32.05 22.34 3.04
C GLY B 148 30.99 23.36 3.42
N ASP B 149 30.81 23.57 4.73
CA ASP B 149 29.81 24.51 5.23
C ASP B 149 30.38 25.90 5.57
N VAL B 150 29.50 26.90 5.51
CA VAL B 150 29.85 28.25 5.87
C VAL B 150 30.25 28.37 7.34
N ASP B 151 31.38 29.05 7.59
CA ASP B 151 31.67 29.57 8.93
C ASP B 151 31.09 30.98 9.04
N PRO B 152 30.03 31.13 9.85
CA PRO B 152 29.31 32.41 9.92
C PRO B 152 30.01 33.45 10.78
N ARG B 153 31.01 33.04 11.56
CA ARG B 153 31.75 33.96 12.42
C ARG B 153 32.37 35.08 11.56
N GLY B 154 32.10 36.31 11.99
CA GLY B 154 32.55 37.48 11.29
C GLY B 154 31.66 37.93 10.17
N LEU B 155 30.54 37.26 9.93
CA LEU B 155 29.63 37.69 8.86
C LEU B 155 28.57 38.61 9.44
N PRO B 156 28.05 39.54 8.63
CA PRO B 156 26.96 40.38 9.07
C PRO B 156 25.62 39.65 9.15
N VAL B 157 24.81 40.07 10.13
CA VAL B 157 23.41 39.62 10.27
C VAL B 157 22.53 40.77 9.70
N VAL B 158 21.68 40.44 8.72
CA VAL B 158 20.79 41.40 8.04
C VAL B 158 19.35 41.06 8.42
N ALA B 159 18.67 42.06 9.00
CA ALA B 159 17.35 41.86 9.60
C ALA B 159 16.27 42.05 8.54
N ALA B 160 15.00 41.91 8.95
CA ALA B 160 13.85 41.92 8.05
C ALA B 160 13.74 43.19 7.21
N ASP B 161 14.20 44.31 7.76
CA ASP B 161 14.23 45.59 7.07
C ASP B 161 15.48 45.78 6.16
N GLY B 162 16.32 44.76 6.02
CA GLY B 162 17.46 44.86 5.15
C GLY B 162 18.60 45.65 5.75
N VAL B 163 18.56 45.85 7.05
CA VAL B 163 19.56 46.66 7.75
C VAL B 163 20.43 45.70 8.57
N GLU B 164 21.72 45.96 8.58
CA GLU B 164 22.66 45.12 9.29
C GLU B 164 22.48 45.35 10.79
N ALA B 165 22.23 44.27 11.53
CA ALA B 165 21.92 44.37 12.93
C ALA B 165 23.16 44.18 13.80
N GLY B 166 24.20 43.58 13.22
CA GLY B 166 25.39 43.21 13.96
C GLY B 166 26.19 42.17 13.19
N THR B 167 27.12 41.52 13.91
CA THR B 167 28.08 40.61 13.31
C THR B 167 28.16 39.36 14.13
N VAL B 168 28.20 38.19 13.47
CA VAL B 168 28.29 36.90 14.17
C VAL B 168 29.64 36.79 14.91
N THR B 169 29.55 36.43 16.19
CA THR B 169 30.72 36.21 17.02
C THR B 169 30.98 34.72 17.30
N ASP B 170 29.94 33.91 17.44
CA ASP B 170 30.17 32.50 17.74
C ASP B 170 28.95 31.65 17.39
N LEU B 171 29.15 30.33 17.40
CA LEU B 171 28.10 29.33 17.21
C LEU B 171 28.00 28.60 18.51
N TRP B 172 26.76 28.27 18.91
CA TRP B 172 26.51 27.48 20.10
C TRP B 172 26.12 26.07 19.68
N VAL B 173 26.87 25.11 20.16
CA VAL B 173 26.70 23.73 19.80
C VAL B 173 26.07 22.93 20.91
N ASP B 174 25.24 21.97 20.50
CA ASP B 174 24.74 20.93 21.40
C ASP B 174 25.77 19.81 21.41
N ARG B 175 26.42 19.63 22.55
CA ARG B 175 27.49 18.66 22.72
C ARG B 175 27.00 17.24 22.84
N SER B 176 25.70 17.07 23.16
CA SER B 176 25.10 15.76 23.25
C SER B 176 24.67 15.21 21.89
N GLU B 177 24.23 16.08 20.98
CA GLU B 177 23.67 15.63 19.68
C GLU B 177 24.55 16.02 18.51
N HIS B 178 25.61 16.79 18.79
CA HIS B 178 26.57 17.26 17.76
C HIS B 178 25.89 18.07 16.67
N TYR B 179 25.26 19.15 17.12
CA TYR B 179 24.37 19.90 16.25
C TYR B 179 24.38 21.33 16.73
N PHE B 180 24.52 22.26 15.79
CA PHE B 180 24.47 23.70 16.13
C PHE B 180 23.03 24.15 16.31
N ARG B 181 22.82 24.91 17.39
CA ARG B 181 21.49 25.40 17.78
C ARG B 181 21.27 26.90 17.79
N TYR B 182 22.32 27.69 18.04
CA TYR B 182 22.21 29.16 18.03
C TYR B 182 23.45 29.78 17.36
N LEU B 183 23.28 30.98 16.83
CA LEU B 183 24.42 31.87 16.57
C LEU B 183 24.37 32.97 17.65
N GLU B 184 25.54 33.49 17.99
CA GLU B 184 25.69 34.67 18.85
C GLU B 184 26.27 35.78 18.04
N LEU B 185 25.63 36.95 18.12
CA LEU B 185 26.07 38.13 17.38
C LEU B 185 26.29 39.32 18.32
N SER B 186 27.24 40.18 17.97
CA SER B 186 27.32 41.48 18.61
C SER B 186 26.21 42.35 17.99
N VAL B 187 25.53 43.12 18.84
CA VAL B 187 24.41 43.96 18.41
C VAL B 187 24.98 45.34 18.17
N ALA B 188 24.94 45.77 16.91
CA ALA B 188 25.53 47.04 16.51
C ALA B 188 24.93 48.12 17.40
N GLY B 189 25.79 48.94 17.99
CA GLY B 189 25.38 50.11 18.74
C GLY B 189 24.89 49.88 20.15
N SER B 190 24.98 48.65 20.65
CA SER B 190 24.32 48.26 21.91
C SER B 190 25.23 47.62 22.95
N ALA B 191 26.52 47.50 22.66
CA ALA B 191 27.53 46.97 23.60
C ALA B 191 27.10 45.66 24.26
N ARG B 192 26.45 44.79 23.52
CA ARG B 192 25.96 43.51 24.05
C ARG B 192 26.04 42.49 22.93
N THR B 193 25.88 41.21 23.27
CA THR B 193 25.66 40.18 22.29
C THR B 193 24.26 39.61 22.49
N ALA B 194 23.77 38.94 21.47
CA ALA B 194 22.47 38.27 21.51
C ALA B 194 22.58 36.93 20.84
N LEU B 195 21.82 35.95 21.34
CA LEU B 195 21.63 34.70 20.62
C LEU B 195 20.42 34.72 19.71
N ILE B 196 20.51 33.90 18.65
CA ILE B 196 19.42 33.62 17.71
C ILE B 196 19.41 32.14 17.38
N PRO B 197 18.23 31.48 17.49
CA PRO B 197 18.20 30.10 17.09
C PRO B 197 18.48 29.98 15.58
N LEU B 198 19.24 28.97 15.17
CA LEU B 198 19.54 28.74 13.75
C LEU B 198 18.31 28.56 12.88
N GLY B 199 17.18 28.11 13.45
CA GLY B 199 15.93 28.06 12.68
C GLY B 199 15.40 29.39 12.20
N PHE B 200 15.90 30.48 12.77
CA PHE B 200 15.54 31.86 12.35
C PHE B 200 16.57 32.51 11.43
N CYS B 201 17.56 31.69 11.02
CA CYS B 201 18.72 32.12 10.19
C CYS B 201 18.74 31.46 8.84
N ASP B 202 18.86 32.30 7.81
CA ASP B 202 19.15 31.86 6.47
C ASP B 202 20.67 32.14 6.26
N VAL B 203 21.45 31.06 6.27
CA VAL B 203 22.92 31.11 6.25
C VAL B 203 23.45 31.19 4.82
N LYS B 204 23.99 32.35 4.45
CA LYS B 204 24.61 32.52 3.15
C LYS B 204 26.12 32.67 3.35
N LYS B 205 26.87 32.66 2.25
CA LYS B 205 28.33 32.78 2.33
C LYS B 205 28.85 34.11 2.81
N ASP B 206 28.04 35.14 2.62
CA ASP B 206 28.43 36.49 2.94
C ASP B 206 27.59 37.17 4.00
N LYS B 207 26.60 36.48 4.52
CA LYS B 207 25.72 37.07 5.50
C LYS B 207 24.72 36.06 6.04
N ILE B 208 24.11 36.43 7.16
CA ILE B 208 23.02 35.65 7.75
C ILE B 208 21.75 36.54 7.65
N VAL B 209 20.71 36.02 6.99
CA VAL B 209 19.47 36.79 6.79
C VAL B 209 18.42 36.34 7.83
N VAL B 210 17.83 37.32 8.51
CA VAL B 210 16.88 37.09 9.61
C VAL B 210 15.63 37.92 9.29
N THR B 211 14.54 37.26 8.89
CA THR B 211 13.34 37.99 8.52
C THR B 211 12.29 38.06 9.67
N SER B 212 12.54 37.37 10.78
CA SER B 212 11.61 37.36 11.91
C SER B 212 11.49 38.70 12.63
N ILE B 213 12.61 39.43 12.74
CA ILE B 213 12.59 40.75 13.41
C ILE B 213 13.32 41.83 12.60
N LEU B 214 13.05 43.10 12.94
CA LEU B 214 13.74 44.23 12.33
C LEU B 214 15.06 44.47 13.08
N SER B 215 15.98 45.17 12.44
CA SER B 215 17.30 45.52 13.01
C SER B 215 17.20 46.08 14.42
N GLU B 216 16.36 47.10 14.61
CA GLU B 216 16.24 47.75 15.91
C GLU B 216 15.80 46.81 17.03
N GLN B 217 15.11 45.73 16.69
CA GLN B 217 14.50 44.82 17.66
C GLN B 217 15.50 43.84 18.30
N PHE B 218 16.68 43.73 17.69
CA PHE B 218 17.77 42.96 18.28
C PHE B 218 18.23 43.51 19.64
N ALA B 219 18.05 44.81 19.90
CA ALA B 219 18.53 45.39 21.15
C ALA B 219 17.82 44.83 22.38
N ASN B 220 16.59 44.33 22.21
CA ASN B 220 15.79 43.83 23.32
C ASN B 220 15.65 42.29 23.38
N VAL B 221 16.44 41.58 22.61
CA VAL B 221 16.48 40.13 22.71
C VAL B 221 16.84 39.78 24.17
N PRO B 222 16.14 38.79 24.77
CA PRO B 222 16.46 38.39 26.13
C PRO B 222 17.94 38.13 26.34
N ARG B 223 18.47 38.66 27.44
CA ARG B 223 19.87 38.57 27.74
C ARG B 223 20.16 37.35 28.59
N LEU B 224 21.30 36.71 28.34
CA LEU B 224 21.77 35.63 29.23
C LEU B 224 22.35 36.15 30.53
N GLN B 225 22.18 35.41 31.59
CA GLN B 225 22.74 35.75 32.89
C GLN B 225 24.27 35.55 32.90
N SER B 226 24.73 34.58 32.13
CA SER B 226 26.17 34.23 32.04
C SER B 226 26.56 34.20 30.58
N ARG B 227 27.80 34.58 30.27
CA ARG B 227 28.19 34.71 28.88
C ARG B 227 28.34 33.36 28.16
N ASP B 228 28.80 32.31 28.86
CA ASP B 228 29.17 31.05 28.22
C ASP B 228 28.31 29.81 28.55
N GLN B 229 27.14 30.03 29.15
CA GLN B 229 26.16 28.97 29.37
C GLN B 229 24.78 29.55 29.28
N ILE B 230 23.80 28.67 29.10
CA ILE B 230 22.41 29.10 28.92
C ILE B 230 21.49 28.12 29.66
N THR B 231 20.50 28.66 30.37
CA THR B 231 19.53 27.83 31.08
C THR B 231 18.38 27.41 30.12
N LEU B 232 17.66 26.37 30.50
CA LEU B 232 16.46 25.95 29.75
C LEU B 232 15.45 27.08 29.59
N ARG B 233 15.22 27.85 30.65
CA ARG B 233 14.29 28.97 30.57
C ARG B 233 14.78 30.05 29.62
N GLU B 234 16.08 30.37 29.70
CA GLU B 234 16.69 31.33 28.78
C GLU B 234 16.56 30.89 27.33
N GLU B 235 16.77 29.62 27.04
CA GLU B 235 16.57 29.11 25.67
C GLU B 235 15.14 29.39 25.17
N ASP B 236 14.16 29.19 26.05
CA ASP B 236 12.77 29.45 25.74
C ASP B 236 12.50 30.92 25.52
N LYS B 237 13.08 31.78 26.37
CA LYS B 237 12.88 33.24 26.23
C LYS B 237 13.46 33.72 24.92
N VAL B 238 14.64 33.22 24.58
CA VAL B 238 15.35 33.61 23.33
C VAL B 238 14.58 33.20 22.07
N SER B 239 14.23 31.92 21.99
CA SER B 239 13.44 31.41 20.85
C SER B 239 12.10 32.09 20.68
N ALA B 240 11.41 32.35 21.79
CA ALA B 240 10.08 32.95 21.78
C ALA B 240 10.09 34.35 21.26
N TYR B 241 11.15 35.12 21.57
CA TYR B 241 11.25 36.51 21.12
C TYR B 241 11.19 36.63 19.58
N TYR B 242 11.96 35.79 18.90
CA TYR B 242 11.97 35.78 17.43
C TYR B 242 10.65 35.30 16.82
N ALA B 243 10.04 34.28 17.43
CA ALA B 243 8.73 33.80 17.00
C ALA B 243 7.70 34.90 17.15
N GLY B 244 7.81 35.68 18.22
CA GLY B 244 6.94 36.86 18.35
C GLY B 244 6.98 37.81 17.17
N GLY B 245 8.18 38.00 16.63
CA GLY B 245 8.40 38.84 15.48
C GLY B 245 7.59 38.44 14.25
N LEU B 246 7.41 37.14 14.07
CA LEU B 246 6.60 36.66 12.97
C LEU B 246 5.22 37.36 12.92
N LEU B 247 4.65 37.63 14.10
CA LEU B 247 3.33 38.26 14.22
C LEU B 247 3.41 39.76 14.54
N TYR B 248 4.49 40.17 15.21
CA TYR B 248 4.59 41.50 15.82
C TYR B 248 5.73 42.42 15.31
N ALA B 249 6.62 41.96 14.43
CA ALA B 249 7.74 42.80 13.98
C ALA B 249 7.29 44.11 13.38
N THR B 250 6.20 44.03 12.64
CA THR B 250 5.52 45.22 12.10
C THR B 250 4.00 45.11 12.33
N PRO B 251 3.28 46.24 12.25
CA PRO B 251 1.82 46.19 12.47
C PRO B 251 1.05 45.33 11.47
N GLU B 252 1.54 45.29 10.23
CA GLU B 252 0.90 44.52 9.19
C GLU B 252 0.90 43.02 9.46
N ARG B 253 1.89 42.54 10.21
CA ARG B 253 2.05 41.11 10.46
C ARG B 253 0.93 40.46 11.31
N ALA B 254 0.21 41.28 12.08
CA ALA B 254 -0.94 40.79 12.86
C ALA B 254 -2.22 40.78 12.03
N GLU B 255 -2.29 41.60 10.99
CA GLU B 255 -3.49 41.70 10.17
C GLU B 255 -3.59 40.55 9.16
N SER B 256 -4.78 40.36 8.57
CA SER B 256 -4.98 39.30 7.58
C SER B 256 -4.02 39.42 6.44
N LEU B 257 -3.50 38.29 5.97
CA LEU B 257 -2.63 38.27 4.78
C LEU B 257 -3.34 38.86 3.55
N LEU B 258 -4.65 38.63 3.46
CA LEU B 258 -5.42 39.06 2.30
C LEU B 258 -6.71 39.73 2.75
N ALA C 2 -12.19 25.62 30.64
CA ALA C 2 -12.17 25.26 29.18
C ALA C 2 -10.81 25.53 28.55
N LEU C 3 -9.87 26.13 29.30
CA LEU C 3 -8.51 26.38 28.79
C LEU C 3 -7.47 25.51 29.53
N LEU C 4 -6.44 25.05 28.82
CA LEU C 4 -5.32 24.44 29.50
C LEU C 4 -4.66 25.51 30.40
N SER C 5 -3.98 25.04 31.43
CA SER C 5 -3.36 25.90 32.43
C SER C 5 -2.40 26.92 31.85
N PHE C 6 -1.75 26.57 30.74
CA PHE C 6 -0.74 27.42 30.10
C PHE C 6 -1.28 28.13 28.83
N GLU C 7 -2.60 28.01 28.56
CA GLU C 7 -3.15 28.36 27.25
C GLU C 7 -3.45 29.85 27.08
N ARG C 8 -3.84 30.51 28.17
CA ARG C 8 -4.32 31.90 28.09
C ARG C 8 -3.35 32.87 27.38
N LYS C 9 -2.06 32.80 27.70
CA LYS C 9 -1.06 33.73 27.10
C LYS C 9 -0.91 33.64 25.58
N TYR C 10 -1.30 32.50 25.00
CA TYR C 10 -1.28 32.30 23.54
C TYR C 10 -2.54 32.74 22.80
N ARG C 11 -3.66 32.94 23.51
CA ARG C 11 -4.96 33.30 22.87
C ARG C 11 -5.07 34.76 22.46
N VAL C 12 -4.20 35.18 21.56
CA VAL C 12 -4.18 36.55 21.04
C VAL C 12 -4.85 36.66 19.66
N ARG C 13 -5.26 37.87 19.28
CA ARG C 13 -5.72 38.08 17.92
C ARG C 13 -4.53 38.01 16.94
N GLY C 14 -4.82 37.65 15.69
CA GLY C 14 -3.79 37.64 14.64
C GLY C 14 -3.58 36.30 13.97
N GLY C 15 -2.89 36.33 12.83
CA GLY C 15 -2.60 35.17 12.05
C GLY C 15 -3.59 34.76 10.98
N THR C 16 -4.70 35.48 10.82
CA THR C 16 -5.70 35.03 9.84
C THR C 16 -5.18 35.30 8.42
N LEU C 17 -5.71 34.55 7.45
CA LEU C 17 -5.37 34.72 6.02
C LEU C 17 -6.32 35.70 5.37
N ILE C 18 -7.58 35.63 5.78
CA ILE C 18 -8.62 36.52 5.32
C ILE C 18 -9.64 36.66 6.43
N GLY C 19 -10.34 37.80 6.44
CA GLY C 19 -11.43 38.04 7.38
C GLY C 19 -11.11 38.96 8.54
N GLY C 20 -9.84 39.06 8.91
CA GLY C 20 -9.43 39.93 10.01
C GLY C 20 -9.97 39.44 11.34
N ASP C 21 -10.37 40.40 12.16
CA ASP C 21 -10.98 40.15 13.47
C ASP C 21 -12.34 39.47 13.45
N LEU C 22 -13.02 39.49 12.31
CA LEU C 22 -14.44 39.10 12.22
C LEU C 22 -14.69 37.70 12.79
N PHE C 23 -13.86 36.76 12.40
CA PHE C 23 -14.02 35.37 12.81
C PHE C 23 -12.89 34.88 13.70
N ASP C 24 -12.09 35.80 14.22
CA ASP C 24 -10.90 35.45 15.00
C ASP C 24 -11.31 35.29 16.46
N PHE C 25 -11.83 34.09 16.76
CA PHE C 25 -12.31 33.73 18.09
C PHE C 25 -12.41 32.23 18.20
N TRP C 26 -12.62 31.77 19.43
CA TRP C 26 -12.77 30.35 19.74
C TRP C 26 -14.20 30.02 20.17
N VAL C 27 -14.62 28.78 19.88
CA VAL C 27 -15.86 28.19 20.42
C VAL C 27 -15.41 27.00 21.24
N GLY C 28 -15.42 27.13 22.56
CA GLY C 28 -14.83 26.10 23.40
C GLY C 28 -13.34 26.01 23.07
N PRO C 29 -12.81 24.78 22.85
CA PRO C 29 -11.42 24.70 22.48
C PRO C 29 -11.12 25.03 20.99
N TYR C 30 -12.16 25.09 20.16
CA TYR C 30 -12.00 25.23 18.70
C TYR C 30 -11.78 26.66 18.29
N PHE C 31 -10.68 26.88 17.57
CA PHE C 31 -10.50 28.08 16.81
C PHE C 31 -11.48 28.08 15.65
N VAL C 32 -12.00 29.27 15.35
CA VAL C 32 -12.95 29.40 14.28
C VAL C 32 -12.25 29.94 13.02
N GLY C 33 -12.20 31.27 12.83
CA GLY C 33 -11.63 31.84 11.61
C GLY C 33 -12.54 31.64 10.40
N PHE C 34 -12.22 32.31 9.30
CA PHE C 34 -13.01 32.23 8.08
C PHE C 34 -13.18 30.81 7.61
N PHE C 35 -12.09 30.06 7.73
CA PHE C 35 -12.06 28.68 7.24
C PHE C 35 -12.71 27.68 8.21
N GLY C 36 -12.88 28.05 9.48
CA GLY C 36 -13.81 27.34 10.39
C GLY C 36 -15.24 27.46 9.93
N VAL C 37 -15.66 28.68 9.62
CA VAL C 37 -16.99 28.90 9.09
C VAL C 37 -17.20 28.14 7.79
N SER C 38 -16.23 28.21 6.88
CA SER C 38 -16.42 27.59 5.59
C SER C 38 -16.40 26.06 5.73
N ALA C 39 -15.59 25.56 6.64
CA ALA C 39 -15.53 24.09 6.91
C ALA C 39 -16.86 23.57 7.48
N ILE C 40 -17.44 24.32 8.42
CA ILE C 40 -18.73 23.90 9.03
C ILE C 40 -19.81 23.90 7.95
N PHE C 41 -19.82 24.96 7.15
CA PHE C 41 -20.75 25.06 6.03
C PHE C 41 -20.70 23.82 5.11
N PHE C 42 -19.51 23.43 4.67
CA PHE C 42 -19.37 22.27 3.78
C PHE C 42 -19.65 20.95 4.49
N ILE C 43 -19.24 20.83 5.74
CA ILE C 43 -19.57 19.64 6.52
C ILE C 43 -21.08 19.52 6.69
N PHE C 44 -21.74 20.62 7.03
CA PHE C 44 -23.17 20.57 7.23
C PHE C 44 -23.91 20.18 5.94
N LEU C 45 -23.55 20.83 4.85
CA LEU C 45 -24.13 20.54 3.54
C LEU C 45 -23.88 19.07 3.12
N GLY C 46 -22.64 18.64 3.25
CA GLY C 46 -22.20 17.27 2.88
C GLY C 46 -22.92 16.19 3.66
N VAL C 47 -22.89 16.32 4.98
CA VAL C 47 -23.53 15.35 5.84
C VAL C 47 -25.08 15.36 5.66
N SER C 48 -25.64 16.52 5.35
CA SER C 48 -27.08 16.59 5.08
C SER C 48 -27.44 15.86 3.78
N LEU C 49 -26.58 15.97 2.76
CA LEU C 49 -26.81 15.26 1.50
C LEU C 49 -26.64 13.77 1.72
N ILE C 50 -25.68 13.38 2.55
CA ILE C 50 -25.49 11.95 2.86
C ILE C 50 -26.75 11.39 3.54
N GLY C 51 -27.32 12.12 4.50
CA GLY C 51 -28.55 11.69 5.14
C GLY C 51 -29.71 11.53 4.17
N TYR C 52 -29.97 12.57 3.36
CA TYR C 52 -31.06 12.53 2.40
C TYR C 52 -30.89 11.42 1.37
N ALA C 53 -29.68 11.29 0.83
CA ALA C 53 -29.36 10.24 -0.12
C ALA C 53 -29.58 8.88 0.50
N ALA C 54 -29.11 8.70 1.73
CA ALA C 54 -29.15 7.39 2.42
C ALA C 54 -30.58 6.94 2.70
N SER C 55 -31.47 7.90 2.88
CA SER C 55 -32.85 7.61 3.19
C SER C 55 -33.61 7.13 1.98
N GLN C 56 -33.05 7.36 0.78
CA GLN C 56 -33.66 6.92 -0.46
C GLN C 56 -33.19 5.52 -0.84
N GLY C 57 -32.23 4.99 -0.10
CA GLY C 57 -31.65 3.69 -0.39
C GLY C 57 -32.28 2.54 0.35
N PRO C 58 -31.69 1.35 0.20
CA PRO C 58 -32.28 0.12 0.68
C PRO C 58 -32.10 -0.15 2.17
N THR C 59 -31.13 0.49 2.80
CA THR C 59 -30.69 0.06 4.12
C THR C 59 -30.21 1.23 5.01
N TRP C 60 -30.44 1.08 6.32
CA TRP C 60 -29.86 1.98 7.32
C TRP C 60 -28.68 1.40 8.11
N ASP C 61 -28.32 0.13 7.86
CA ASP C 61 -27.13 -0.47 8.45
C ASP C 61 -25.85 0.27 7.98
N PRO C 62 -25.05 0.78 8.97
CA PRO C 62 -23.90 1.63 8.63
C PRO C 62 -22.91 0.92 7.69
N PHE C 63 -22.72 -0.39 7.85
CA PHE C 63 -21.79 -1.14 7.00
C PHE C 63 -22.22 -1.21 5.54
N ALA C 64 -23.55 -1.19 5.31
CA ALA C 64 -24.14 -1.55 4.01
C ALA C 64 -24.55 -0.34 3.15
N ILE C 65 -24.89 0.79 3.79
CA ILE C 65 -25.14 2.09 3.11
C ILE C 65 -24.03 2.46 2.09
N SER C 66 -24.45 3.04 0.95
CA SER C 66 -23.55 3.36 -0.17
C SER C 66 -24.14 4.42 -1.09
N ILE C 67 -23.38 5.49 -1.29
CA ILE C 67 -23.75 6.58 -2.17
C ILE C 67 -22.74 6.58 -3.34
N ASN C 68 -23.25 6.24 -4.53
CA ASN C 68 -22.42 5.81 -5.66
C ASN C 68 -22.40 6.83 -6.78
N PRO C 69 -21.29 6.87 -7.54
CA PRO C 69 -21.23 7.84 -8.62
C PRO C 69 -22.09 7.38 -9.79
N PRO C 70 -22.17 8.18 -10.88
CA PRO C 70 -23.00 7.83 -12.00
C PRO C 70 -22.44 6.71 -12.85
N ASP C 71 -23.33 6.10 -13.64
CA ASP C 71 -22.91 5.26 -14.70
C ASP C 71 -21.85 5.95 -15.55
N LEU C 72 -20.95 5.18 -16.13
CA LEU C 72 -19.97 5.76 -17.07
C LEU C 72 -20.60 6.58 -18.16
N LYS C 73 -21.78 6.16 -18.63
CA LYS C 73 -22.40 6.84 -19.79
C LYS C 73 -22.74 8.30 -19.58
N TYR C 74 -22.77 8.77 -18.33
CA TYR C 74 -23.01 10.19 -18.07
C TYR C 74 -21.78 11.06 -18.32
N GLY C 75 -20.65 10.42 -18.51
CA GLY C 75 -19.43 11.15 -18.77
C GLY C 75 -19.06 12.02 -17.59
N LEU C 76 -18.70 13.24 -17.93
CA LEU C 76 -18.31 14.26 -16.98
C LEU C 76 -19.47 15.26 -16.77
N GLY C 77 -20.63 14.94 -17.33
CA GLY C 77 -21.80 15.75 -17.16
C GLY C 77 -22.50 15.53 -15.83
N ALA C 78 -23.52 16.35 -15.60
CA ALA C 78 -24.37 16.22 -14.42
C ALA C 78 -25.21 14.96 -14.58
N ALA C 79 -25.43 14.24 -13.48
CA ALA C 79 -26.23 13.03 -13.51
C ALA C 79 -27.45 13.33 -12.67
N PRO C 80 -28.53 12.53 -12.82
CA PRO C 80 -29.69 12.77 -11.98
C PRO C 80 -29.35 12.47 -10.54
N LEU C 81 -30.05 13.15 -9.64
CA LEU C 81 -29.65 13.16 -8.24
C LEU C 81 -29.60 11.74 -7.66
N LEU C 82 -30.62 10.94 -7.99
CA LEU C 82 -30.71 9.60 -7.48
C LEU C 82 -29.67 8.67 -8.13
N GLU C 83 -29.26 8.96 -9.36
CA GLU C 83 -28.32 8.10 -10.15
C GLU C 83 -26.93 8.69 -10.33
N GLY C 84 -26.39 9.31 -9.29
CA GLY C 84 -25.00 9.81 -9.31
C GLY C 84 -24.84 11.26 -8.91
N GLY C 85 -25.92 12.03 -8.99
CA GLY C 85 -25.86 13.42 -8.63
C GLY C 85 -25.59 13.74 -7.16
N PHE C 86 -26.18 12.97 -6.24
CA PHE C 86 -25.81 13.11 -4.81
C PHE C 86 -24.32 12.92 -4.58
N TRP C 87 -23.76 11.87 -5.18
CA TRP C 87 -22.33 11.62 -5.11
C TRP C 87 -21.55 12.87 -5.56
N GLN C 88 -21.99 13.48 -6.66
CA GLN C 88 -21.24 14.57 -7.23
C GLN C 88 -21.25 15.75 -6.26
N ALA C 89 -22.44 16.07 -5.73
CA ALA C 89 -22.60 17.16 -4.78
C ALA C 89 -21.81 16.94 -3.51
N ILE C 90 -21.80 15.71 -3.01
CA ILE C 90 -21.04 15.35 -1.80
C ILE C 90 -19.51 15.44 -2.03
N THR C 91 -19.06 15.08 -3.23
CA THR C 91 -17.64 15.23 -3.57
C THR C 91 -17.20 16.68 -3.50
N VAL C 92 -18.03 17.59 -4.02
CA VAL C 92 -17.71 18.99 -3.96
C VAL C 92 -17.60 19.48 -2.52
N CYS C 93 -18.59 19.09 -1.71
CA CYS C 93 -18.61 19.39 -0.26
C CYS C 93 -17.40 18.81 0.47
N ALA C 94 -17.04 17.59 0.16
CA ALA C 94 -15.88 17.03 0.80
C ALA C 94 -14.64 17.87 0.49
N LEU C 95 -14.39 18.13 -0.79
CA LEU C 95 -13.22 18.97 -1.15
C LEU C 95 -13.21 20.33 -0.48
N GLY C 96 -14.37 21.00 -0.47
CA GLY C 96 -14.57 22.22 0.26
C GLY C 96 -14.18 22.06 1.72
N ALA C 97 -14.61 20.96 2.33
CA ALA C 97 -14.36 20.78 3.76
C ALA C 97 -12.87 20.57 4.01
N PHE C 98 -12.26 19.70 3.20
CA PHE C 98 -10.86 19.36 3.39
C PHE C 98 -9.94 20.54 3.21
N ILE C 99 -10.15 21.31 2.13
CA ILE C 99 -9.35 22.51 1.87
C ILE C 99 -9.53 23.59 2.93
N SER C 100 -10.78 23.88 3.33
CA SER C 100 -11.08 24.72 4.46
C SER C 100 -10.33 24.29 5.73
N TRP C 101 -10.31 23.00 5.98
CA TRP C 101 -9.62 22.45 7.16
C TRP C 101 -8.13 22.75 7.13
N MET C 102 -7.53 22.52 5.97
CA MET C 102 -6.11 22.85 5.75
C MET C 102 -5.79 24.30 6.01
N LEU C 103 -6.55 25.22 5.38
CA LEU C 103 -6.26 26.64 5.50
C LEU C 103 -6.49 27.16 6.92
N ARG C 104 -7.43 26.56 7.63
CA ARG C 104 -7.68 26.86 9.05
C ARG C 104 -6.45 26.47 9.86
N GLU C 105 -5.87 25.31 9.58
CA GLU C 105 -4.62 24.97 10.19
C GLU C 105 -3.50 25.94 9.90
N VAL C 106 -3.44 26.54 8.71
CA VAL C 106 -2.46 27.61 8.46
C VAL C 106 -2.66 28.81 9.38
N GLU C 107 -3.91 29.27 9.51
CA GLU C 107 -4.22 30.34 10.46
C GLU C 107 -3.80 30.04 11.92
N ILE C 108 -4.07 28.82 12.37
CA ILE C 108 -3.73 28.40 13.72
C ILE C 108 -2.20 28.40 13.87
N SER C 109 -1.50 27.87 12.89
CA SER C 109 -0.05 27.90 12.86
C SER C 109 0.54 29.29 12.95
N ARG C 110 -0.03 30.22 12.20
CA ARG C 110 0.45 31.60 12.20
C ARG C 110 0.25 32.31 13.53
N LYS C 111 -0.93 32.14 14.14
CA LYS C 111 -1.20 32.67 15.46
C LYS C 111 -0.23 32.17 16.55
N LEU C 112 0.18 30.91 16.43
CA LEU C 112 1.09 30.31 17.40
C LEU C 112 2.60 30.54 17.06
N GLY C 113 2.90 31.19 15.93
CA GLY C 113 4.28 31.46 15.53
C GLY C 113 5.08 30.20 15.26
N ILE C 114 4.39 29.15 14.82
CA ILE C 114 5.04 27.91 14.46
C ILE C 114 5.02 27.70 12.96
N GLY C 115 5.77 26.72 12.51
CA GLY C 115 5.87 26.50 11.06
C GLY C 115 4.55 25.96 10.55
N TRP C 116 4.40 25.98 9.23
CA TRP C 116 3.18 25.50 8.57
C TRP C 116 3.27 24.07 8.09
N HIS C 117 4.12 23.28 8.73
CA HIS C 117 4.38 21.94 8.26
C HIS C 117 3.15 21.05 8.31
N VAL C 118 2.32 21.18 9.32
CA VAL C 118 1.13 20.34 9.42
C VAL C 118 0.16 20.53 8.28
N PRO C 119 -0.33 21.77 8.04
CA PRO C 119 -1.20 21.91 6.86
C PRO C 119 -0.57 21.51 5.52
N LEU C 120 0.75 21.69 5.34
CA LEU C 120 1.46 21.24 4.15
C LEU C 120 1.42 19.72 4.03
N ALA C 121 1.63 19.06 5.15
CA ALA C 121 1.59 17.61 5.23
C ALA C 121 0.18 17.11 4.90
N PHE C 122 -0.83 17.84 5.39
CA PHE C 122 -2.25 17.48 5.17
C PHE C 122 -2.70 17.67 3.69
N CYS C 123 -1.93 18.46 2.93
CA CYS C 123 -2.14 18.56 1.50
C CYS C 123 -1.93 17.25 0.77
N VAL C 124 -1.10 16.35 1.31
CA VAL C 124 -0.84 15.08 0.70
C VAL C 124 -2.11 14.18 0.59
N PRO C 125 -2.81 13.89 1.71
CA PRO C 125 -4.07 13.10 1.57
C PRO C 125 -5.16 13.78 0.74
N ILE C 126 -5.23 15.09 0.83
CA ILE C 126 -6.17 15.85 0.01
C ILE C 126 -5.85 15.64 -1.49
N PHE C 127 -4.58 15.80 -1.85
CA PHE C 127 -4.10 15.46 -3.20
C PHE C 127 -4.46 14.06 -3.63
N MET C 128 -4.19 13.03 -2.80
CA MET C 128 -4.57 11.65 -3.14
C MET C 128 -6.10 11.49 -3.37
N PHE C 129 -6.93 12.08 -2.51
CA PHE C 129 -8.40 12.10 -2.76
C PHE C 129 -8.71 12.61 -4.17
N CYS C 130 -8.09 13.73 -4.52
CA CYS C 130 -8.21 14.37 -5.85
C CYS C 130 -7.75 13.48 -6.99
N VAL C 131 -6.69 12.71 -6.78
CA VAL C 131 -6.23 11.77 -7.79
C VAL C 131 -7.31 10.71 -8.07
N LEU C 132 -7.82 10.10 -7.00
CA LEU C 132 -8.84 9.07 -7.12
C LEU C 132 -10.17 9.53 -7.67
N GLN C 133 -10.60 10.70 -7.21
CA GLN C 133 -11.96 11.16 -7.46
C GLN C 133 -12.10 12.19 -8.56
N VAL C 134 -11.00 12.89 -8.89
CA VAL C 134 -11.07 13.96 -9.88
C VAL C 134 -10.18 13.75 -11.08
N PHE C 135 -8.87 13.65 -10.84
CA PHE C 135 -7.90 13.53 -11.92
C PHE C 135 -8.01 12.25 -12.75
N ARG C 136 -8.01 11.08 -12.10
CA ARG C 136 -8.19 9.86 -12.84
C ARG C 136 -9.54 9.80 -13.62
N PRO C 137 -10.69 10.12 -12.96
CA PRO C 137 -11.93 10.18 -13.71
C PRO C 137 -11.92 11.18 -14.88
N LEU C 138 -11.25 12.32 -14.74
CA LEU C 138 -11.16 13.28 -15.85
C LEU C 138 -10.39 12.68 -16.99
N LEU C 139 -9.27 12.01 -16.69
CA LEU C 139 -8.47 11.40 -17.74
C LEU C 139 -9.19 10.27 -18.45
N LEU C 140 -10.04 9.54 -17.74
CA LEU C 140 -10.80 8.47 -18.38
C LEU C 140 -12.10 8.93 -19.00
N GLY C 141 -12.50 10.13 -18.62
CA GLY C 141 -13.62 10.85 -19.21
C GLY C 141 -15.02 10.58 -18.62
N SER C 142 -15.08 10.00 -17.42
CA SER C 142 -16.34 9.83 -16.69
C SER C 142 -16.14 9.93 -15.19
N TRP C 143 -17.03 10.65 -14.52
CA TRP C 143 -17.06 10.61 -13.04
C TRP C 143 -17.30 9.21 -12.52
N GLY C 144 -17.94 8.34 -13.32
CA GLY C 144 -18.24 6.95 -12.87
C GLY C 144 -17.08 6.08 -12.58
N HIS C 145 -15.88 6.52 -12.84
CA HIS C 145 -14.67 5.76 -12.45
C HIS C 145 -14.24 6.01 -10.99
N ALA C 146 -14.85 6.99 -10.35
CA ALA C 146 -14.57 7.36 -8.95
C ALA C 146 -15.17 6.37 -7.94
N PHE C 147 -14.68 6.44 -6.70
CA PHE C 147 -15.07 5.51 -5.68
C PHE C 147 -16.35 5.93 -4.95
N PRO C 148 -17.18 4.92 -4.54
CA PRO C 148 -18.44 5.24 -3.88
C PRO C 148 -18.23 5.52 -2.36
N TYR C 149 -19.17 6.23 -1.76
CA TYR C 149 -19.09 6.56 -0.35
C TYR C 149 -19.94 5.56 0.45
N GLY C 150 -19.27 4.53 0.94
CA GLY C 150 -19.87 3.52 1.76
C GLY C 150 -18.73 2.84 2.49
N ILE C 151 -18.98 2.54 3.77
CA ILE C 151 -17.93 1.95 4.61
C ILE C 151 -17.38 0.67 4.00
N LEU C 152 -18.27 -0.24 3.58
CA LEU C 152 -17.80 -1.48 2.92
C LEU C 152 -17.82 -1.37 1.40
N SER C 153 -18.70 -0.56 0.82
CA SER C 153 -18.78 -0.49 -0.65
C SER C 153 -17.52 0.07 -1.24
N HIS C 154 -16.84 1.00 -0.55
CA HIS C 154 -15.66 1.58 -1.16
C HIS C 154 -14.56 0.51 -1.25
N LEU C 155 -14.61 -0.49 -0.41
CA LEU C 155 -13.64 -1.62 -0.47
C LEU C 155 -13.94 -2.54 -1.69
N ASP C 156 -15.21 -2.57 -2.09
CA ASP C 156 -15.60 -3.38 -3.28
C ASP C 156 -15.03 -2.71 -4.54
N TRP C 157 -15.12 -1.36 -4.59
CA TRP C 157 -14.47 -0.60 -5.63
C TRP C 157 -12.97 -0.83 -5.70
N VAL C 158 -12.31 -0.69 -4.57
CA VAL C 158 -10.84 -0.91 -4.51
C VAL C 158 -10.45 -2.29 -5.08
N ASN C 159 -11.21 -3.30 -4.66
CA ASN C 159 -11.03 -4.70 -4.96
C ASN C 159 -11.17 -4.90 -6.49
N ASN C 160 -12.31 -4.48 -7.06
CA ASN C 160 -12.52 -4.60 -8.54
C ASN C 160 -11.50 -3.80 -9.36
N PHE C 161 -11.21 -2.58 -8.93
CA PHE C 161 -10.17 -1.74 -9.57
C PHE C 161 -8.86 -2.52 -9.69
N GLY C 162 -8.42 -3.07 -8.58
CA GLY C 162 -7.16 -3.88 -8.57
C GLY C 162 -7.20 -4.96 -9.62
N TYR C 163 -8.25 -5.76 -9.54
CA TYR C 163 -8.34 -6.92 -10.41
C TYR C 163 -8.64 -6.55 -11.86
N GLN C 164 -9.11 -5.32 -12.18
CA GLN C 164 -9.18 -4.93 -13.55
C GLN C 164 -7.80 -4.96 -14.25
N TYR C 165 -6.73 -4.95 -13.45
CA TYR C 165 -5.31 -4.94 -13.95
C TYR C 165 -4.67 -6.25 -13.55
N LEU C 166 -5.53 -7.25 -13.33
CA LEU C 166 -5.18 -8.67 -13.05
C LEU C 166 -4.53 -9.03 -11.72
N ASN C 167 -3.37 -8.43 -11.43
CA ASN C 167 -2.78 -8.45 -10.16
C ASN C 167 -2.11 -7.13 -9.81
N TRP C 168 -2.88 -6.31 -9.10
CA TRP C 168 -2.46 -4.99 -8.74
C TRP C 168 -1.20 -4.95 -7.90
N HIS C 169 -0.88 -6.02 -7.23
CA HIS C 169 0.35 -6.04 -6.44
C HIS C 169 1.61 -5.87 -7.29
N TYR C 170 1.52 -6.11 -8.58
CA TYR C 170 2.64 -5.96 -9.48
C TYR C 170 2.74 -4.54 -10.04
N ASN C 171 1.85 -3.64 -9.63
CA ASN C 171 1.93 -2.25 -10.01
C ASN C 171 3.11 -1.56 -9.32
N PRO C 172 4.11 -1.07 -10.09
CA PRO C 172 5.28 -0.51 -9.44
C PRO C 172 5.03 0.62 -8.51
N GLY C 173 4.13 1.53 -8.88
CA GLY C 173 3.79 2.55 -7.94
C GLY C 173 3.08 2.09 -6.69
N HIS C 174 2.34 0.98 -6.79
CA HIS C 174 1.81 0.31 -5.62
C HIS C 174 2.88 -0.30 -4.74
N MET C 175 3.82 -0.94 -5.37
CA MET C 175 4.93 -1.50 -4.61
C MET C 175 5.71 -0.44 -3.79
N SER C 176 5.94 0.71 -4.36
CA SER C 176 6.58 1.80 -3.62
C SER C 176 5.67 2.25 -2.46
N SER C 177 4.39 2.53 -2.79
CA SER C 177 3.38 2.96 -1.81
C SER C 177 3.31 2.01 -0.60
N VAL C 178 3.22 0.70 -0.86
CA VAL C 178 3.18 -0.31 0.18
C VAL C 178 4.47 -0.32 1.03
N SER C 179 5.61 -0.29 0.37
CA SER C 179 6.89 -0.25 1.10
C SER C 179 6.96 0.94 2.07
N PHE C 180 6.45 2.09 1.68
CA PHE C 180 6.43 3.25 2.54
C PHE C 180 5.43 3.06 3.66
N LEU C 181 4.26 2.50 3.38
CA LEU C 181 3.31 2.22 4.47
C LEU C 181 3.89 1.38 5.58
N PHE C 182 4.57 0.32 5.18
CA PHE C 182 5.14 -0.60 6.13
C PHE C 182 6.36 0.01 6.88
N VAL C 183 7.33 0.56 6.15
CA VAL C 183 8.43 1.21 6.84
C VAL C 183 7.97 2.34 7.75
N ASN C 184 7.00 3.13 7.32
CA ASN C 184 6.46 4.14 8.20
C ASN C 184 5.90 3.59 9.49
N ALA C 185 5.12 2.50 9.42
CA ALA C 185 4.53 1.92 10.61
C ALA C 185 5.59 1.39 11.56
N MET C 186 6.57 0.72 10.98
CA MET C 186 7.70 0.24 11.71
C MET C 186 8.47 1.37 12.40
N ALA C 187 8.77 2.41 11.64
CA ALA C 187 9.52 3.56 12.17
C ALA C 187 8.77 4.28 13.27
N LEU C 188 7.43 4.41 13.16
CA LEU C 188 6.65 5.02 14.26
C LEU C 188 6.72 4.20 15.55
N GLY C 189 6.60 2.88 15.44
CA GLY C 189 6.88 1.95 16.52
C GLY C 189 8.25 2.12 17.17
N LEU C 190 9.30 2.15 16.35
CA LEU C 190 10.65 2.33 16.84
C LEU C 190 10.85 3.68 17.49
N HIS C 191 10.34 4.72 16.89
CA HIS C 191 10.48 6.04 17.46
C HIS C 191 9.72 6.18 18.76
N GLY C 192 8.42 5.89 18.72
CA GLY C 192 7.62 5.94 19.96
C GLY C 192 8.21 5.13 21.06
N GLY C 193 8.59 3.90 20.71
CA GLY C 193 9.28 3.00 21.62
C GLY C 193 10.58 3.56 22.20
N LEU C 194 11.39 4.19 21.35
CA LEU C 194 12.63 4.74 21.83
C LEU C 194 12.43 5.79 22.89
N ILE C 195 11.59 6.79 22.57
CA ILE C 195 11.30 7.90 23.47
C ILE C 195 10.74 7.37 24.79
N LEU C 196 9.79 6.44 24.74
CA LEU C 196 9.21 5.90 25.98
C LEU C 196 10.25 5.15 26.78
N SER C 197 11.17 4.46 26.08
CA SER C 197 12.22 3.66 26.76
C SER C 197 13.21 4.54 27.57
N VAL C 198 13.40 5.77 27.09
CA VAL C 198 14.29 6.73 27.73
C VAL C 198 13.63 7.41 28.94
N ALA C 199 12.37 7.76 28.81
CA ALA C 199 11.61 8.45 29.84
C ALA C 199 11.03 7.50 30.87
N ASN C 200 10.96 6.22 30.52
CA ASN C 200 10.42 5.15 31.39
C ASN C 200 11.30 3.91 31.53
N PRO C 201 12.48 4.08 32.15
CA PRO C 201 13.40 2.97 32.29
C PRO C 201 12.95 1.89 33.22
N GLY C 202 11.98 2.19 34.07
CA GLY C 202 11.44 1.19 34.99
C GLY C 202 11.91 1.37 36.40
N ASP C 203 11.18 0.78 37.34
CA ASP C 203 11.63 0.70 38.74
C ASP C 203 11.96 2.09 39.29
N GLY C 204 13.02 2.22 40.04
CA GLY C 204 13.44 3.58 40.41
C GLY C 204 14.58 4.15 39.56
N ASP C 205 14.65 3.77 38.30
CA ASP C 205 15.81 4.12 37.51
C ASP C 205 15.70 5.51 36.94
N LYS C 206 16.87 6.07 36.67
CA LYS C 206 16.99 7.40 36.14
C LYS C 206 16.54 7.46 34.70
N VAL C 207 15.79 8.51 34.40
CA VAL C 207 15.54 8.90 33.03
C VAL C 207 16.89 9.03 32.31
N LYS C 208 16.95 8.57 31.07
CA LYS C 208 18.18 8.66 30.30
C LYS C 208 18.27 9.89 29.40
N THR C 209 19.11 9.84 28.37
CA THR C 209 19.56 11.07 27.72
C THR C 209 19.51 10.94 26.22
N ALA C 210 19.75 12.07 25.53
CA ALA C 210 19.95 12.12 24.07
C ALA C 210 21.04 11.19 23.64
N GLU C 211 22.13 11.17 24.40
CA GLU C 211 23.25 10.29 24.10
C GLU C 211 22.89 8.80 24.16
N HIS C 212 22.07 8.43 25.15
CA HIS C 212 21.55 7.06 25.24
C HIS C 212 20.71 6.67 24.05
N GLU C 213 19.87 7.58 23.52
CA GLU C 213 19.08 7.30 22.30
C GLU C 213 19.95 6.95 21.12
N ASN C 214 21.01 7.74 20.92
CA ASN C 214 21.89 7.49 19.81
C ASN C 214 22.70 6.24 20.01
N GLN C 215 23.11 5.96 21.25
CA GLN C 215 23.83 4.74 21.54
C GLN C 215 23.01 3.50 21.22
N TYR C 216 21.73 3.53 21.56
CA TYR C 216 20.87 2.36 21.36
C TYR C 216 20.86 1.90 19.89
N PHE C 217 20.57 2.81 18.99
CA PHE C 217 20.51 2.49 17.56
C PHE C 217 21.85 2.29 16.93
N ARG C 218 22.88 3.00 17.39
CA ARG C 218 24.22 2.70 16.91
C ARG C 218 24.60 1.27 17.28
N ASP C 219 24.25 0.84 18.48
CA ASP C 219 24.59 -0.54 18.92
C ASP C 219 23.80 -1.56 18.10
N VAL C 220 22.49 -1.32 17.94
CA VAL C 220 21.64 -2.35 17.33
C VAL C 220 21.80 -2.45 15.82
N VAL C 221 21.83 -1.31 15.12
CA VAL C 221 21.98 -1.32 13.64
C VAL C 221 23.21 -0.58 13.06
N GLY C 222 24.00 0.07 13.90
CA GLY C 222 25.22 0.69 13.42
C GLY C 222 25.04 2.11 12.93
N TYR C 223 23.87 2.67 13.17
CA TYR C 223 23.55 4.02 12.74
C TYR C 223 22.39 4.56 13.55
N SER C 224 22.49 5.83 14.00
CA SER C 224 21.37 6.56 14.59
C SER C 224 21.12 7.84 13.82
N ILE C 225 19.89 8.04 13.32
CA ILE C 225 19.62 9.19 12.44
C ILE C 225 19.56 10.51 13.23
N GLY C 226 19.13 10.47 14.50
CA GLY C 226 19.10 11.65 15.32
C GLY C 226 17.71 12.14 15.62
N ALA C 227 17.62 13.01 16.64
CA ALA C 227 16.36 13.25 17.28
C ALA C 227 15.50 14.21 16.44
N LEU C 228 16.09 15.23 15.81
CA LEU C 228 15.29 16.09 14.90
C LEU C 228 15.01 15.33 13.57
N SER C 229 16.02 14.60 13.14
CA SER C 229 16.00 13.98 11.85
C SER C 229 14.99 12.86 11.72
N ILE C 230 14.70 12.15 12.81
CA ILE C 230 13.63 11.11 12.77
C ILE C 230 12.26 11.68 12.50
N HIS C 231 12.05 12.92 12.89
CA HIS C 231 10.79 13.61 12.64
C HIS C 231 10.64 14.03 11.16
N ARG C 232 11.72 14.53 10.59
CA ARG C 232 11.72 14.78 9.14
C ARG C 232 11.56 13.48 8.35
N LEU C 233 12.23 12.42 8.79
CA LEU C 233 12.12 11.15 8.11
C LEU C 233 10.73 10.59 8.20
N GLY C 234 10.09 10.61 9.36
CA GLY C 234 8.76 10.10 9.48
C GLY C 234 7.78 10.86 8.59
N LEU C 235 7.91 12.18 8.51
CA LEU C 235 7.08 12.97 7.61
C LEU C 235 7.32 12.59 6.12
N PHE C 236 8.58 12.32 5.79
CA PHE C 236 8.95 11.92 4.42
C PHE C 236 8.36 10.56 4.06
N LEU C 237 8.56 9.59 4.96
CA LEU C 237 8.03 8.26 4.75
C LEU C 237 6.53 8.23 4.61
N ALA C 238 5.84 8.84 5.56
CA ALA C 238 4.41 8.85 5.53
C ALA C 238 3.91 9.55 4.25
N SER C 239 4.44 10.71 3.95
CA SER C 239 3.99 11.47 2.78
C SER C 239 4.16 10.63 1.51
N ASN C 240 5.27 9.88 1.42
CA ASN C 240 5.58 9.14 0.19
C ASN C 240 4.69 7.92 -0.04
N ILE C 241 3.91 7.53 0.96
CA ILE C 241 2.85 6.53 0.78
C ILE C 241 1.98 6.97 -0.38
N PHE C 242 1.51 8.21 -0.32
CA PHE C 242 0.66 8.76 -1.36
C PHE C 242 1.39 9.40 -2.48
N LEU C 243 2.49 10.09 -2.23
CA LEU C 243 3.18 10.74 -3.26
C LEU C 243 3.69 9.77 -4.34
N THR C 244 4.11 8.55 -3.96
CA THR C 244 4.46 7.55 -4.93
C THR C 244 3.24 6.76 -5.42
N GLY C 245 2.32 6.44 -4.53
CA GLY C 245 1.10 5.71 -4.91
C GLY C 245 0.30 6.38 -5.99
N ALA C 246 0.23 7.69 -5.90
CA ALA C 246 -0.54 8.47 -6.86
C ALA C 246 -0.12 8.17 -8.31
N PHE C 247 1.17 7.93 -8.53
CA PHE C 247 1.62 7.56 -9.85
C PHE C 247 1.07 6.21 -10.29
N GLY C 248 1.10 5.21 -9.39
CA GLY C 248 0.47 3.96 -9.72
C GLY C 248 -1.02 3.97 -9.99
N THR C 249 -1.74 4.88 -9.35
CA THR C 249 -3.20 5.02 -9.50
C THR C 249 -3.49 5.70 -10.84
N ILE C 250 -2.78 6.76 -11.11
CA ILE C 250 -3.06 7.60 -12.28
C ILE C 250 -2.62 6.85 -13.56
N ALA C 251 -1.66 5.95 -13.45
CA ALA C 251 -1.21 5.18 -14.59
C ALA C 251 -2.23 4.15 -15.12
N SER C 252 -3.04 3.63 -14.20
CA SER C 252 -3.88 2.46 -14.42
C SER C 252 -5.11 2.89 -15.14
N GLY C 253 -5.13 2.65 -16.45
CA GLY C 253 -6.20 3.07 -17.35
C GLY C 253 -5.66 4.13 -18.28
N PRO C 254 -5.37 5.34 -17.77
CA PRO C 254 -4.90 6.40 -18.69
C PRO C 254 -3.55 6.16 -19.41
N PHE C 255 -2.64 5.39 -18.80
CA PHE C 255 -1.28 5.18 -19.34
C PHE C 255 -0.90 3.71 -19.41
N TRP C 256 -1.81 2.84 -18.98
CA TRP C 256 -1.56 1.39 -19.01
C TRP C 256 -2.91 0.65 -18.99
N THR C 257 -3.16 -0.18 -19.99
CA THR C 257 -4.42 -0.97 -20.06
C THR C 257 -4.28 -2.44 -19.91
N ARG C 258 -3.05 -2.92 -19.80
CA ARG C 258 -2.80 -4.33 -19.62
C ARG C 258 -2.79 -4.68 -18.15
N GLY C 259 -2.57 -5.96 -17.85
CA GLY C 259 -2.34 -6.32 -16.50
C GLY C 259 -1.03 -5.79 -15.98
N TRP C 260 -0.89 -5.64 -14.67
CA TRP C 260 0.35 -5.06 -14.14
C TRP C 260 1.53 -5.97 -14.23
N PRO C 261 1.33 -7.26 -14.02
CA PRO C 261 2.50 -8.13 -14.16
C PRO C 261 3.22 -8.02 -15.54
N GLU C 262 2.44 -7.85 -16.63
CA GLU C 262 2.97 -7.71 -17.99
C GLU C 262 3.84 -6.46 -18.18
N TRP C 263 3.64 -5.43 -17.34
CA TRP C 263 4.46 -4.24 -17.38
C TRP C 263 5.93 -4.59 -17.20
N TRP C 264 6.19 -5.64 -16.44
CA TRP C 264 7.55 -6.06 -16.13
C TRP C 264 8.27 -6.75 -17.31
N GLY C 265 7.55 -7.03 -18.40
CA GLY C 265 8.15 -7.40 -19.69
C GLY C 265 9.20 -6.41 -20.21
N TRP C 266 9.13 -5.12 -19.83
CA TRP C 266 10.23 -4.16 -20.12
C TRP C 266 11.58 -4.71 -19.69
N TRP C 267 11.60 -5.43 -18.58
CA TRP C 267 12.79 -6.04 -18.02
C TRP C 267 12.97 -7.45 -18.53
N LEU C 268 11.91 -8.27 -18.42
CA LEU C 268 12.03 -9.69 -18.69
C LEU C 268 12.33 -9.99 -20.18
N ASP C 269 11.79 -9.13 -21.06
CA ASP C 269 11.78 -9.41 -22.48
C ASP C 269 12.96 -8.76 -23.22
N ILE C 270 13.89 -8.15 -22.51
CA ILE C 270 15.11 -7.61 -23.16
C ILE C 270 15.74 -8.69 -24.08
N PRO C 271 15.95 -8.39 -25.37
CA PRO C 271 16.41 -9.48 -26.25
C PRO C 271 17.69 -10.23 -25.81
N PHE C 272 18.64 -9.55 -25.20
CA PHE C 272 19.90 -10.25 -25.02
C PHE C 272 19.83 -11.37 -23.94
N TRP C 273 18.85 -11.34 -23.04
CA TRP C 273 18.65 -12.49 -22.13
C TRP C 273 17.37 -13.29 -22.32
N SER C 274 16.60 -12.96 -23.36
CA SER C 274 15.38 -13.72 -23.69
C SER C 274 15.61 -15.05 -24.41
N ALA D 2 10.75 30.82 6.33
CA ALA D 2 10.69 29.35 6.62
C ALA D 2 11.86 28.98 7.46
N ASP D 3 11.74 27.86 8.17
CA ASP D 3 12.84 27.31 8.96
C ASP D 3 13.60 26.36 8.07
N TYR D 4 14.70 26.84 7.48
CA TYR D 4 15.46 26.00 6.59
C TYR D 4 16.07 24.80 7.30
N GLN D 5 16.33 24.93 8.59
CA GLN D 5 16.81 23.76 9.36
C GLN D 5 15.88 22.55 9.31
N THR D 6 14.58 22.78 9.14
CA THR D 6 13.61 21.66 9.06
C THR D 6 13.75 20.90 7.74
N ILE D 7 14.37 21.54 6.75
CA ILE D 7 14.67 20.93 5.43
C ILE D 7 16.00 20.17 5.43
N TYR D 8 17.07 20.81 5.89
CA TYR D 8 18.39 20.18 6.01
C TYR D 8 19.23 21.01 6.98
N THR D 9 20.35 20.44 7.43
CA THR D 9 21.29 21.14 8.32
C THR D 9 22.23 22.05 7.52
N GLN D 10 22.07 23.35 7.71
CA GLN D 10 22.81 24.31 6.93
C GLN D 10 24.30 24.29 7.28
N ILE D 11 24.59 24.14 8.57
CA ILE D 11 25.95 24.14 9.11
C ILE D 11 26.11 22.97 10.04
N GLN D 12 26.87 21.98 9.61
CA GLN D 12 27.11 20.78 10.39
C GLN D 12 28.25 20.93 11.40
N ALA D 13 28.10 20.20 12.52
CA ALA D 13 29.05 20.23 13.61
C ALA D 13 29.76 18.92 13.61
N ARG D 14 31.02 18.96 14.01
CA ARG D 14 31.84 17.78 14.22
C ARG D 14 32.48 17.85 15.61
N GLY D 15 32.49 16.73 16.33
CA GLY D 15 33.13 16.66 17.65
C GLY D 15 33.57 15.26 17.95
N PRO D 16 34.18 15.05 19.12
CA PRO D 16 34.67 13.71 19.46
C PRO D 16 33.53 12.73 19.60
N HIS D 17 33.71 11.52 19.12
CA HIS D 17 32.58 10.62 19.16
C HIS D 17 32.22 10.25 20.60
N ILE D 18 30.93 10.02 20.82
CA ILE D 18 30.39 9.71 22.15
C ILE D 18 30.13 8.23 22.26
N THR D 19 30.49 7.67 23.40
CA THR D 19 30.19 6.28 23.72
C THR D 19 29.58 6.22 25.09
N VAL D 20 28.36 5.70 25.16
CA VAL D 20 27.67 5.54 26.42
C VAL D 20 27.90 4.08 26.83
N SER D 21 28.41 3.92 28.03
CA SER D 21 28.78 2.58 28.54
C SER D 21 27.52 1.80 28.90
N GLY D 22 27.52 0.50 28.54
CA GLY D 22 26.47 -0.41 28.87
C GLY D 22 26.92 -1.31 30.00
N GLU D 23 25.95 -1.97 30.63
CA GLU D 23 26.25 -2.81 31.81
C GLU D 23 27.16 -3.99 31.44
N TRP D 24 27.06 -4.45 30.19
CA TRP D 24 28.04 -5.36 29.62
C TRP D 24 28.22 -5.05 28.13
N GLY D 25 29.26 -5.62 27.53
CA GLY D 25 29.38 -5.56 26.09
C GLY D 25 30.19 -4.42 25.50
N ASP D 26 30.72 -3.51 26.32
CA ASP D 26 31.46 -2.34 25.79
C ASP D 26 32.62 -2.75 24.89
N ASN D 27 33.26 -3.86 25.22
CA ASN D 27 34.39 -4.34 24.43
C ASN D 27 34.00 -5.07 23.14
N ASP D 28 32.70 -5.22 22.88
CA ASP D 28 32.21 -5.91 21.70
C ASP D 28 31.68 -4.96 20.62
N ARG D 29 31.95 -3.67 20.76
CA ARG D 29 31.61 -2.70 19.71
C ARG D 29 32.76 -2.68 18.70
N VAL D 30 32.41 -2.69 17.43
CA VAL D 30 33.36 -2.88 16.38
C VAL D 30 33.16 -1.83 15.29
N GLY D 31 34.26 -1.40 14.69
CA GLY D 31 34.21 -0.39 13.65
C GLY D 31 34.85 0.91 14.11
N LYS D 32 35.57 1.54 13.17
CA LYS D 32 35.99 2.92 13.34
C LYS D 32 34.86 3.76 12.76
N PRO D 33 34.27 4.69 13.52
CA PRO D 33 33.23 5.48 12.85
C PRO D 33 33.74 6.37 11.71
N PHE D 34 32.92 6.56 10.69
CA PHE D 34 33.27 7.54 9.69
C PHE D 34 32.08 8.43 9.43
N TYR D 35 32.36 9.55 8.78
CA TYR D 35 31.36 10.61 8.60
C TYR D 35 31.03 10.81 7.14
N SER D 36 29.74 10.90 6.85
CA SER D 36 29.28 11.25 5.52
C SER D 36 28.70 12.65 5.52
N TYR D 37 29.33 13.54 4.77
CA TYR D 37 28.88 14.92 4.64
C TYR D 37 27.46 14.98 4.10
N TRP D 38 27.16 14.22 3.05
CA TRP D 38 25.83 14.30 2.44
C TRP D 38 24.73 13.73 3.34
N LEU D 39 25.00 12.62 3.98
CA LEU D 39 24.07 12.12 4.98
C LEU D 39 23.84 13.10 6.13
N GLY D 40 24.89 13.82 6.51
CA GLY D 40 24.83 14.79 7.59
C GLY D 40 23.94 15.98 7.30
N LYS D 41 23.46 16.11 6.06
CA LYS D 41 22.46 17.13 5.72
C LYS D 41 21.09 16.80 6.26
N ILE D 42 20.77 15.51 6.30
CA ILE D 42 19.45 15.08 6.73
C ILE D 42 19.41 14.10 7.88
N GLY D 43 20.57 13.83 8.48
CA GLY D 43 20.73 12.95 9.62
C GLY D 43 22.05 13.16 10.29
N ASP D 44 22.33 12.36 11.31
CA ASP D 44 23.68 12.32 11.88
C ASP D 44 24.66 11.82 10.80
N ALA D 45 25.82 12.48 10.69
CA ALA D 45 26.81 12.13 9.67
C ALA D 45 27.57 10.89 10.07
N GLN D 46 27.52 10.52 11.36
CA GLN D 46 28.33 9.40 11.82
C GLN D 46 27.72 8.02 11.52
N ILE D 47 28.56 7.16 10.95
CA ILE D 47 28.23 5.79 10.66
C ILE D 47 29.15 4.86 11.44
N GLY D 48 28.57 3.89 12.14
CA GLY D 48 29.35 3.03 13.05
C GLY D 48 29.61 3.74 14.37
N PRO D 49 30.25 3.02 15.32
CA PRO D 49 30.51 1.58 15.25
C PRO D 49 29.23 0.76 15.47
N ILE D 50 29.34 -0.56 15.49
CA ILE D 50 28.19 -1.45 15.71
C ILE D 50 28.54 -2.45 16.81
N TYR D 51 27.54 -2.85 17.57
CA TYR D 51 27.73 -3.84 18.61
C TYR D 51 27.63 -5.22 18.00
N LEU D 52 28.57 -6.09 18.34
CA LEU D 52 28.45 -7.48 17.95
C LEU D 52 27.61 -8.26 18.96
N GLY D 53 28.25 -9.01 19.86
CA GLY D 53 27.52 -9.76 20.86
C GLY D 53 27.02 -11.10 20.33
N ALA D 54 26.70 -12.00 21.25
CA ALA D 54 26.33 -13.38 20.85
C ALA D 54 25.02 -13.49 20.12
N SER D 55 24.01 -12.72 20.54
CA SER D 55 22.69 -12.83 19.91
C SER D 55 22.67 -12.24 18.51
N GLY D 56 23.39 -11.14 18.29
CA GLY D 56 23.56 -10.59 16.94
C GLY D 56 24.32 -11.51 15.99
N ILE D 57 25.43 -12.04 16.45
CA ILE D 57 26.19 -13.02 15.67
C ILE D 57 25.33 -14.27 15.34
N ALA D 58 24.61 -14.80 16.33
CA ALA D 58 23.67 -15.92 16.07
C ALA D 58 22.59 -15.54 15.08
N ALA D 59 22.05 -14.32 15.16
CA ALA D 59 21.08 -13.89 14.22
C ALA D 59 21.58 -13.94 12.81
N PHE D 60 22.79 -13.40 12.62
CA PHE D 60 23.44 -13.44 11.33
C PHE D 60 23.72 -14.83 10.81
N ALA D 61 24.19 -15.71 11.68
CA ALA D 61 24.44 -17.08 11.25
C ALA D 61 23.17 -17.83 10.81
N PHE D 62 22.15 -17.80 11.67
CA PHE D 62 20.88 -18.43 11.35
C PHE D 62 20.22 -17.80 10.11
N GLY D 63 20.17 -16.46 10.05
CA GLY D 63 19.62 -15.75 8.92
C GLY D 63 20.33 -16.00 7.60
N SER D 64 21.66 -15.98 7.61
CA SER D 64 22.48 -16.34 6.46
C SER D 64 22.20 -17.77 5.97
N THR D 65 22.05 -18.71 6.90
CA THR D 65 21.65 -20.07 6.53
C THR D 65 20.31 -20.16 5.78
N ALA D 66 19.29 -19.49 6.32
CA ALA D 66 18.01 -19.35 5.64
C ALA D 66 18.12 -18.75 4.25
N ILE D 67 18.83 -17.62 4.16
CA ILE D 67 19.12 -17.00 2.86
C ILE D 67 19.83 -17.90 1.86
N LEU D 68 20.81 -18.66 2.28
CA LEU D 68 21.47 -19.60 1.39
C LEU D 68 20.54 -20.71 0.91
N ILE D 69 19.72 -21.27 1.80
CA ILE D 69 18.70 -22.25 1.39
C ILE D 69 17.77 -21.63 0.36
N ILE D 70 17.27 -20.46 0.64
CA ILE D 70 16.37 -19.82 -0.32
C ILE D 70 17.05 -19.61 -1.68
N LEU D 71 18.23 -18.99 -1.67
CA LEU D 71 18.94 -18.68 -2.93
C LEU D 71 19.36 -19.91 -3.70
N PHE D 72 19.77 -20.97 -3.00
CA PHE D 72 20.18 -22.13 -3.69
C PHE D 72 18.96 -22.73 -4.45
N ASN D 73 17.81 -22.74 -3.79
CA ASN D 73 16.62 -23.29 -4.39
C ASN D 73 16.14 -22.46 -5.55
N MET D 74 16.26 -21.14 -5.41
CA MET D 74 15.99 -20.23 -6.53
C MET D 74 16.91 -20.50 -7.72
N ALA D 75 18.21 -20.67 -7.45
CA ALA D 75 19.18 -20.98 -8.49
C ALA D 75 18.81 -22.29 -9.20
N ALA D 76 18.41 -23.33 -8.44
CA ALA D 76 17.95 -24.59 -9.03
C ALA D 76 16.78 -24.37 -9.99
N GLU D 77 15.91 -23.42 -9.65
CA GLU D 77 14.74 -23.11 -10.46
C GLU D 77 15.10 -22.63 -11.89
N VAL D 78 16.27 -22.01 -12.05
CA VAL D 78 16.81 -21.67 -13.37
C VAL D 78 17.95 -22.58 -13.83
N HIS D 79 18.02 -23.78 -13.27
CA HIS D 79 19.03 -24.72 -13.69
C HIS D 79 20.43 -24.11 -13.57
N PHE D 80 20.61 -23.30 -12.54
CA PHE D 80 21.88 -22.69 -12.16
C PHE D 80 22.54 -21.84 -13.26
N ASP D 81 21.72 -21.23 -14.11
CA ASP D 81 22.22 -20.34 -15.16
C ASP D 81 22.26 -18.95 -14.58
N PRO D 82 23.46 -18.35 -14.42
CA PRO D 82 23.62 -17.07 -13.74
C PRO D 82 22.88 -15.88 -14.43
N LEU D 83 22.95 -15.82 -15.76
CA LEU D 83 22.23 -14.78 -16.49
C LEU D 83 20.69 -14.88 -16.31
N GLN D 84 20.15 -16.10 -16.40
CA GLN D 84 18.70 -16.33 -16.14
C GLN D 84 18.33 -16.07 -14.67
N PHE D 85 19.22 -16.38 -13.74
CA PHE D 85 18.99 -16.03 -12.32
C PHE D 85 18.79 -14.56 -12.16
N PHE D 86 19.69 -13.77 -12.72
CA PHE D 86 19.58 -12.31 -12.63
C PHE D 86 18.33 -11.80 -13.31
N ARG D 87 18.07 -12.28 -14.52
CA ARG D 87 16.87 -11.87 -15.28
C ARG D 87 15.56 -12.16 -14.54
N GLN D 88 15.46 -13.39 -14.05
CA GLN D 88 14.18 -13.98 -13.55
C GLN D 88 14.01 -13.86 -12.07
N PHE D 89 15.00 -13.29 -11.41
CA PHE D 89 15.00 -13.26 -9.94
C PHE D 89 13.68 -13.02 -9.23
N PHE D 90 12.93 -11.96 -9.56
CA PHE D 90 11.72 -11.71 -8.88
C PHE D 90 10.65 -12.82 -8.94
N TRP D 91 10.68 -13.62 -10.00
CA TRP D 91 9.76 -14.74 -10.24
C TRP D 91 10.15 -16.03 -9.52
N LEU D 92 11.35 -16.08 -8.99
CA LEU D 92 11.87 -17.30 -8.37
C LEU D 92 11.41 -17.35 -6.90
N GLY D 93 11.28 -18.58 -6.39
CA GLY D 93 10.81 -18.75 -5.04
C GLY D 93 11.17 -20.10 -4.47
N LEU D 94 10.94 -20.20 -3.17
CA LEU D 94 11.00 -21.42 -2.41
C LEU D 94 9.61 -21.64 -1.76
N TYR D 95 8.97 -22.71 -2.17
CA TYR D 95 7.53 -22.93 -1.93
C TYR D 95 7.22 -23.92 -0.84
N PRO D 96 6.14 -23.66 -0.08
CA PRO D 96 5.62 -24.67 0.82
C PRO D 96 5.08 -25.88 0.04
N PRO D 97 4.76 -26.95 0.73
CA PRO D 97 4.32 -28.11 0.00
C PRO D 97 3.07 -27.86 -0.82
N LYS D 98 3.08 -28.41 -2.04
CA LYS D 98 1.93 -28.31 -2.98
C LYS D 98 0.93 -29.44 -2.74
N ALA D 99 1.41 -30.60 -2.34
CA ALA D 99 0.56 -31.73 -1.96
C ALA D 99 0.15 -31.60 -0.50
N GLN D 100 -0.94 -32.26 -0.16
CA GLN D 100 -1.41 -32.26 1.22
C GLN D 100 -0.75 -33.37 2.01
N TYR D 101 0.15 -33.05 2.94
CA TYR D 101 0.78 -34.04 3.76
C TYR D 101 0.32 -33.80 5.21
N GLY D 102 -0.61 -32.88 5.40
CA GLY D 102 -1.03 -32.46 6.73
C GLY D 102 0.10 -31.69 7.41
N MET D 103 0.40 -32.09 8.65
CA MET D 103 1.48 -31.49 9.47
C MET D 103 2.74 -32.35 9.38
N GLY D 104 2.71 -33.33 8.47
CA GLY D 104 3.91 -34.08 8.11
C GLY D 104 5.01 -33.20 7.54
N ILE D 105 6.26 -33.42 8.02
CA ILE D 105 7.45 -32.72 7.47
C ILE D 105 7.55 -33.12 6.01
N PRO D 106 7.42 -32.15 5.13
CA PRO D 106 7.29 -32.56 3.73
C PRO D 106 8.59 -32.99 3.09
N PRO D 107 8.51 -33.68 1.94
CA PRO D 107 9.70 -34.07 1.18
C PRO D 107 10.54 -32.84 0.85
N LEU D 108 11.85 -32.93 0.91
CA LEU D 108 12.71 -31.78 0.56
C LEU D 108 12.30 -31.10 -0.72
N HIS D 109 12.01 -31.90 -1.74
CA HIS D 109 11.63 -31.38 -3.04
C HIS D 109 10.22 -30.77 -3.09
N ASP D 110 9.35 -31.04 -2.11
CA ASP D 110 8.00 -30.41 -2.15
C ASP D 110 7.66 -29.85 -0.77
N GLY D 111 8.40 -28.82 -0.37
CA GLY D 111 8.11 -28.10 0.86
C GLY D 111 9.08 -28.22 2.01
N GLY D 112 9.90 -29.25 1.97
CA GLY D 112 10.91 -29.48 2.99
C GLY D 112 11.97 -28.43 3.14
N TRP D 113 12.61 -28.04 2.03
CA TRP D 113 13.58 -26.97 2.12
C TRP D 113 12.91 -25.66 2.60
N TRP D 114 11.66 -25.45 2.23
CA TRP D 114 10.92 -24.25 2.63
C TRP D 114 10.76 -24.27 4.18
N LEU D 115 10.46 -25.45 4.74
CA LEU D 115 10.24 -25.55 6.20
C LEU D 115 11.56 -25.34 6.95
N MET D 116 12.64 -25.87 6.39
CA MET D 116 13.97 -25.67 6.95
C MET D 116 14.41 -24.18 6.91
N ALA D 117 14.20 -23.51 5.77
CA ALA D 117 14.48 -22.08 5.72
C ALA D 117 13.67 -21.31 6.77
N GLY D 118 12.39 -21.65 6.89
CA GLY D 118 11.50 -21.07 7.93
C GLY D 118 12.00 -21.29 9.35
N LEU D 119 12.48 -22.49 9.66
CA LEU D 119 13.10 -22.74 10.96
C LEU D 119 14.31 -21.78 11.21
N PHE D 120 15.24 -21.72 10.27
CA PHE D 120 16.42 -20.87 10.43
C PHE D 120 16.01 -19.39 10.47
N MET D 121 15.02 -18.99 9.69
CA MET D 121 14.50 -17.60 9.78
C MET D 121 13.91 -17.31 11.19
N THR D 122 13.14 -18.25 11.73
CA THR D 122 12.60 -18.13 13.10
C THR D 122 13.69 -18.02 14.15
N LEU D 123 14.70 -18.88 14.10
CA LEU D 123 15.86 -18.73 14.99
C LEU D 123 16.58 -17.36 14.88
N SER D 124 16.69 -16.85 13.65
CA SER D 124 17.28 -15.53 13.38
C SER D 124 16.46 -14.39 14.02
N LEU D 125 15.16 -14.46 13.87
CA LEU D 125 14.25 -13.42 14.42
C LEU D 125 14.28 -13.47 15.98
N GLY D 126 14.28 -14.67 16.56
CA GLY D 126 14.38 -14.79 18.02
C GLY D 126 15.70 -14.26 18.57
N SER D 127 16.80 -14.54 17.85
CA SER D 127 18.12 -14.04 18.18
C SER D 127 18.17 -12.50 18.12
N TRP D 128 17.69 -11.95 17.02
CA TRP D 128 17.58 -10.49 16.90
C TRP D 128 16.72 -9.84 18.01
N TRP D 129 15.60 -10.48 18.37
CA TRP D 129 14.79 -10.04 19.53
C TRP D 129 15.58 -9.96 20.84
N ILE D 130 16.40 -10.97 21.14
CA ILE D 130 17.21 -10.91 22.30
C ILE D 130 18.19 -9.74 22.24
N ARG D 131 18.77 -9.47 21.07
CA ARG D 131 19.64 -8.29 20.89
C ARG D 131 18.89 -6.98 21.18
N VAL D 132 17.70 -6.84 20.64
CA VAL D 132 16.90 -5.61 20.74
C VAL D 132 16.44 -5.36 22.21
N TYR D 133 16.10 -6.44 22.88
CA TYR D 133 15.71 -6.45 24.28
C TYR D 133 16.91 -6.16 25.18
N SER D 134 17.99 -6.93 24.98
CA SER D 134 19.12 -6.86 25.86
C SER D 134 19.93 -5.57 25.73
N ARG D 135 19.98 -4.97 24.54
CA ARG D 135 20.67 -3.70 24.36
C ARG D 135 19.99 -2.57 25.15
N ALA D 136 18.66 -2.63 25.24
CA ALA D 136 17.85 -1.67 25.99
C ALA D 136 18.22 -1.83 27.48
N ARG D 137 18.22 -3.07 27.95
CA ARG D 137 18.58 -3.32 29.35
C ARG D 137 20.02 -2.92 29.65
N ALA D 138 20.96 -3.26 28.77
CA ALA D 138 22.32 -2.92 29.03
C ALA D 138 22.51 -1.40 29.18
N LEU D 139 21.65 -0.64 28.52
CA LEU D 139 21.76 0.82 28.51
C LEU D 139 20.80 1.50 29.49
N GLY D 140 20.12 0.71 30.31
CA GLY D 140 19.23 1.23 31.35
C GLY D 140 17.99 1.84 30.75
N LEU D 141 17.52 1.28 29.63
CA LEU D 141 16.32 1.80 28.98
C LEU D 141 15.20 0.79 29.20
N GLY D 142 13.98 1.26 29.09
CA GLY D 142 12.81 0.40 29.03
C GLY D 142 12.82 -0.46 27.77
N THR D 143 11.98 -1.50 27.78
CA THR D 143 11.94 -2.51 26.71
C THR D 143 10.81 -2.33 25.73
N HIS D 144 10.33 -1.08 25.60
CA HIS D 144 9.22 -0.79 24.74
C HIS D 144 9.43 -1.21 23.27
N ILE D 145 10.65 -1.00 22.75
CA ILE D 145 10.94 -1.43 21.39
C ILE D 145 10.84 -2.95 21.25
N ALA D 146 11.48 -3.70 22.15
CA ALA D 146 11.37 -5.16 22.10
C ALA D 146 9.92 -5.69 22.10
N TRP D 147 9.03 -5.06 22.88
CA TRP D 147 7.64 -5.53 22.90
C TRP D 147 6.84 -5.21 21.64
N ASN D 148 7.11 -4.07 21.00
CA ASN D 148 6.58 -3.79 19.69
C ASN D 148 7.12 -4.81 18.64
N PHE D 149 8.43 -5.07 18.68
CA PHE D 149 9.07 -6.00 17.78
C PHE D 149 8.48 -7.43 17.98
N ALA D 150 8.21 -7.80 19.24
CA ALA D 150 7.55 -9.07 19.56
C ALA D 150 6.20 -9.27 18.84
N ALA D 151 5.41 -8.21 18.69
CA ALA D 151 4.13 -8.34 17.99
C ALA D 151 4.34 -8.57 16.51
N ALA D 152 5.31 -7.89 15.93
CA ALA D 152 5.66 -8.10 14.53
C ALA D 152 6.14 -9.53 14.25
N ILE D 153 6.99 -10.05 15.13
CA ILE D 153 7.46 -11.44 15.07
C ILE D 153 6.32 -12.43 15.21
N PHE D 154 5.47 -12.24 16.22
CA PHE D 154 4.29 -13.06 16.37
C PHE D 154 3.42 -13.08 15.10
N PHE D 155 3.24 -11.94 14.45
CA PHE D 155 2.48 -11.94 13.20
C PHE D 155 3.13 -12.79 12.11
N VAL D 156 4.43 -12.67 11.94
CA VAL D 156 5.16 -13.54 11.05
C VAL D 156 4.97 -15.01 11.45
N LEU D 157 4.99 -15.32 12.75
CA LEU D 157 4.75 -16.71 13.19
C LEU D 157 3.33 -17.20 12.88
N CYS D 158 2.35 -16.32 12.95
CA CYS D 158 0.97 -16.69 12.61
C CYS D 158 0.83 -17.08 11.16
N ILE D 159 1.34 -16.27 10.23
CA ILE D 159 1.29 -16.63 8.80
C ILE D 159 2.28 -17.73 8.32
N GLY D 160 3.36 -17.89 9.06
CA GLY D 160 4.38 -18.91 8.77
C GLY D 160 4.11 -20.25 9.34
N CYS D 161 3.64 -20.31 10.58
CA CYS D 161 3.44 -21.59 11.19
C CYS D 161 2.26 -21.85 12.11
N ILE D 162 1.72 -20.83 12.78
CA ILE D 162 0.59 -21.02 13.68
C ILE D 162 -0.72 -21.27 12.93
N HIS D 163 -1.05 -20.43 11.93
CA HIS D 163 -2.20 -20.78 11.10
C HIS D 163 -2.04 -22.17 10.45
N PRO D 164 -0.88 -22.47 9.77
CA PRO D 164 -0.70 -23.79 9.23
C PRO D 164 -0.98 -24.90 10.24
N THR D 165 -0.54 -24.70 11.49
CA THR D 165 -0.70 -25.74 12.53
C THR D 165 -2.15 -25.83 12.98
N LEU D 166 -2.83 -24.69 13.09
CA LEU D 166 -4.21 -24.72 13.53
C LEU D 166 -5.16 -25.40 12.55
N VAL D 167 -4.93 -25.23 11.25
CA VAL D 167 -5.74 -25.93 10.24
C VAL D 167 -5.17 -27.31 9.89
N GLY D 168 -3.93 -27.53 10.28
CA GLY D 168 -3.26 -28.76 10.05
C GLY D 168 -2.65 -28.97 8.67
N SER D 169 -2.14 -27.91 8.04
CA SER D 169 -1.48 -28.06 6.73
C SER D 169 -0.37 -27.03 6.47
N TRP D 170 0.85 -27.53 6.33
CA TRP D 170 1.98 -26.66 5.94
C TRP D 170 1.83 -26.04 4.55
N SER D 171 0.93 -26.57 3.72
CA SER D 171 0.65 -26.01 2.37
C SER D 171 0.19 -24.59 2.42
N GLU D 172 -0.25 -24.14 3.59
CA GLU D 172 -0.85 -22.76 3.70
C GLU D 172 0.15 -21.64 4.06
N GLY D 173 1.40 -21.99 4.32
CA GLY D 173 2.44 -21.03 4.62
C GLY D 173 2.81 -20.06 3.49
N VAL D 174 3.56 -19.02 3.84
CA VAL D 174 3.98 -18.03 2.86
C VAL D 174 5.28 -18.46 2.16
N PRO D 175 5.28 -18.45 0.79
CA PRO D 175 6.52 -18.68 0.10
C PRO D 175 7.60 -17.63 0.33
N PHE D 176 8.86 -18.05 0.18
CA PHE D 176 9.96 -17.09 0.00
C PHE D 176 10.12 -16.66 -1.44
N GLY D 177 10.21 -15.36 -1.71
CA GLY D 177 10.53 -14.86 -3.05
C GLY D 177 9.74 -13.60 -3.23
N ILE D 178 10.17 -12.75 -4.15
CA ILE D 178 9.56 -11.42 -4.38
C ILE D 178 8.13 -11.54 -4.88
N TRP D 179 7.95 -12.04 -6.11
CA TRP D 179 6.59 -12.28 -6.59
C TRP D 179 5.89 -13.40 -5.86
N PRO D 180 6.56 -14.51 -5.58
CA PRO D 180 5.85 -15.61 -4.93
C PRO D 180 5.22 -15.34 -3.57
N HIS D 181 5.86 -14.53 -2.71
CA HIS D 181 5.23 -14.20 -1.44
C HIS D 181 4.03 -13.26 -1.64
N ILE D 182 4.09 -12.43 -2.66
CA ILE D 182 3.00 -11.61 -3.08
C ILE D 182 1.83 -12.48 -3.63
N ASP D 183 2.17 -13.46 -4.44
CA ASP D 183 1.13 -14.38 -5.03
C ASP D 183 0.29 -15.03 -3.92
N TRP D 184 0.94 -15.39 -2.80
CA TRP D 184 0.27 -15.94 -1.62
C TRP D 184 -0.87 -15.05 -1.10
N LEU D 185 -0.69 -13.73 -1.10
CA LEU D 185 -1.69 -12.84 -0.54
C LEU D 185 -3.05 -13.10 -1.21
N THR D 186 -3.02 -13.23 -2.51
CA THR D 186 -4.25 -13.47 -3.32
C THR D 186 -4.77 -14.86 -3.17
N ALA D 187 -3.91 -15.87 -3.19
CA ALA D 187 -4.38 -17.20 -2.92
C ALA D 187 -5.05 -17.31 -1.59
N PHE D 188 -4.50 -16.68 -0.56
CA PHE D 188 -5.03 -16.80 0.80
C PHE D 188 -6.34 -16.01 0.86
N SER D 189 -6.35 -14.80 0.32
CA SER D 189 -7.59 -14.04 0.34
C SER D 189 -8.71 -14.82 -0.36
N ILE D 190 -8.41 -15.34 -1.55
CA ILE D 190 -9.38 -16.16 -2.32
C ILE D 190 -9.91 -17.33 -1.53
N ARG D 191 -9.00 -18.15 -1.03
CA ARG D 191 -9.37 -19.31 -0.27
C ARG D 191 -10.32 -19.00 0.88
N TYR D 192 -10.13 -17.86 1.52
CA TYR D 192 -10.89 -17.52 2.73
C TYR D 192 -11.95 -16.44 2.48
N GLY D 193 -12.37 -16.29 1.23
CA GLY D 193 -13.57 -15.53 0.95
C GLY D 193 -13.49 -14.03 1.02
N ASN D 194 -12.35 -13.47 0.61
CA ASN D 194 -12.11 -12.05 0.43
C ASN D 194 -11.73 -11.36 1.75
N PHE D 195 -10.44 -11.10 1.89
CA PHE D 195 -9.93 -10.44 3.13
C PHE D 195 -10.48 -9.03 3.37
N TYR D 196 -11.02 -8.38 2.37
CA TYR D 196 -11.69 -7.11 2.65
C TYR D 196 -12.81 -7.27 3.67
N TYR D 197 -13.39 -8.49 3.78
CA TYR D 197 -14.53 -8.76 4.67
C TYR D 197 -14.10 -9.33 6.04
N CYS D 198 -12.79 -9.40 6.31
CA CYS D 198 -12.28 -9.79 7.62
C CYS D 198 -12.16 -8.53 8.48
N PRO D 199 -12.96 -8.43 9.56
CA PRO D 199 -12.87 -7.25 10.44
C PRO D 199 -11.46 -6.89 10.93
N TRP D 200 -10.65 -7.92 11.20
CA TRP D 200 -9.29 -7.74 11.69
C TRP D 200 -8.35 -7.22 10.63
N HIS D 201 -8.62 -7.54 9.36
CA HIS D 201 -7.94 -6.91 8.26
C HIS D 201 -8.25 -5.41 8.21
N GLY D 202 -9.51 -5.08 8.37
CA GLY D 202 -9.93 -3.71 8.49
C GLY D 202 -9.31 -2.96 9.67
N PHE D 203 -9.33 -3.57 10.86
CA PHE D 203 -8.65 -2.97 12.04
C PHE D 203 -7.16 -2.70 11.75
N SER D 204 -6.47 -3.68 11.21
CA SER D 204 -5.05 -3.56 10.88
C SER D 204 -4.76 -2.42 9.91
N ILE D 205 -5.61 -2.32 8.88
CA ILE D 205 -5.50 -1.21 7.94
C ILE D 205 -5.77 0.14 8.60
N GLY D 206 -6.83 0.23 9.41
CA GLY D 206 -7.10 1.45 10.12
C GLY D 206 -5.92 1.92 10.98
N PHE D 207 -5.26 0.98 11.62
CA PHE D 207 -4.07 1.26 12.42
C PHE D 207 -2.85 1.57 11.53
N ALA D 208 -2.73 0.91 10.38
CA ALA D 208 -1.59 1.15 9.48
C ALA D 208 -1.73 2.50 8.80
N TYR D 209 -2.92 2.79 8.31
CA TYR D 209 -3.22 4.13 7.81
C TYR D 209 -3.06 5.18 8.93
N GLY D 210 -3.54 4.84 10.11
CA GLY D 210 -3.39 5.71 11.24
C GLY D 210 -1.93 6.01 11.63
N CYS D 211 -1.01 5.10 11.40
CA CYS D 211 0.41 5.33 11.65
C CYS D 211 0.89 6.33 10.64
N GLY D 212 0.37 6.23 9.42
CA GLY D 212 0.70 7.19 8.38
C GLY D 212 0.25 8.60 8.78
N LEU D 213 -0.99 8.69 9.25
CA LEU D 213 -1.57 9.93 9.69
C LEU D 213 -0.75 10.50 10.87
N LEU D 214 -0.47 9.64 11.83
CA LEU D 214 0.17 10.07 13.08
C LEU D 214 1.63 10.42 12.86
N PHE D 215 2.39 9.67 12.03
CA PHE D 215 3.77 10.06 11.82
C PHE D 215 3.86 11.34 10.99
N ALA D 216 3.00 11.50 10.00
CA ALA D 216 2.91 12.78 9.24
C ALA D 216 2.63 13.94 10.17
N ALA D 217 1.63 13.78 11.02
CA ALA D 217 1.16 14.85 11.92
C ALA D 217 2.22 15.16 12.98
N HIS D 218 2.74 14.13 13.63
CA HIS D 218 3.74 14.32 14.68
C HIS D 218 5.10 14.79 14.13
N GLY D 219 5.52 14.19 13.03
CA GLY D 219 6.74 14.58 12.32
C GLY D 219 6.69 16.02 11.94
N ALA D 220 5.60 16.39 11.28
CA ALA D 220 5.37 17.79 10.96
C ALA D 220 5.24 18.73 12.19
N THR D 221 4.53 18.31 13.22
CA THR D 221 4.42 19.11 14.46
C THR D 221 5.77 19.43 15.05
N ILE D 222 6.63 18.44 15.22
CA ILE D 222 7.93 18.72 15.78
C ILE D 222 8.79 19.60 14.88
N LEU D 223 8.73 19.43 13.57
CA LEU D 223 9.46 20.30 12.67
C LEU D 223 8.92 21.71 12.84
N ALA D 224 7.60 21.83 12.97
CA ALA D 224 6.97 23.13 13.10
C ALA D 224 7.39 23.91 14.37
N VAL D 225 7.79 23.17 15.40
CA VAL D 225 8.27 23.72 16.71
C VAL D 225 9.79 23.47 16.96
N ALA D 226 10.50 23.15 15.89
CA ALA D 226 11.94 22.96 15.95
C ALA D 226 12.65 24.24 16.37
N ARG D 227 12.12 25.41 15.98
CA ARG D 227 12.68 26.67 16.41
C ARG D 227 12.71 26.86 17.93
N PHE D 228 11.91 26.07 18.66
CA PHE D 228 11.83 26.14 20.11
C PHE D 228 12.47 24.92 20.76
N GLY D 229 13.18 24.13 19.96
CA GLY D 229 13.83 22.92 20.47
C GLY D 229 12.87 21.79 20.79
N GLY D 230 11.76 21.69 20.06
CA GLY D 230 10.78 20.62 20.26
C GLY D 230 11.34 19.21 20.04
N ASP D 231 12.39 19.11 19.24
CA ASP D 231 13.08 17.86 18.98
C ASP D 231 13.77 17.25 20.19
N ARG D 232 14.07 18.05 21.19
CA ARG D 232 14.70 17.59 22.41
C ARG D 232 13.60 17.04 23.35
N GLU D 233 13.03 15.93 22.90
CA GLU D 233 11.74 15.49 23.44
C GLU D 233 11.83 15.01 24.88
N ILE D 234 12.97 14.43 25.26
CA ILE D 234 13.12 13.89 26.60
C ILE D 234 13.04 14.99 27.67
N GLU D 235 13.69 16.14 27.44
CA GLU D 235 13.60 17.24 28.42
C GLU D 235 12.33 18.07 28.27
N GLN D 236 11.66 17.99 27.12
CA GLN D 236 10.32 18.55 27.00
C GLN D 236 9.30 17.75 27.84
N ILE D 237 9.55 16.46 28.00
CA ILE D 237 8.72 15.59 28.84
C ILE D 237 8.93 15.93 30.33
N THR D 238 10.19 16.02 30.76
CA THR D 238 10.48 16.24 32.16
C THR D 238 10.38 17.71 32.57
N ASP D 239 10.41 18.62 31.59
CA ASP D 239 10.36 20.07 31.85
C ASP D 239 9.74 20.80 30.67
N ARG D 240 8.41 20.73 30.60
CA ARG D 240 7.62 21.31 29.53
C ARG D 240 8.04 22.69 29.07
N GLY D 241 8.31 22.85 27.77
CA GLY D 241 8.71 24.16 27.23
C GLY D 241 7.69 24.66 26.25
N THR D 242 7.91 25.87 25.74
CA THR D 242 6.96 26.47 24.82
C THR D 242 6.77 25.66 23.54
N ALA D 243 7.81 24.89 23.13
CA ALA D 243 7.68 24.03 21.94
C ALA D 243 6.42 23.14 22.00
N VAL D 244 6.26 22.43 23.11
CA VAL D 244 5.18 21.44 23.23
C VAL D 244 3.91 22.01 23.82
N GLU D 245 3.99 23.20 24.43
CA GLU D 245 2.78 24.00 24.68
C GLU D 245 2.11 24.42 23.36
N ARG D 246 2.91 24.95 22.42
CA ARG D 246 2.38 25.33 21.11
C ARG D 246 1.92 24.13 20.31
N ALA D 247 2.66 23.01 20.39
CA ALA D 247 2.26 21.82 19.71
C ALA D 247 0.89 21.35 20.19
N ALA D 248 0.69 21.32 21.50
CA ALA D 248 -0.61 20.88 22.07
C ALA D 248 -1.77 21.83 21.70
N LEU D 249 -1.48 23.11 21.68
CA LEU D 249 -2.50 24.09 21.37
C LEU D 249 -2.83 24.08 19.89
N PHE D 250 -1.85 23.80 19.03
CA PHE D 250 -2.17 23.65 17.60
C PHE D 250 -3.25 22.58 17.45
N TRP D 251 -3.03 21.42 18.08
CA TRP D 251 -4.01 20.33 17.98
C TRP D 251 -5.29 20.62 18.75
N ARG D 252 -5.19 21.22 19.93
CA ARG D 252 -6.38 21.48 20.70
C ARG D 252 -7.30 22.40 19.94
N TRP D 253 -6.71 23.41 19.28
CA TRP D 253 -7.49 24.44 18.55
C TRP D 253 -8.04 23.89 17.22
N THR D 254 -7.39 22.86 16.68
CA THR D 254 -7.79 22.27 15.41
C THR D 254 -8.89 21.20 15.63
N ILE D 255 -8.60 20.20 16.44
CA ILE D 255 -9.50 19.08 16.63
C ILE D 255 -10.24 19.08 17.94
N GLY D 256 -9.91 20.00 18.85
CA GLY D 256 -10.63 20.20 20.10
C GLY D 256 -10.12 19.40 21.28
N PHE D 257 -9.05 18.66 21.08
CA PHE D 257 -8.37 17.90 22.14
C PHE D 257 -6.90 17.72 21.76
N ASN D 258 -6.07 17.23 22.68
CA ASN D 258 -4.65 17.13 22.39
C ASN D 258 -3.98 16.11 23.26
N ALA D 259 -2.71 15.87 22.94
CA ALA D 259 -1.90 14.94 23.68
C ALA D 259 -0.82 15.75 24.47
N THR D 260 0.10 15.05 25.09
CA THR D 260 1.32 15.65 25.63
C THR D 260 2.48 15.15 24.79
N ILE D 261 3.66 15.73 24.97
CA ILE D 261 4.80 15.25 24.18
C ILE D 261 5.17 13.83 24.57
N GLU D 262 4.96 13.41 25.80
CA GLU D 262 5.18 11.99 26.12
C GLU D 262 4.06 11.10 25.53
N SER D 263 2.80 11.51 25.73
CA SER D 263 1.68 10.63 25.37
C SER D 263 1.50 10.43 23.87
N VAL D 264 1.90 11.38 23.03
CA VAL D 264 1.83 11.17 21.56
C VAL D 264 2.66 9.97 21.12
N HIS D 265 3.75 9.71 21.83
CA HIS D 265 4.58 8.55 21.58
C HIS D 265 3.93 7.25 22.00
N ARG D 266 3.08 7.32 23.03
CA ARG D 266 2.21 6.18 23.41
C ARG D 266 1.16 5.89 22.32
N TRP D 267 0.53 6.93 21.79
CA TRP D 267 -0.42 6.79 20.69
C TRP D 267 0.25 6.14 19.52
N GLY D 268 1.42 6.64 19.15
CA GLY D 268 2.13 6.03 18.02
C GLY D 268 2.61 4.61 18.24
N TRP D 269 3.14 4.34 19.43
CA TRP D 269 3.53 2.97 19.75
C TRP D 269 2.33 2.01 19.73
N PHE D 270 1.22 2.44 20.29
CA PHE D 270 0.02 1.61 20.35
C PHE D 270 -0.51 1.37 18.94
N PHE D 271 -0.59 2.40 18.10
CA PHE D 271 -1.08 2.19 16.73
C PHE D 271 -0.24 1.20 15.94
N SER D 272 1.06 1.30 16.11
CA SER D 272 2.01 0.45 15.42
C SER D 272 1.82 -0.97 15.92
N LEU D 273 1.84 -1.13 17.23
CA LEU D 273 1.58 -2.46 17.88
C LEU D 273 0.29 -3.10 17.32
N MET D 274 -0.77 -2.30 17.18
CA MET D 274 -2.04 -2.82 16.80
C MET D 274 -2.19 -3.20 15.37
N VAL D 275 -1.34 -2.70 14.48
CA VAL D 275 -1.31 -3.23 13.12
C VAL D 275 -1.06 -4.73 13.16
N MET D 276 -0.07 -5.07 13.94
CA MET D 276 0.39 -6.45 14.10
C MET D 276 -0.52 -7.33 14.97
N VAL D 277 -1.03 -6.77 16.08
CA VAL D 277 -1.94 -7.51 16.96
C VAL D 277 -3.24 -7.80 16.19
N SER D 278 -3.84 -6.78 15.56
CA SER D 278 -5.06 -6.99 14.75
C SER D 278 -4.86 -8.02 13.62
N ALA D 279 -3.73 -7.97 12.91
CA ALA D 279 -3.47 -8.84 11.78
C ALA D 279 -3.37 -10.28 12.30
N SER D 280 -2.71 -10.43 13.44
CA SER D 280 -2.49 -11.75 14.05
C SER D 280 -3.82 -12.39 14.47
N VAL D 281 -4.68 -11.61 15.13
CA VAL D 281 -5.98 -12.13 15.54
C VAL D 281 -6.82 -12.54 14.29
N GLY D 282 -6.84 -11.71 13.26
CA GLY D 282 -7.52 -12.09 12.01
C GLY D 282 -7.03 -13.42 11.45
N ILE D 283 -5.70 -13.59 11.40
CA ILE D 283 -5.09 -14.82 10.90
C ILE D 283 -5.42 -16.03 11.75
N LEU D 284 -5.36 -15.87 13.07
CA LEU D 284 -5.71 -16.94 13.98
C LEU D 284 -7.17 -17.43 13.85
N LEU D 285 -8.11 -16.51 13.58
CA LEU D 285 -9.52 -16.85 13.31
C LEU D 285 -9.76 -17.45 11.94
N THR D 286 -8.92 -17.12 10.96
CA THR D 286 -9.10 -17.58 9.58
C THR D 286 -8.82 -19.07 9.43
N GLY D 287 -9.78 -19.84 8.89
CA GLY D 287 -9.61 -21.27 8.69
C GLY D 287 -9.97 -22.09 9.92
N THR D 288 -9.63 -21.56 11.08
CA THR D 288 -9.92 -22.15 12.35
C THR D 288 -11.43 -22.04 12.63
N PHE D 289 -11.95 -20.81 12.56
CA PHE D 289 -13.32 -20.53 12.95
C PHE D 289 -14.13 -19.75 11.92
N VAL D 290 -13.48 -19.28 10.85
CA VAL D 290 -14.20 -18.68 9.73
C VAL D 290 -13.60 -19.24 8.42
N ASP D 291 -14.46 -19.73 7.52
CA ASP D 291 -14.01 -20.25 6.20
C ASP D 291 -14.17 -19.25 5.04
N ASN D 292 -15.11 -18.34 5.15
CA ASN D 292 -15.39 -17.39 4.05
C ASN D 292 -15.84 -16.09 4.70
N TRP D 293 -14.94 -15.10 4.72
CA TRP D 293 -15.22 -13.84 5.39
C TRP D 293 -16.43 -13.06 4.81
N TYR D 294 -16.54 -13.03 3.49
CA TYR D 294 -17.69 -12.37 2.85
C TYR D 294 -19.01 -13.02 3.34
N LEU D 295 -19.04 -14.33 3.39
CA LEU D 295 -20.28 -15.02 3.79
C LEU D 295 -20.55 -14.90 5.30
N TRP D 296 -19.51 -14.82 6.10
CA TRP D 296 -19.64 -14.52 7.53
C TRP D 296 -20.29 -13.12 7.71
N CYS D 297 -19.89 -12.17 6.88
CA CYS D 297 -20.53 -10.85 6.90
C CYS D 297 -21.98 -10.83 6.42
N VAL D 298 -22.28 -11.58 5.37
CA VAL D 298 -23.65 -11.80 4.94
C VAL D 298 -24.47 -12.43 6.08
N LYS D 299 -23.91 -13.45 6.72
CA LYS D 299 -24.55 -14.10 7.87
C LYS D 299 -24.94 -13.08 8.95
N HIS D 300 -24.08 -12.11 9.22
CA HIS D 300 -24.31 -11.13 10.26
C HIS D 300 -24.90 -9.82 9.70
N GLY D 301 -25.37 -9.83 8.45
CA GLY D 301 -26.12 -8.71 7.88
C GLY D 301 -25.35 -7.44 7.57
N ALA D 302 -24.04 -7.54 7.41
CA ALA D 302 -23.19 -6.39 7.25
C ALA D 302 -22.79 -6.09 5.78
N ALA D 303 -22.83 -7.07 4.90
CA ALA D 303 -22.25 -6.93 3.53
C ALA D 303 -23.15 -6.05 2.67
N PRO D 304 -22.57 -5.09 1.92
CA PRO D 304 -23.36 -4.33 0.97
C PRO D 304 -23.87 -5.21 -0.18
N ASP D 305 -25.01 -4.86 -0.73
CA ASP D 305 -25.54 -5.58 -1.90
C ASP D 305 -25.85 -4.52 -2.94
N TYR D 306 -25.81 -4.91 -4.20
CA TYR D 306 -26.05 -3.99 -5.31
C TYR D 306 -27.07 -4.57 -6.31
N PRO D 307 -27.82 -3.69 -6.97
CA PRO D 307 -28.64 -4.15 -8.09
C PRO D 307 -27.87 -4.81 -9.20
N ALA D 308 -28.54 -5.72 -9.92
CA ALA D 308 -27.92 -6.33 -11.07
C ALA D 308 -27.73 -5.19 -12.08
N TYR D 309 -26.64 -5.25 -12.82
CA TYR D 309 -26.41 -4.33 -13.94
C TYR D 309 -26.61 -5.17 -15.21
N LEU D 310 -25.68 -6.08 -15.51
CA LEU D 310 -25.98 -7.14 -16.44
C LEU D 310 -26.90 -8.14 -15.69
N PRO D 311 -27.71 -8.93 -16.43
CA PRO D 311 -28.67 -9.81 -15.77
C PRO D 311 -28.04 -10.82 -14.82
N ALA D 312 -28.72 -11.07 -13.69
CA ALA D 312 -28.31 -12.08 -12.76
C ALA D 312 -28.11 -13.43 -13.48
N THR D 313 -27.03 -14.12 -13.13
CA THR D 313 -26.58 -15.24 -13.88
C THR D 313 -26.55 -16.51 -13.00
N PRO D 314 -27.50 -17.43 -13.23
CA PRO D 314 -27.49 -18.67 -12.45
C PRO D 314 -26.25 -19.51 -12.69
N ASP D 315 -25.84 -20.20 -11.64
CA ASP D 315 -24.71 -21.14 -11.72
C ASP D 315 -25.07 -22.26 -12.70
N PRO D 316 -24.39 -22.34 -13.85
CA PRO D 316 -24.73 -23.34 -14.81
C PRO D 316 -24.43 -24.77 -14.32
N ALA D 317 -23.59 -24.92 -13.29
CA ALA D 317 -23.27 -26.24 -12.70
C ALA D 317 -24.53 -26.87 -12.09
N SER D 318 -25.52 -26.03 -11.77
CA SER D 318 -26.77 -26.52 -11.20
C SER D 318 -27.83 -26.86 -12.20
N LEU D 319 -27.60 -26.57 -13.46
CA LEU D 319 -28.59 -26.82 -14.49
C LEU D 319 -28.80 -28.31 -14.70
N PRO D 320 -30.02 -28.67 -15.08
CA PRO D 320 -30.36 -30.09 -15.24
C PRO D 320 -29.57 -30.68 -16.39
N GLY D 321 -28.79 -31.71 -16.06
CA GLY D 321 -28.01 -32.43 -17.04
C GLY D 321 -26.71 -31.78 -17.40
N ALA D 322 -26.28 -30.79 -16.61
CA ALA D 322 -25.03 -30.07 -16.90
C ALA D 322 -23.92 -31.02 -16.55
N PRO D 323 -22.81 -30.96 -17.28
CA PRO D 323 -21.71 -31.78 -16.86
C PRO D 323 -21.15 -31.40 -15.49
N LYS D 324 -20.34 -32.27 -14.92
CA LYS D 324 -19.61 -31.93 -13.73
C LYS D 324 -18.48 -30.97 -14.11
FE HEC E . -11.03 -33.61 -49.97
CHA HEC E . -12.98 -36.45 -49.60
CHB HEC E . -11.97 -33.41 -53.23
CHC HEC E . -9.17 -30.63 -50.33
CHD HEC E . -9.91 -33.90 -46.83
NA HEC E . -12.32 -34.74 -51.17
C1A HEC E . -12.88 -35.92 -50.86
C2A HEC E . -13.43 -36.51 -52.11
C3A HEC E . -13.14 -35.64 -53.11
C4A HEC E . -12.45 -34.51 -52.54
CMA HEC E . -13.54 -35.84 -54.64
CAA HEC E . -14.18 -37.84 -52.21
CBA HEC E . -13.31 -38.87 -52.89
CGA HEC E . -13.89 -40.23 -52.81
O1A HEC E . -14.10 -40.72 -51.67
O2A HEC E . -14.15 -40.84 -53.91
NB HEC E . -10.62 -32.27 -51.48
C1B HEC E . -11.17 -32.39 -52.77
C2B HEC E . -10.75 -31.23 -53.50
C3B HEC E . -9.97 -30.46 -52.71
C4B HEC E . -9.88 -31.10 -51.43
CMB HEC E . -11.11 -30.91 -55.00
CAB HEC E . -9.28 -29.11 -52.97
CBB HEC E . -10.08 -28.15 -53.43
NC HEC E . -9.77 -32.41 -48.81
C1C HEC E . -9.05 -31.31 -49.16
C2C HEC E . -8.21 -30.96 -48.00
C3C HEC E . -8.43 -31.87 -47.03
C4C HEC E . -9.43 -32.82 -47.54
CMC HEC E . -7.24 -29.80 -48.05
CAC HEC E . -7.74 -31.96 -45.60
CBC HEC E . -7.85 -30.82 -44.88
ND HEC E . -11.37 -35.00 -48.48
C1D HEC E . -10.90 -34.79 -47.17
C2D HEC E . -11.56 -35.67 -46.26
C3D HEC E . -12.53 -36.48 -47.12
C4D HEC E . -12.34 -35.99 -48.48
CMD HEC E . -11.38 -35.84 -44.74
CAD HEC E . -13.53 -37.55 -46.65
CBD HEC E . -14.72 -36.73 -46.14
CGD HEC E . -15.74 -37.61 -45.47
O1D HEC E . -15.43 -38.72 -45.10
O2D HEC E . -16.86 -37.15 -45.29
FE HEC F . -7.81 -28.94 -37.10
CHA HEC F . -4.70 -30.63 -36.69
CHB HEC F . -7.97 -30.01 -40.25
CHC HEC F . -11.09 -27.63 -37.36
CHD HEC F . -7.54 -27.63 -34.03
NA HEC F . -6.58 -30.11 -38.15
C1A HEC F . -5.33 -30.62 -37.92
C2A HEC F . -4.79 -31.20 -39.16
C3A HEC F . -5.70 -31.04 -40.12
C4A HEC F . -6.84 -30.37 -39.54
CMA HEC F . -5.52 -31.51 -41.61
CAA HEC F . -3.37 -31.87 -39.23
CBA HEC F . -2.36 -30.76 -39.49
CGA HEC F . -0.98 -31.32 -39.44
O1A HEC F . -0.32 -31.21 -40.52
O2A HEC F . -0.56 -31.88 -38.38
NB HEC F . -9.34 -28.84 -38.59
C1B HEC F . -9.14 -29.42 -39.80
C2B HEC F . -10.37 -29.21 -40.58
C3B HEC F . -11.24 -28.55 -39.78
C4B HEC F . -10.57 -28.27 -38.47
CMB HEC F . -10.58 -29.75 -42.04
CAB HEC F . -12.70 -28.13 -40.05
CBB HEC F . -13.58 -29.09 -40.49
NC HEC F . -9.14 -27.84 -35.90
C1C HEC F . -10.39 -27.33 -36.19
C2C HEC F . -10.82 -26.53 -35.07
C3C HEC F . -9.82 -26.54 -34.15
C4C HEC F . -8.75 -27.36 -34.65
CMC HEC F . -12.21 -25.85 -35.07
CAC HEC F . -9.75 -25.78 -32.76
CBC HEC F . -10.73 -26.11 -31.87
ND HEC F . -6.29 -29.10 -35.63
C1D HEC F . -6.54 -28.50 -34.40
C2D HEC F . -5.46 -28.93 -33.49
C3D HEC F . -4.62 -29.88 -34.29
C4D HEC F . -5.20 -29.92 -35.62
CMD HEC F . -5.25 -28.51 -31.99
CAD HEC F . -3.37 -30.68 -33.88
CBD HEC F . -2.14 -29.93 -34.29
CGD HEC F . -1.59 -30.31 -35.68
O1D HEC F . -1.37 -29.35 -36.44
O2D HEC F . -1.41 -31.50 -36.02
FE HEC G . -12.78 -16.57 -12.59
CHA HEC G . -13.91 -19.40 -10.94
CHB HEC G . -11.08 -15.65 -9.77
CHC HEC G . -11.19 -14.06 -14.36
CHD HEC G . -14.78 -17.21 -15.16
NA HEC G . -12.52 -17.40 -10.71
C1A HEC G . -13.12 -18.53 -10.20
C2A HEC G . -12.72 -18.67 -8.85
C3A HEC G . -11.92 -17.62 -8.51
C4A HEC G . -11.80 -16.79 -9.67
CMA HEC G . -11.28 -17.36 -7.11
CAA HEC G . -13.18 -19.85 -7.93
CBA HEC G . -14.57 -19.64 -7.42
CGA HEC G . -15.04 -20.70 -6.46
O1A HEC G . -14.21 -21.36 -5.78
O2A HEC G . -16.27 -20.93 -6.46
NB HEC G . -11.38 -15.09 -12.13
C1B HEC G . -10.79 -14.92 -10.88
C2B HEC G . -9.78 -13.92 -11.01
C3B HEC G . -9.82 -13.49 -12.29
C4B HEC G . -10.86 -14.23 -13.02
CMB HEC G . -8.86 -13.40 -9.85
CAB HEC G . -8.94 -12.45 -13.01
CBB HEC G . -7.59 -12.59 -12.81
NC HEC G . -12.93 -15.75 -14.43
C1C HEC G . -12.23 -14.69 -14.99
C2C HEC G . -12.82 -14.35 -16.26
C3C HEC G . -13.85 -15.22 -16.46
C4C HEC G . -13.88 -16.16 -15.33
CMC HEC G . -12.32 -13.19 -17.17
CAC HEC G . -14.81 -15.33 -17.65
CBC HEC G . -14.34 -15.25 -18.93
ND HEC G . -14.23 -18.05 -12.95
C1D HEC G . -14.82 -18.16 -14.19
C2D HEC G . -15.62 -19.37 -14.24
C3D HEC G . -15.35 -20.06 -12.93
C4D HEC G . -14.41 -19.20 -12.20
CMD HEC G . -16.48 -19.88 -15.43
CAD HEC G . -15.93 -21.40 -12.46
CBD HEC G . -15.23 -22.54 -13.17
CGD HEC G . -15.77 -23.89 -12.84
O1D HEC G . -16.59 -24.01 -11.90
O2D HEC G . -15.31 -24.87 -13.49
FE HEC H . -15.18 -19.13 -26.08
CHA HEC H . -17.76 -16.85 -26.71
CHB HEC H . -14.93 -17.88 -22.90
CHC HEC H . -12.76 -21.50 -25.37
CHD HEC H . -15.39 -20.29 -29.23
NA HEC H . -16.11 -17.68 -25.07
C1A HEC H . -17.16 -16.82 -25.45
C2A HEC H . -17.49 -15.92 -24.41
C3A HEC H . -16.71 -16.22 -23.35
C4A HEC H . -15.82 -17.27 -23.74
CMA HEC H . -16.70 -15.53 -21.95
CAA HEC H . -18.61 -14.82 -24.50
CBA HEC H . -18.15 -13.44 -24.93
CGA HEC H . -19.31 -12.48 -24.93
O1A HEC H . -20.45 -12.97 -24.83
O2A HEC H . -19.11 -11.24 -25.03
NB HEC H . -14.03 -19.61 -24.42
C1B HEC H . -14.12 -18.95 -23.20
C2B HEC H . -13.21 -19.63 -22.30
C3B HEC H . -12.62 -20.63 -22.96
C4B HEC H . -13.10 -20.64 -24.35
CMB HEC H . -13.00 -19.23 -20.79
CAB HEC H . -11.57 -21.66 -22.48
CBB HEC H . -11.88 -22.34 -21.34
NC HEC H . -14.28 -20.51 -27.04
C1C HEC H . -13.30 -21.44 -26.62
C2C HEC H . -12.85 -22.22 -27.74
C3C HEC H . -13.58 -21.87 -28.81
C4C HEC H . -14.46 -20.86 -28.40
CMC HEC H . -11.72 -23.30 -27.69
CAC HEC H . -13.47 -22.52 -30.24
CBC HEC H . -13.66 -23.87 -30.42
ND HEC H . -16.34 -18.64 -27.70
C1D HEC H . -16.26 -19.33 -28.90
C2D HEC H . -17.27 -18.81 -29.82
C3D HEC H . -17.99 -17.74 -29.03
C4D HEC H . -17.37 -17.71 -27.71
CMD HEC H . -17.53 -19.22 -31.30
CAD HEC H . -19.11 -16.82 -29.54
CBD HEC H . -20.43 -17.21 -28.93
CGD HEC H . -21.36 -16.01 -28.99
O1D HEC H . -21.14 -15.11 -29.84
O2D HEC H . -22.27 -15.95 -28.09
MG BCB I . -3.56 -1.50 -2.32
CHA BCB I . -3.69 1.80 -3.16
CHB BCB I . -1.72 -0.74 0.36
CHC BCB I . -3.37 -4.90 -1.70
CHD BCB I . -6.00 -2.19 -4.82
NA BCB I . -2.86 0.25 -1.47
C1A BCB I . -2.89 1.48 -2.00
C2A BCB I . -2.13 2.55 -1.18
C3A BCB I . -1.93 1.77 0.11
C4A BCB I . -2.20 0.34 -0.31
CMA BCB I . -0.52 2.04 0.73
CAA BCB I . -2.77 3.95 -0.99
CBA BCB I . -4.12 3.93 -0.28
CGA BCB I . -4.93 5.17 -0.61
O1A BCB I . -5.01 5.64 -1.70
O2A BCB I . -5.63 5.74 0.42
NB BCB I . -2.73 -2.61 -0.88
C1B BCB I . -1.97 -2.14 0.15
C2B BCB I . -1.33 -3.19 0.97
C3B BCB I . -1.84 -4.41 0.36
C4B BCB I . -2.65 -3.97 -0.77
CMB BCB I . -0.41 -3.06 2.22
CAB BCB I . -1.54 -5.81 0.82
OBB BCB I . -1.74 -6.75 0.05
CBB BCB I . -0.93 -6.07 2.18
NC BCB I . -4.49 -3.17 -3.08
C1C BCB I . -4.29 -4.49 -2.77
C2C BCB I . -4.92 -5.63 -3.59
C3C BCB I . -5.82 -4.67 -4.28
C4C BCB I . -5.40 -3.30 -4.07
CMC BCB I . -3.90 -6.16 -4.59
CAC BCB I . -6.98 -5.10 -5.06
CBC BCB I . -7.46 -6.51 -5.18
ND BCB I . -4.70 -0.49 -3.64
C1D BCB I . -5.54 -0.88 -4.63
C2D BCB I . -5.98 0.21 -5.49
C3D BCB I . -5.22 1.34 -4.97
C4D BCB I . -4.48 0.82 -3.90
CMD BCB I . -6.89 0.26 -6.71
CAD BCB I . -4.82 2.72 -4.97
OBD BCB I . -5.31 3.47 -5.93
CBD BCB I . -3.86 3.08 -3.91
CGD BCB I . -2.52 3.31 -4.59
O1D BCB I . -1.73 4.20 -4.29
O2D BCB I . -2.18 2.45 -5.68
CED BCB I . -0.96 2.65 -6.40
C1 BCB I . -6.37 6.95 0.06
C2 BCB I . -6.78 7.59 1.32
C3 BCB I . -7.27 8.82 1.27
C4 BCB I . -7.36 9.53 -0.09
C5 BCB I . -7.69 9.49 2.56
C6 BCB I . -8.13 10.95 2.38
C7 BCB I . -8.40 11.66 3.72
C8 BCB I . -9.14 13.02 3.60
C9 BCB I . -8.15 14.08 3.09
C10 BCB I . -9.70 13.32 4.99
C11 BCB I . -10.91 12.47 5.37
C12 BCB I . -11.66 13.02 6.56
C13 BCB I . -12.94 12.26 6.94
C14 BCB I . -14.07 12.35 5.90
C15 BCB I . -13.27 12.88 8.31
C16 BCB I . -14.24 12.13 9.18
C17 BCB I . -14.59 12.95 10.44
C18 BCB I . -14.13 12.33 11.75
C19 BCB I . -14.19 13.36 12.85
C20 BCB I . -12.79 11.60 11.76
MG BCB J . -10.82 3.69 3.28
CHA BCB J . -10.77 1.34 5.69
CHB BCB J . -12.33 5.85 5.50
CHC BCB J . -10.40 6.27 0.95
CHD BCB J . -8.97 1.66 1.12
NA BCB J . -11.49 3.61 5.20
C1A BCB J . -11.35 2.64 6.05
C2A BCB J . -11.82 2.96 7.47
C3A BCB J . -12.72 4.14 7.19
C4A BCB J . -12.19 4.59 5.87
CMA BCB J . -14.20 3.70 7.04
CAA BCB J . -10.68 3.23 8.49
CBA BCB J . -9.68 4.20 7.92
CGA BCB J . -8.75 4.69 9.00
O1A BCB J . -8.79 4.33 10.19
O2A BCB J . -7.73 5.52 8.51
NB BCB J . -11.25 5.68 3.25
C1B BCB J . -11.87 6.40 4.25
C2B BCB J . -12.10 7.82 3.96
C3B BCB J . -11.52 7.91 2.62
C4B BCB J . -11.03 6.57 2.27
CMB BCB J . -12.76 8.85 4.90
CAB BCB J . -11.41 9.12 1.77
OBB BCB J . -10.77 9.12 0.76
CBB BCB J . -12.08 10.41 2.24
NC BCB J . -9.87 3.93 1.45
C1C BCB J . -9.84 4.97 0.56
C2C BCB J . -9.42 4.85 -0.87
C3C BCB J . -8.75 3.59 -0.58
C4C BCB J . -9.18 3.03 0.69
CMC BCB J . -10.62 4.59 -1.80
CAC BCB J . -7.76 2.94 -1.47
CBC BCB J . -7.41 3.43 -2.88
ND BCB J . -9.87 1.92 3.39
C1D BCB J . -9.41 1.16 2.39
C2D BCB J . -9.12 -0.19 2.85
C3D BCB J . -9.69 -0.23 4.20
C4D BCB J . -10.18 1.09 4.38
CMD BCB J . -8.57 -1.45 2.19
CAD BCB J . -10.12 -0.85 5.45
OBD BCB J . -9.93 -2.11 5.64
CBD BCB J . -10.70 0.06 6.44
CGD BCB J . -12.03 -0.42 6.89
O1D BCB J . -12.12 -0.99 7.95
O2D BCB J . -13.12 -0.17 6.04
CED BCB J . -14.43 -0.69 6.42
C1 BCB J . -6.76 6.14 9.40
C2 BCB J . -7.41 7.28 10.13
C3 BCB J . -7.68 7.29 11.43
C4 BCB J . -7.37 6.16 12.35
C5 BCB J . -8.39 8.48 12.01
C6 BCB J . -9.91 8.18 12.14
C7 BCB J . -10.63 8.18 10.81
C8 BCB J . -12.07 7.65 10.83
C9 BCB J . -12.14 6.19 11.20
C10 BCB J . -12.74 7.89 9.49
C11 BCB J . -14.25 7.57 9.53
C12 BCB J . -14.91 7.97 8.23
C13 BCB J . -16.38 7.58 8.25
C14 BCB J . -16.83 6.74 7.07
C15 BCB J . -17.19 8.84 8.30
C16 BCB J . -17.40 9.49 6.95
C17 BCB J . -17.65 10.97 7.27
C18 BCB J . -19.05 11.23 7.77
C19 BCB J . -19.87 11.80 6.62
C20 BCB J . -19.01 12.23 8.93
C1 BPB K . -12.92 18.51 7.93
C2 BPB K . -14.00 17.61 7.34
C3 BPB K . -14.79 16.87 8.15
C4 BPB K . -14.60 16.91 9.63
C5 BPB K . -15.90 15.96 7.64
C6 BPB K . -16.16 16.11 6.16
C7 BPB K . -17.41 15.30 5.76
C8 BPB K . -17.71 15.38 4.27
C9 BPB K . -18.35 16.72 3.85
NA BPB K . -7.09 12.99 8.35
NB BPB K . -6.62 10.45 7.03
NC BPB K . -3.68 11.23 6.43
ND BPB K . -4.03 13.48 7.83
C10 BPB K . -18.66 14.25 3.87
C11 BPB K . -17.97 12.88 3.73
C12 BPB K . -17.31 12.73 2.37
C13 BPB K . -16.34 11.54 2.37
C14 BPB K . -15.57 11.61 1.08
C15 BPB K . -17.08 10.21 2.53
C16 BPB K . -16.09 9.01 2.66
C17 BPB K . -16.83 7.77 3.14
C18 BPB K . -16.19 6.37 2.95
C19 BPB K . -14.83 6.32 2.28
C1A BPB K . -7.02 14.15 8.92
O1A BPB K . -10.87 17.13 7.04
C1B BPB K . -7.91 10.26 7.36
C1C BPB K . -3.80 10.06 5.78
C1D BPB K . -2.72 13.76 7.60
O1D BPB K . -6.89 17.10 11.68
C20 BPB K . -16.34 5.50 4.17
C2A BPB K . -8.34 14.59 9.50
O2A BPB K . -12.08 17.78 8.85
C2B BPB K . -8.48 9.00 6.81
C2C BPB K . -2.52 9.68 5.09
C2D BPB K . -2.30 15.01 8.22
O2D BPB K . -5.67 15.20 11.95
C3A BPB K . -9.08 13.26 9.60
C3B BPB K . -7.35 8.44 6.08
C3C BPB K . -1.56 10.77 5.51
C3D BPB K . -3.51 15.56 8.85
C4A BPB K . -8.26 12.40 8.68
C4B BPB K . -6.22 9.41 6.28
C4C BPB K . -2.45 11.66 6.30
C4D BPB K . -4.48 14.61 8.53
CAA BPB K . -8.98 15.58 8.56
CAB BPB K . -7.35 7.15 5.33
CAC BPB K . -0.56 11.32 4.51
CAD BPB K . -4.23 16.60 9.62
CBA BPB K . -10.30 16.05 9.15
CBB BPB K . -6.03 6.66 5.11
OBB BPB K . -8.43 6.48 4.94
CBC BPB K . 0.32 10.29 3.82
CBD BPB K . -5.70 16.28 9.76
OBD BPB K . -3.65 17.68 9.94
CED BPB K . -6.03 14.99 13.30
CGA BPB K . -11.05 17.00 8.25
CGD BPB K . -6.14 16.26 11.17
CHA BPB K . -5.79 14.94 9.08
CHB BPB K . -8.68 11.20 8.22
CHC BPB K . -4.88 9.27 5.67
CHD BPB K . -1.86 12.86 6.89
CMA BPB K . -9.13 12.61 10.99
CMB BPB K . -9.85 8.40 7.02
CMC BPB K . -1.90 8.33 5.59
CMD BPB K . -0.95 15.75 8.33
C2 MPG L . 8.76 24.28 4.96
C3 MPG L . 8.43 22.78 5.08
C4 MPG L . 9.26 21.77 4.25
C5 MPG L . 9.70 20.53 5.11
C6 MPG L . 10.32 19.38 4.31
C7 MPG L . 10.56 18.10 5.14
C8 MPG L . 10.69 16.79 4.32
C9 MPG L . 9.33 16.14 4.09
C10 MPG L . 8.85 15.89 2.86
C11 MPG L . 7.46 15.28 2.66
C12 MPG L . 6.48 16.26 2.01
C13 MPG L . 5.47 16.93 2.94
C14 MPG L . 4.47 17.71 2.09
O1 MPG L . 7.21 26.09 5.86
C1 MPG L . 8.25 25.12 6.16
CXD MPG L . 6.48 28.62 6.13
O2 MPG L . 6.35 29.75 7.01
C21 MPG L . 6.08 28.81 4.67
O3 MPG L . 6.59 30.10 4.30
O4 MPG L . 6.62 27.12 7.93
CX3 MPG L . 6.78 27.22 6.71
C2 MPG M . 13.61 4.27 13.32
C3 MPG M . 13.91 4.48 11.82
C4 MPG M . 13.69 3.24 10.93
C5 MPG M . 13.49 3.65 9.48
C6 MPG M . 14.22 2.84 8.41
C7 MPG M . 14.66 3.78 7.29
C8 MPG M . 14.62 3.23 5.87
C9 MPG M . 14.86 4.37 4.91
C10 MPG M . 14.31 4.40 3.68
C11 MPG M . 14.61 5.57 2.76
C12 MPG M . 13.61 5.68 1.61
C13 MPG M . 14.22 5.64 0.20
C14 MPG M . 14.45 7.01 -0.45
C15 MPG M . 14.18 6.99 -1.96
C16 MPG M . 12.69 7.10 -2.30
C17 MPG M . 12.26 8.48 -2.84
C18 MPG M . 10.79 8.55 -3.26
O1 MPG M . 13.72 5.66 15.48
C1 MPG M . 14.33 5.29 14.21
CXD MPG M . 15.68 7.23 15.92
O2 MPG M . 16.47 6.34 15.11
C21 MPG M . 16.49 8.35 16.60
O3 MPG M . 17.89 8.10 16.22
O4 MPG M . 13.65 7.46 17.06
CX3 MPG M . 14.28 6.81 16.24
FE FE2 N . 8.82 12.37 18.59
MG BCB O . 6.56 -8.33 1.80
CHA BCB O . 6.79 -5.84 -0.60
CHB BCB O . 9.93 -8.22 2.21
CHC BCB O . 6.20 -10.40 4.50
CHD BCB O . 3.05 -7.99 1.73
NA BCB O . 8.10 -7.31 0.94
C1A BCB O . 8.03 -6.34 0.03
C2A BCB O . 9.36 -5.68 -0.28
C3A BCB O . 10.26 -6.76 0.25
C4A BCB O . 9.39 -7.48 1.19
CMA BCB O . 10.82 -7.63 -0.89
CAA BCB O . 9.60 -4.32 0.43
CBA BCB O . 9.15 -4.37 1.87
CGA BCB O . 9.51 -3.11 2.63
O1A BCB O . 10.06 -2.16 2.11
O2A BCB O . 9.19 -3.14 4.00
NB BCB O . 7.85 -9.20 3.13
C1B BCB O . 9.18 -9.02 3.19
C2B BCB O . 9.87 -9.81 4.23
C3B BCB O . 8.77 -10.42 4.89
C4B BCB O . 7.56 -9.97 4.16
CMB BCB O . 11.38 -9.81 4.47
CAB BCB O . 8.85 -11.32 6.12
OBB BCB O . 9.96 -11.75 6.50
CBB BCB O . 7.67 -11.70 6.86
NC BCB O . 4.97 -9.05 2.88
C1C BCB O . 4.95 -9.91 3.92
C2C BCB O . 3.70 -10.61 4.37
C3C BCB O . 2.88 -9.57 3.73
C4C BCB O . 3.64 -8.80 2.75
CMC BCB O . 3.48 -12.00 3.75
CAC BCB O . 1.50 -9.31 4.04
CBC BCB O . 0.65 -10.12 4.97
ND BCB O . 5.21 -7.15 0.91
C1D BCB O . 3.87 -7.22 0.85
C2D BCB O . 3.30 -6.33 -0.10
C3D BCB O . 4.45 -5.71 -0.76
C4D BCB O . 5.51 -6.28 -0.12
CMD BCB O . 1.86 -6.01 -0.52
CAD BCB O . 5.08 -4.84 -1.73
OBD BCB O . 4.40 -4.15 -2.54
CBD BCB O . 6.55 -4.78 -1.66
CGD BCB O . 7.06 -5.23 -2.96
O1D BCB O . 7.67 -4.51 -3.71
O2D BCB O . 6.83 -6.60 -3.28
CED BCB O . 7.00 -7.05 -4.67
C1 BCB O . 9.48 -2.02 4.84
C2 BCB O . 10.96 -1.96 5.14
C3 BCB O . 11.47 -1.99 6.39
C4 BCB O . 10.55 -2.06 7.58
C5 BCB O . 12.97 -1.92 6.65
C6 BCB O . 13.71 -1.20 5.52
C7 BCB O . 15.24 -1.15 5.70
C8 BCB O . 15.88 -0.11 4.75
C9 BCB O . 15.77 -0.50 3.26
C10 BCB O . 17.35 0.14 5.17
C11 BCB O . 18.28 0.64 4.05
C12 BCB O . 19.73 0.85 4.55
C13 BCB O . 20.81 0.84 3.45
C14 BCB O . 20.87 -0.47 2.66
C15 BCB O . 22.17 1.12 4.10
C16 BCB O . 23.36 1.17 3.12
C17 BCB O . 24.72 0.87 3.80
C18 BCB O . 25.81 1.93 3.54
C19 BCB O . 26.97 1.89 4.55
MG BCB P . -4.21 -6.81 3.14
CHA BCB P . -2.84 -8.31 5.87
CHB BCB P . -3.24 -3.77 4.32
CHC BCB P . -5.81 -5.42 0.50
CHD BCB P . -4.34 -9.91 1.48
NA BCB P . -3.24 -6.10 4.82
C1A BCB P . -2.85 -6.86 5.85
C2A BCB P . -2.28 -6.03 7.02
C3A BCB P . -1.97 -4.73 6.27
C4A BCB P . -2.84 -4.87 5.02
CMA BCB P . -2.20 -3.50 7.18
CAA BCB P . -1.12 -6.54 7.88
CBA BCB P . 0.09 -6.98 7.08
CGA BCB P . 1.34 -6.17 7.35
O1A BCB P . 1.41 -5.10 7.93
O2A BCB P . 2.50 -6.78 6.83
NB BCB P . -4.48 -4.90 2.52
C1B BCB P . -3.99 -3.79 3.10
C2B BCB P . -4.42 -2.51 2.49
C3B BCB P . -5.16 -3.02 1.34
C4B BCB P . -5.16 -4.48 1.46
CMB BCB P . -4.06 -1.15 2.92
CAB BCB P . -5.85 -2.21 0.28
OBB BCB P . -6.52 -2.74 -0.58
CBB BCB P . -5.69 -0.71 0.27
NC BCB P . -4.92 -7.52 1.35
C1C BCB P . -5.58 -6.85 0.40
C2C BCB P . -6.40 -7.61 -0.61
C3C BCB P . -5.57 -8.79 -0.47
C4C BCB P . -4.87 -8.74 0.83
CMC BCB P . -7.77 -7.98 -0.04
CAC BCB P . -5.41 -9.85 -1.46
CBC BCB P . -6.15 -9.86 -2.77
ND BCB P . -3.63 -8.71 3.49
C1D BCB P . -3.84 -9.86 2.81
C2D BCB P . -3.41 -11.05 3.53
C3D BCB P . -2.97 -10.49 4.81
C4D BCB P . -3.19 -9.13 4.68
CMD BCB P . -3.40 -12.56 3.31
CAD BCB P . -2.48 -10.55 6.18
OBD BCB P . -2.12 -11.70 6.68
CBD BCB P . -2.45 -9.26 6.89
CGD BCB P . -3.66 -9.27 7.85
O1D BCB P . -4.11 -8.32 8.50
O2D BCB P . -4.52 -10.39 7.85
CED BCB P . -5.68 -10.37 8.72
C1 BCB P . 3.82 -6.20 6.85
C2 BCB P . 4.57 -6.51 8.12
C3 BCB P . 5.24 -7.67 8.30
C4 BCB P . 5.26 -8.74 7.24
C5 BCB P . 5.98 -7.86 9.56
C6 BCB P . 7.39 -8.39 9.33
C7 BCB P . 8.12 -8.41 10.67
C8 BCB P . 9.46 -9.17 10.71
C9 BCB P . 9.93 -9.18 12.17
C10 BCB P . 10.51 -8.60 9.78
C11 BCB P . 11.67 -9.58 9.59
C12 BCB P . 12.67 -9.05 8.60
C13 BCB P . 13.94 -9.89 8.52
C14 BCB P . 15.08 -9.03 8.03
C15 BCB P . 13.68 -11.03 7.57
C16 BCB P . 14.94 -11.91 7.32
C17 BCB P . 14.51 -13.12 6.52
C18 BCB P . 15.67 -14.05 6.15
C19 BCB P . 15.11 -15.19 5.31
C20 BCB P . 16.38 -14.58 7.39
C1 BPB Q . 17.38 -11.18 11.59
C2 BPB Q . 18.17 -11.69 10.41
C3 BPB Q . 19.46 -11.39 10.23
C4 BPB Q . 20.23 -10.55 11.19
C5 BPB Q . 20.15 -11.98 9.03
C6 BPB Q . 20.90 -10.95 8.20
C7 BPB Q . 21.53 -11.68 7.01
C8 BPB Q . 22.53 -10.82 6.24
C9 BPB Q . 21.81 -9.87 5.27
NA BPB Q . 12.40 -5.07 11.13
NB BPB Q . 10.06 -4.98 9.32
NC BPB Q . 8.15 -3.99 11.49
ND BPB Q . 10.40 -4.06 13.22
C10 BPB Q . 23.62 -11.72 5.61
C11 BPB Q . 23.72 -11.75 4.08
C12 BPB Q . 23.26 -13.08 3.47
C13 BPB Q . 24.36 -13.84 2.70
C14 BPB Q . 24.45 -13.36 1.26
C15 BPB Q . 24.08 -15.35 2.73
C16 BPB Q . 24.45 -16.05 1.42
C1A BPB Q . 13.22 -5.15 12.14
O1A BPB Q . 15.37 -9.78 12.72
C1B BPB Q . 11.01 -5.35 8.43
C1C BPB Q . 7.27 -4.20 10.49
C1D BPB Q . 9.54 -3.57 14.11
O1D BPB Q . 16.12 -3.95 14.70
C2A BPB Q . 14.56 -5.65 11.74
O2A BPB Q . 17.20 -9.78 11.35
C2B BPB Q . 10.44 -5.65 7.08
C2C BPB Q . 5.89 -3.86 10.91
C2D BPB Q . 10.17 -3.25 15.39
O2D BPB Q . 14.67 -2.35 13.97
C3A BPB Q . 14.52 -5.44 10.26
C3B BPB Q . 9.04 -5.42 7.28
C3C BPB Q . 6.17 -3.05 12.16
C3D BPB Q . 11.56 -3.71 15.24
C4A BPB Q . 13.04 -5.30 9.98
C4B BPB Q . 8.85 -4.99 8.67
C4C BPB Q . 7.55 -3.51 12.50
C4D BPB Q . 11.60 -4.15 13.91
CAA BPB Q . 14.65 -7.12 12.16
CAB BPB Q . 8.02 -5.60 6.20
CAC BPB Q . 5.17 -2.90 13.24
CAD BPB Q . 12.92 -3.94 15.73
CBA BPB Q . 16.00 -7.67 11.81
CBB BPB Q . 6.97 -4.66 6.36
OBB BPB Q . 8.09 -6.47 5.26
CBC BPB Q . 3.89 -2.26 12.79
CBD BPB Q . 13.80 -4.54 14.68
OBD BPB Q . 13.23 -3.58 16.93
CED BPB Q . 15.78 -1.52 13.65
CGA BPB Q . 16.10 -9.14 12.02
CGD BPB Q . 14.95 -3.64 14.45
CHA BPB Q . 12.88 -4.69 13.51
CHB BPB Q . 12.47 -5.47 8.76
CHC BPB Q . 7.56 -4.64 9.26
CHD BPB Q . 8.16 -3.25 13.80
CMA BPB Q . 15.23 -4.17 9.84
CMB BPB Q . 11.17 -6.11 5.83
CMC BPB Q . 5.24 -2.83 9.96
CMD BPB Q . 9.62 -2.64 16.67
C1 MQ7 R . 1.99 15.92 18.42
O1 MQ7 R . 3.04 15.65 17.75
C2 MQ7 R . 0.64 15.53 17.90
C2M MQ7 R . 0.57 14.85 16.55
C3 MQ7 R . -0.57 15.80 18.73
C4 MQ7 R . -0.47 16.50 20.04
O4 MQ7 R . -1.52 16.80 20.72
C5 MQ7 R . 0.87 16.90 20.53
C6 MQ7 R . 1.01 17.53 21.79
C7 MQ7 R . 2.26 17.90 22.24
C8 MQ7 R . 3.43 17.60 21.51
C9 MQ7 R . 3.34 16.96 20.28
C10 MQ7 R . 2.09 16.59 19.75
C11 MQ7 R . -1.94 15.39 18.24
C12 MQ7 R . -2.18 13.93 18.57
C13 MQ7 R . -3.21 13.40 19.28
C14 MQ7 R . -4.27 14.26 19.92
C15 MQ7 R . -3.31 11.92 19.47
C16 MQ7 R . -4.62 11.40 18.86
C17 MQ7 R . -4.79 11.73 17.40
C18 MQ7 R . -5.07 10.81 16.45
C19 MQ7 R . -5.22 9.34 16.73
C20 MQ7 R . -5.16 11.29 15.03
C21 MQ7 R . -6.55 11.22 14.42
C22 MQ7 R . -7.49 12.25 15.00
C23 MQ7 R . -8.85 12.16 15.02
C24 MQ7 R . -9.61 10.99 14.44
C25 MQ7 R . -9.67 13.30 15.62
C26 MQ7 R . -10.43 14.01 14.52
C27 MQ7 R . -11.24 15.19 15.03
C28 MQ7 R . -11.67 16.15 14.17
C29 MQ7 R . -11.41 16.07 12.70
C30 MQ7 R . -12.43 17.35 14.71
C31 MQ7 R . -13.90 17.39 14.29
C32 MQ7 R . -14.47 18.68 14.87
C33 MQ7 R . -15.06 19.64 14.11
C34 MQ7 R . -15.24 19.53 12.63
C35 MQ7 R . -15.53 20.89 14.82
C36 MQ7 R . -14.63 22.10 14.48
C37 MQ7 R . -15.21 23.38 15.09
C38 MQ7 R . -15.15 24.59 14.47
C39 MQ7 R . -14.52 24.79 13.14
C40 MQ7 R . -15.79 25.78 15.17
C41 MQ7 R . -17.31 25.54 15.17
C42 MQ7 R . -17.72 24.77 16.40
C43 MQ7 R . -18.77 23.92 16.50
C44 MQ7 R . -18.97 23.26 17.85
C45 MQ7 R . -19.69 23.59 15.35
C1 NS5 S . 9.11 -27.94 12.76
CM1 NS5 S . 8.40 -29.26 12.44
CM2 NS5 S . 10.34 -27.75 11.88
C2 NS5 S . 8.12 -26.76 12.67
C3 NS5 S . 8.67 -25.42 13.18
C4 NS5 S . 9.52 -24.65 12.15
C5 NS5 S . 8.98 -23.25 11.91
C6 NS5 S . 8.74 -22.35 13.10
C7 NS5 S . 8.71 -22.87 10.66
C8 NS5 S . 8.26 -21.52 10.35
C9 NS5 S . 8.26 -21.08 9.09
C10 NS5 S . 7.87 -19.68 8.82
C11 NS5 S . 7.46 -18.79 9.96
C12 NS5 S . 7.91 -19.23 7.57
C13 NS5 S . 7.58 -17.84 7.21
C14 NS5 S . 7.81 -17.45 5.95
C15 NS5 S . 7.60 -16.05 5.51
C16 NS5 S . 6.67 -15.28 6.41
C17 NS5 S . 8.23 -15.59 4.38
C18 NS5 S . 8.11 -14.22 3.95
C19 NS5 S . 8.71 -13.47 3.00
C20 NS5 S . 9.72 -13.77 2.07
C21 NS5 S . 10.30 -12.96 1.16
C22 NS5 S . 10.05 -11.55 0.81
C23 NS5 S . 11.41 -13.58 0.42
C24 NS5 S . 12.34 -12.80 -0.14
C25 NS5 S . 13.50 -13.46 -0.75
C26 NS5 S . 14.54 -12.75 -1.24
C27 NS5 S . 14.62 -11.25 -1.26
C28 NS5 S . 15.72 -13.49 -1.80
C29 NS5 S . 16.64 -13.92 -0.67
C30 NS5 S . 17.41 -12.79 0.00
C31 NS5 S . 18.29 -11.95 -0.60
C32 NS5 S . 18.61 -11.99 -2.07
C33 NS5 S . 19.00 -10.91 0.25
C34 NS5 S . 20.51 -11.10 0.08
C35 NS5 S . 21.31 -10.26 1.08
C36 NS5 S . 22.66 -9.86 0.47
CM3 NS5 S . 23.47 -8.95 1.41
CM4 NS5 S . 23.45 -11.10 0.02
C2 MPG T . 34.92 0.86 9.78
C3 MPG T . 33.51 0.26 9.84
C4 MPG T . 32.50 1.20 10.52
C5 MPG T . 31.07 0.85 10.11
C6 MPG T . 30.40 -0.12 11.08
C7 MPG T . 29.12 -0.72 10.50
C8 MPG T . 27.97 0.26 10.51
C9 MPG T . 26.90 -0.17 9.53
C10 MPG T . 25.99 0.70 9.12
C11 MPG T . 24.89 0.31 8.16
C12 MPG T . 23.60 1.07 8.45
C13 MPG T . 22.40 0.12 8.45
C14 MPG T . 21.05 0.84 8.55
C15 MPG T . 19.90 -0.19 8.51
C16 MPG T . 18.68 0.28 9.32
C17 MPG T . 17.53 -0.73 9.33
C18 MPG T . 16.25 -0.07 9.78
#